data_9JWD
# 
_entry.id   9JWD 
# 
_audit_conform.dict_name       mmcif_pdbx.dic 
_audit_conform.dict_version    5.399 
_audit_conform.dict_location   http://mmcif.pdb.org/dictionaries/ascii/mmcif_pdbx.dic 
# 
loop_
_database_2.database_id 
_database_2.database_code 
_database_2.pdbx_database_accession 
_database_2.pdbx_DOI 
PDB   9JWD         pdb_00009jwd 10.2210/pdb9jwd/pdb 
WWPDB D_1300051951 ?            ?                   
# 
_pdbx_audit_revision_history.ordinal             1 
_pdbx_audit_revision_history.data_content_type   'Structure model' 
_pdbx_audit_revision_history.major_revision      1 
_pdbx_audit_revision_history.minor_revision      0 
_pdbx_audit_revision_history.revision_date       2024-12-04 
# 
_pdbx_audit_revision_details.ordinal             1 
_pdbx_audit_revision_details.revision_ordinal    1 
_pdbx_audit_revision_details.data_content_type   'Structure model' 
_pdbx_audit_revision_details.provider            repository 
_pdbx_audit_revision_details.type                'Initial release' 
_pdbx_audit_revision_details.description         ? 
_pdbx_audit_revision_details.details             ? 
# 
_pdbx_database_status.status_code                     REL 
_pdbx_database_status.status_code_sf                  REL 
_pdbx_database_status.status_code_mr                  ? 
_pdbx_database_status.entry_id                        9JWD 
_pdbx_database_status.recvd_initial_deposition_date   2024-10-10 
_pdbx_database_status.SG_entry                        N 
_pdbx_database_status.deposit_site                    PDBJ 
_pdbx_database_status.process_site                    PDBJ 
_pdbx_database_status.status_code_cs                  ? 
_pdbx_database_status.status_code_nmr_data            ? 
_pdbx_database_status.methods_development_category    ? 
_pdbx_database_status.pdb_format_compatible           Y 
# 
_pdbx_contact_author.id                 2 
_pdbx_contact_author.email              shoaib.hej@gmail.com 
_pdbx_contact_author.name_first         'Malik Shoaib' 
_pdbx_contact_author.name_last          Ahmad 
_pdbx_contact_author.name_mi            ? 
_pdbx_contact_author.role               'principal investigator/group leader' 
_pdbx_contact_author.identifier_ORCID   0000-0003-1739-8302 
# 
loop_
_audit_author.name 
_audit_author.pdbx_ordinal 
_audit_author.identifier_ORCID 
'Ahmad, M.S.' 1 0000-0003-1739-8302 
'Shah, N.'    2 0009-0007-4152-7422 
# 
_citation.abstract                  ? 
_citation.abstract_id_CAS           ? 
_citation.book_id_ISBN              ? 
_citation.book_publisher            ? 
_citation.book_publisher_city       ? 
_citation.book_title                ? 
_citation.coordinate_linkage        ? 
_citation.country                   US 
_citation.database_id_Medline       ? 
_citation.details                   ? 
_citation.id                        primary 
_citation.journal_abbrev            Biochem.Biophys.Res.Commun. 
_citation.journal_id_ASTM           BBRCA9 
_citation.journal_id_CSD            0146 
_citation.journal_id_ISSN           1090-2104 
_citation.journal_full              ? 
_citation.journal_issue             ? 
_citation.journal_volume            736 
_citation.language                  ? 
_citation.page_first                150868 
_citation.page_last                 150868 
_citation.title                     
;Cyanide mediated conformational changes resulted in the displacement of sulfate ion from the active site of bovine pancreatic ribonuclease A.
;
_citation.year                      2024 
_citation.database_id_CSD           ? 
_citation.pdbx_database_id_DOI      10.1016/j.bbrc.2024.150868 
_citation.pdbx_database_id_PubMed   39490154 
_citation.pdbx_database_id_patent   ? 
_citation.unpublished_flag          ? 
# 
loop_
_citation_author.citation_id 
_citation_author.name 
_citation_author.ordinal 
_citation_author.identifier_ORCID 
primary 'Shah, N.'    1 ? 
primary 'Akbar, Z.'   2 ? 
primary 'Ahmad, M.S.' 3 ? 
# 
loop_
_entity.id 
_entity.type 
_entity.src_method 
_entity.pdbx_description 
_entity.formula_weight 
_entity.pdbx_number_of_molecules 
_entity.pdbx_ec 
_entity.pdbx_mutation 
_entity.pdbx_fragment 
_entity.details 
1 polymer     nat 'Ribonuclease pancreatic' 13708.326 1   3.1.27.5 ? ? ? 
2 non-polymer syn 'CYANIDE ION'             26.017    1   ?        ? ? ? 
3 non-polymer syn GLYCEROL                  92.094    1   ?        ? ? ? 
4 non-polymer syn 'CHLORIDE ION'            35.453    3   ?        ? ? ? 
5 non-polymer syn 'SULFATE ION'             96.063    1   ?        ? ? ? 
6 water       nat water                     18.015    102 ?        ? ? ? 
# 
_entity_name_com.entity_id   1 
_entity_name_com.name        'RNase 1,RNase A' 
# 
_entity_poly.entity_id                      1 
_entity_poly.type                           'polypeptide(L)' 
_entity_poly.nstd_linkage                   no 
_entity_poly.nstd_monomer                   no 
_entity_poly.pdbx_seq_one_letter_code       
;KETAAAKFERQHMDSSTSAASSSNYCNQMMKSRNLTKDRCKPVNTFVHESLADVQAVCSQKNVACKNGQTNCYQSYSTMS
ITDCRETGSSKYPNCAYKTTQANKHIIVACEGNPYVPVHFDASV
;
_entity_poly.pdbx_seq_one_letter_code_can   
;KETAAAKFERQHMDSSTSAASSSNYCNQMMKSRNLTKDRCKPVNTFVHESLADVQAVCSQKNVACKNGQTNCYQSYSTMS
ITDCRETGSSKYPNCAYKTTQANKHIIVACEGNPYVPVHFDASV
;
_entity_poly.pdbx_strand_id                 A 
_entity_poly.pdbx_target_identifier         ? 
# 
loop_
_pdbx_entity_nonpoly.entity_id 
_pdbx_entity_nonpoly.name 
_pdbx_entity_nonpoly.comp_id 
2 'CYANIDE ION'  CYN 
3 GLYCEROL       GOL 
4 'CHLORIDE ION' CL  
5 'SULFATE ION'  SO4 
6 water          HOH 
# 
loop_
_entity_poly_seq.entity_id 
_entity_poly_seq.num 
_entity_poly_seq.mon_id 
_entity_poly_seq.hetero 
1 1   LYS n 
1 2   GLU n 
1 3   THR n 
1 4   ALA n 
1 5   ALA n 
1 6   ALA n 
1 7   LYS n 
1 8   PHE n 
1 9   GLU n 
1 10  ARG n 
1 11  GLN n 
1 12  HIS n 
1 13  MET n 
1 14  ASP n 
1 15  SER n 
1 16  SER n 
1 17  THR n 
1 18  SER n 
1 19  ALA n 
1 20  ALA n 
1 21  SER n 
1 22  SER n 
1 23  SER n 
1 24  ASN n 
1 25  TYR n 
1 26  CYS n 
1 27  ASN n 
1 28  GLN n 
1 29  MET n 
1 30  MET n 
1 31  LYS n 
1 32  SER n 
1 33  ARG n 
1 34  ASN n 
1 35  LEU n 
1 36  THR n 
1 37  LYS n 
1 38  ASP n 
1 39  ARG n 
1 40  CYS n 
1 41  LYS n 
1 42  PRO n 
1 43  VAL n 
1 44  ASN n 
1 45  THR n 
1 46  PHE n 
1 47  VAL n 
1 48  HIS n 
1 49  GLU n 
1 50  SER n 
1 51  LEU n 
1 52  ALA n 
1 53  ASP n 
1 54  VAL n 
1 55  GLN n 
1 56  ALA n 
1 57  VAL n 
1 58  CYS n 
1 59  SER n 
1 60  GLN n 
1 61  LYS n 
1 62  ASN n 
1 63  VAL n 
1 64  ALA n 
1 65  CYS n 
1 66  LYS n 
1 67  ASN n 
1 68  GLY n 
1 69  GLN n 
1 70  THR n 
1 71  ASN n 
1 72  CYS n 
1 73  TYR n 
1 74  GLN n 
1 75  SER n 
1 76  TYR n 
1 77  SER n 
1 78  THR n 
1 79  MET n 
1 80  SER n 
1 81  ILE n 
1 82  THR n 
1 83  ASP n 
1 84  CYS n 
1 85  ARG n 
1 86  GLU n 
1 87  THR n 
1 88  GLY n 
1 89  SER n 
1 90  SER n 
1 91  LYS n 
1 92  TYR n 
1 93  PRO n 
1 94  ASN n 
1 95  CYS n 
1 96  ALA n 
1 97  TYR n 
1 98  LYS n 
1 99  THR n 
1 100 THR n 
1 101 GLN n 
1 102 ALA n 
1 103 ASN n 
1 104 LYS n 
1 105 HIS n 
1 106 ILE n 
1 107 ILE n 
1 108 VAL n 
1 109 ALA n 
1 110 CYS n 
1 111 GLU n 
1 112 GLY n 
1 113 ASN n 
1 114 PRO n 
1 115 TYR n 
1 116 VAL n 
1 117 PRO n 
1 118 VAL n 
1 119 HIS n 
1 120 PHE n 
1 121 ASP n 
1 122 ALA n 
1 123 SER n 
1 124 VAL n 
# 
_entity_src_nat.entity_id                  1 
_entity_src_nat.pdbx_src_id                1 
_entity_src_nat.pdbx_alt_source_flag       sample 
_entity_src_nat.pdbx_beg_seq_num           1 
_entity_src_nat.pdbx_end_seq_num           124 
_entity_src_nat.common_name                'domestic cattle' 
_entity_src_nat.pdbx_organism_scientific   'Bos taurus' 
_entity_src_nat.pdbx_ncbi_taxonomy_id      9913 
_entity_src_nat.genus                      ? 
_entity_src_nat.species                    ? 
_entity_src_nat.strain                     ? 
_entity_src_nat.tissue                     ? 
_entity_src_nat.tissue_fraction            ? 
_entity_src_nat.pdbx_secretion             ? 
_entity_src_nat.pdbx_fragment              ? 
_entity_src_nat.pdbx_variant               ? 
_entity_src_nat.pdbx_cell_line             ? 
_entity_src_nat.pdbx_atcc                  ? 
_entity_src_nat.pdbx_cellular_location     ? 
_entity_src_nat.pdbx_organ                 ? 
_entity_src_nat.pdbx_organelle             ? 
_entity_src_nat.pdbx_cell                  ? 
_entity_src_nat.pdbx_plasmid_name          ? 
_entity_src_nat.pdbx_plasmid_details       ? 
_entity_src_nat.details                    ? 
# 
loop_
_chem_comp.id 
_chem_comp.type 
_chem_comp.mon_nstd_flag 
_chem_comp.name 
_chem_comp.pdbx_synonyms 
_chem_comp.formula 
_chem_comp.formula_weight 
ALA 'L-peptide linking' y ALANINE         ?                               'C3 H7 N O2'     89.093  
ARG 'L-peptide linking' y ARGININE        ?                               'C6 H15 N4 O2 1' 175.209 
ASN 'L-peptide linking' y ASPARAGINE      ?                               'C4 H8 N2 O3'    132.118 
ASP 'L-peptide linking' y 'ASPARTIC ACID' ?                               'C4 H7 N O4'     133.103 
CL  non-polymer         . 'CHLORIDE ION'  ?                               'Cl -1'          35.453  
CYN non-polymer         . 'CYANIDE ION'   ?                               'C N -1'         26.017  
CYS 'L-peptide linking' y CYSTEINE        ?                               'C3 H7 N O2 S'   121.158 
GLN 'L-peptide linking' y GLUTAMINE       ?                               'C5 H10 N2 O3'   146.144 
GLU 'L-peptide linking' y 'GLUTAMIC ACID' ?                               'C5 H9 N O4'     147.129 
GLY 'peptide linking'   y GLYCINE         ?                               'C2 H5 N O2'     75.067  
GOL non-polymer         . GLYCEROL        'GLYCERIN; PROPANE-1,2,3-TRIOL' 'C3 H8 O3'       92.094  
HIS 'L-peptide linking' y HISTIDINE       ?                               'C6 H10 N3 O2 1' 156.162 
HOH non-polymer         . WATER           ?                               'H2 O'           18.015  
ILE 'L-peptide linking' y ISOLEUCINE      ?                               'C6 H13 N O2'    131.173 
LEU 'L-peptide linking' y LEUCINE         ?                               'C6 H13 N O2'    131.173 
LYS 'L-peptide linking' y LYSINE          ?                               'C6 H15 N2 O2 1' 147.195 
MET 'L-peptide linking' y METHIONINE      ?                               'C5 H11 N O2 S'  149.211 
PHE 'L-peptide linking' y PHENYLALANINE   ?                               'C9 H11 N O2'    165.189 
PRO 'L-peptide linking' y PROLINE         ?                               'C5 H9 N O2'     115.130 
SER 'L-peptide linking' y SERINE          ?                               'C3 H7 N O3'     105.093 
SO4 non-polymer         . 'SULFATE ION'   ?                               'O4 S -2'        96.063  
THR 'L-peptide linking' y THREONINE       ?                               'C4 H9 N O3'     119.119 
TYR 'L-peptide linking' y TYROSINE        ?                               'C9 H11 N O3'    181.189 
VAL 'L-peptide linking' y VALINE          ?                               'C5 H11 N O2'    117.146 
# 
loop_
_pdbx_poly_seq_scheme.asym_id 
_pdbx_poly_seq_scheme.entity_id 
_pdbx_poly_seq_scheme.seq_id 
_pdbx_poly_seq_scheme.mon_id 
_pdbx_poly_seq_scheme.ndb_seq_num 
_pdbx_poly_seq_scheme.pdb_seq_num 
_pdbx_poly_seq_scheme.auth_seq_num 
_pdbx_poly_seq_scheme.pdb_mon_id 
_pdbx_poly_seq_scheme.auth_mon_id 
_pdbx_poly_seq_scheme.pdb_strand_id 
_pdbx_poly_seq_scheme.pdb_ins_code 
_pdbx_poly_seq_scheme.hetero 
A 1 1   LYS 1   1   1   LYS LYS A . n 
A 1 2   GLU 2   2   2   GLU GLU A . n 
A 1 3   THR 3   3   3   THR THR A . n 
A 1 4   ALA 4   4   4   ALA ALA A . n 
A 1 5   ALA 5   5   5   ALA ALA A . n 
A 1 6   ALA 6   6   6   ALA ALA A . n 
A 1 7   LYS 7   7   7   LYS LYS A . n 
A 1 8   PHE 8   8   8   PHE PHE A . n 
A 1 9   GLU 9   9   9   GLU GLU A . n 
A 1 10  ARG 10  10  10  ARG ARG A . n 
A 1 11  GLN 11  11  11  GLN GLN A . n 
A 1 12  HIS 12  12  12  HIS HIS A . n 
A 1 13  MET 13  13  13  MET MET A . n 
A 1 14  ASP 14  14  14  ASP ASP A . n 
A 1 15  SER 15  15  15  SER SER A . n 
A 1 16  SER 16  16  16  SER SER A . n 
A 1 17  THR 17  17  17  THR THR A . n 
A 1 18  SER 18  18  18  SER SER A . n 
A 1 19  ALA 19  19  19  ALA ALA A . n 
A 1 20  ALA 20  20  20  ALA ALA A . n 
A 1 21  SER 21  21  21  SER SER A . n 
A 1 22  SER 22  22  22  SER SER A . n 
A 1 23  SER 23  23  23  SER SER A . n 
A 1 24  ASN 24  24  24  ASN ASN A . n 
A 1 25  TYR 25  25  25  TYR TYR A . n 
A 1 26  CYS 26  26  26  CYS CYS A . n 
A 1 27  ASN 27  27  27  ASN ASN A . n 
A 1 28  GLN 28  28  28  GLN GLN A . n 
A 1 29  MET 29  29  29  MET MET A . n 
A 1 30  MET 30  30  30  MET MET A . n 
A 1 31  LYS 31  31  31  LYS LYS A . n 
A 1 32  SER 32  32  32  SER SER A . n 
A 1 33  ARG 33  33  33  ARG ARG A . n 
A 1 34  ASN 34  34  34  ASN ASN A . n 
A 1 35  LEU 35  35  35  LEU LEU A . n 
A 1 36  THR 36  36  36  THR THR A . n 
A 1 37  LYS 37  37  37  LYS LYS A . n 
A 1 38  ASP 38  38  38  ASP ASP A . n 
A 1 39  ARG 39  39  39  ARG ARG A . n 
A 1 40  CYS 40  40  40  CYS CYS A . n 
A 1 41  LYS 41  41  41  LYS LYS A . n 
A 1 42  PRO 42  42  42  PRO PRO A . n 
A 1 43  VAL 43  43  43  VAL VAL A . n 
A 1 44  ASN 44  44  44  ASN ASN A . n 
A 1 45  THR 45  45  45  THR THR A . n 
A 1 46  PHE 46  46  46  PHE PHE A . n 
A 1 47  VAL 47  47  47  VAL VAL A . n 
A 1 48  HIS 48  48  48  HIS HIS A . n 
A 1 49  GLU 49  49  49  GLU GLU A . n 
A 1 50  SER 50  50  50  SER SER A . n 
A 1 51  LEU 51  51  51  LEU LEU A . n 
A 1 52  ALA 52  52  52  ALA ALA A . n 
A 1 53  ASP 53  53  53  ASP ASP A . n 
A 1 54  VAL 54  54  54  VAL VAL A . n 
A 1 55  GLN 55  55  55  GLN GLN A . n 
A 1 56  ALA 56  56  56  ALA ALA A . n 
A 1 57  VAL 57  57  57  VAL VAL A . n 
A 1 58  CYS 58  58  58  CYS CYS A . n 
A 1 59  SER 59  59  59  SER SER A . n 
A 1 60  GLN 60  60  60  GLN GLN A . n 
A 1 61  LYS 61  61  61  LYS LYS A . n 
A 1 62  ASN 62  62  62  ASN ASN A . n 
A 1 63  VAL 63  63  63  VAL VAL A . n 
A 1 64  ALA 64  64  64  ALA ALA A . n 
A 1 65  CYS 65  65  65  CYS CYS A . n 
A 1 66  LYS 66  66  66  LYS LYS A . n 
A 1 67  ASN 67  67  67  ASN ASN A . n 
A 1 68  GLY 68  68  68  GLY GLY A . n 
A 1 69  GLN 69  69  69  GLN GLN A . n 
A 1 70  THR 70  70  70  THR THR A . n 
A 1 71  ASN 71  71  71  ASN ASN A . n 
A 1 72  CYS 72  72  72  CYS CYS A . n 
A 1 73  TYR 73  73  73  TYR TYR A . n 
A 1 74  GLN 74  74  74  GLN GLN A . n 
A 1 75  SER 75  75  75  SER SER A . n 
A 1 76  TYR 76  76  76  TYR TYR A . n 
A 1 77  SER 77  77  77  SER SER A . n 
A 1 78  THR 78  78  78  THR THR A . n 
A 1 79  MET 79  79  79  MET MET A . n 
A 1 80  SER 80  80  80  SER SER A . n 
A 1 81  ILE 81  81  81  ILE ILE A . n 
A 1 82  THR 82  82  82  THR THR A . n 
A 1 83  ASP 83  83  83  ASP ASP A . n 
A 1 84  CYS 84  84  84  CYS CYS A . n 
A 1 85  ARG 85  85  85  ARG ARG A . n 
A 1 86  GLU 86  86  86  GLU GLU A . n 
A 1 87  THR 87  87  87  THR THR A . n 
A 1 88  GLY 88  88  88  GLY GLY A . n 
A 1 89  SER 89  89  89  SER SER A . n 
A 1 90  SER 90  90  90  SER SER A . n 
A 1 91  LYS 91  91  91  LYS LYS A . n 
A 1 92  TYR 92  92  92  TYR TYR A . n 
A 1 93  PRO 93  93  93  PRO PRO A . n 
A 1 94  ASN 94  94  94  ASN ASN A . n 
A 1 95  CYS 95  95  95  CYS CYS A . n 
A 1 96  ALA 96  96  96  ALA ALA A . n 
A 1 97  TYR 97  97  97  TYR TYR A . n 
A 1 98  LYS 98  98  98  LYS LYS A . n 
A 1 99  THR 99  99  99  THR THR A . n 
A 1 100 THR 100 100 100 THR THR A . n 
A 1 101 GLN 101 101 101 GLN GLN A . n 
A 1 102 ALA 102 102 102 ALA ALA A . n 
A 1 103 ASN 103 103 103 ASN ASN A . n 
A 1 104 LYS 104 104 104 LYS LYS A . n 
A 1 105 HIS 105 105 105 HIS HIS A . n 
A 1 106 ILE 106 106 106 ILE ILE A . n 
A 1 107 ILE 107 107 107 ILE ILE A . n 
A 1 108 VAL 108 108 108 VAL VAL A . n 
A 1 109 ALA 109 109 109 ALA ALA A . n 
A 1 110 CYS 110 110 110 CYS CYS A . n 
A 1 111 GLU 111 111 111 GLU GLU A . n 
A 1 112 GLY 112 112 112 GLY GLY A . n 
A 1 113 ASN 113 113 113 ASN ASN A . n 
A 1 114 PRO 114 114 114 PRO PRO A . n 
A 1 115 TYR 115 115 115 TYR TYR A . n 
A 1 116 VAL 116 116 116 VAL VAL A . n 
A 1 117 PRO 117 117 117 PRO PRO A . n 
A 1 118 VAL 118 118 118 VAL VAL A . n 
A 1 119 HIS 119 119 119 HIS HIS A . n 
A 1 120 PHE 120 120 120 PHE PHE A . n 
A 1 121 ASP 121 121 121 ASP ASP A . n 
A 1 122 ALA 122 122 122 ALA ALA A . n 
A 1 123 SER 123 123 123 SER SER A . n 
A 1 124 VAL 124 124 124 VAL VAL A . n 
# 
loop_
_pdbx_entity_instance_feature.ordinal 
_pdbx_entity_instance_feature.comp_id 
_pdbx_entity_instance_feature.asym_id 
_pdbx_entity_instance_feature.seq_num 
_pdbx_entity_instance_feature.auth_comp_id 
_pdbx_entity_instance_feature.auth_asym_id 
_pdbx_entity_instance_feature.auth_seq_num 
_pdbx_entity_instance_feature.feature_type 
_pdbx_entity_instance_feature.details 
1 CYN ? ? CYN ? ? 'SUBJECT OF INVESTIGATION' ? 
2 SO4 ? ? SO4 ? ? 'SUBJECT OF INVESTIGATION' ? 
# 
loop_
_pdbx_nonpoly_scheme.asym_id 
_pdbx_nonpoly_scheme.entity_id 
_pdbx_nonpoly_scheme.mon_id 
_pdbx_nonpoly_scheme.ndb_seq_num 
_pdbx_nonpoly_scheme.pdb_seq_num 
_pdbx_nonpoly_scheme.auth_seq_num 
_pdbx_nonpoly_scheme.pdb_mon_id 
_pdbx_nonpoly_scheme.auth_mon_id 
_pdbx_nonpoly_scheme.pdb_strand_id 
_pdbx_nonpoly_scheme.pdb_ins_code 
B 2 CYN 1   201 202 CYN CYN A . 
C 3 GOL 1   202 203 GOL GOL A . 
D 4 CL  1   203 2   CL  CL  A . 
E 4 CL  1   204 3   CL  CL  A . 
F 4 CL  1   205 4   CL  CL  A . 
G 5 SO4 1   206 1   SO4 SO4 A . 
H 6 HOH 1   301 54  HOH HOH A . 
H 6 HOH 2   302 90  HOH HOH A . 
H 6 HOH 3   303 44  HOH HOH A . 
H 6 HOH 4   304 37  HOH HOH A . 
H 6 HOH 5   305 82  HOH HOH A . 
H 6 HOH 6   306 75  HOH HOH A . 
H 6 HOH 7   307 61  HOH HOH A . 
H 6 HOH 8   308 71  HOH HOH A . 
H 6 HOH 9   309 27  HOH HOH A . 
H 6 HOH 10  310 97  HOH HOH A . 
H 6 HOH 11  311 85  HOH HOH A . 
H 6 HOH 12  312 104 HOH HOH A . 
H 6 HOH 13  313 17  HOH HOH A . 
H 6 HOH 14  314 102 HOH HOH A . 
H 6 HOH 15  315 13  HOH HOH A . 
H 6 HOH 16  316 74  HOH HOH A . 
H 6 HOH 17  317 81  HOH HOH A . 
H 6 HOH 18  318 28  HOH HOH A . 
H 6 HOH 19  319 93  HOH HOH A . 
H 6 HOH 20  320 72  HOH HOH A . 
H 6 HOH 21  321 58  HOH HOH A . 
H 6 HOH 22  322 109 HOH HOH A . 
H 6 HOH 23  323 26  HOH HOH A . 
H 6 HOH 24  324 25  HOH HOH A . 
H 6 HOH 25  325 21  HOH HOH A . 
H 6 HOH 26  326 57  HOH HOH A . 
H 6 HOH 27  327 76  HOH HOH A . 
H 6 HOH 28  328 62  HOH HOH A . 
H 6 HOH 29  329 42  HOH HOH A . 
H 6 HOH 30  330 31  HOH HOH A . 
H 6 HOH 31  331 18  HOH HOH A . 
H 6 HOH 32  332 29  HOH HOH A . 
H 6 HOH 33  333 66  HOH HOH A . 
H 6 HOH 34  334 70  HOH HOH A . 
H 6 HOH 35  335 91  HOH HOH A . 
H 6 HOH 36  336 63  HOH HOH A . 
H 6 HOH 37  337 67  HOH HOH A . 
H 6 HOH 38  338 55  HOH HOH A . 
H 6 HOH 39  339 100 HOH HOH A . 
H 6 HOH 40  340 108 HOH HOH A . 
H 6 HOH 41  341 33  HOH HOH A . 
H 6 HOH 42  342 23  HOH HOH A . 
H 6 HOH 43  343 11  HOH HOH A . 
H 6 HOH 44  344 24  HOH HOH A . 
H 6 HOH 45  345 98  HOH HOH A . 
H 6 HOH 46  346 45  HOH HOH A . 
H 6 HOH 47  347 8   HOH HOH A . 
H 6 HOH 48  348 39  HOH HOH A . 
H 6 HOH 49  349 107 HOH HOH A . 
H 6 HOH 50  350 16  HOH HOH A . 
H 6 HOH 51  351 36  HOH HOH A . 
H 6 HOH 52  352 7   HOH HOH A . 
H 6 HOH 53  353 50  HOH HOH A . 
H 6 HOH 54  354 78  HOH HOH A . 
H 6 HOH 55  355 19  HOH HOH A . 
H 6 HOH 56  356 99  HOH HOH A . 
H 6 HOH 57  357 3   HOH HOH A . 
H 6 HOH 58  358 60  HOH HOH A . 
H 6 HOH 59  359 65  HOH HOH A . 
H 6 HOH 60  360 14  HOH HOH A . 
H 6 HOH 61  361 35  HOH HOH A . 
H 6 HOH 62  362 10  HOH HOH A . 
H 6 HOH 63  363 4   HOH HOH A . 
H 6 HOH 64  364 51  HOH HOH A . 
H 6 HOH 65  365 5   HOH HOH A . 
H 6 HOH 66  366 9   HOH HOH A . 
H 6 HOH 67  367 88  HOH HOH A . 
H 6 HOH 68  368 20  HOH HOH A . 
H 6 HOH 69  369 34  HOH HOH A . 
H 6 HOH 70  370 56  HOH HOH A . 
H 6 HOH 71  371 15  HOH HOH A . 
H 6 HOH 72  372 43  HOH HOH A . 
H 6 HOH 73  373 53  HOH HOH A . 
H 6 HOH 74  374 113 HOH HOH A . 
H 6 HOH 75  375 115 HOH HOH A . 
H 6 HOH 76  376 6   HOH HOH A . 
H 6 HOH 77  377 112 HOH HOH A . 
H 6 HOH 78  378 111 HOH HOH A . 
H 6 HOH 79  379 73  HOH HOH A . 
H 6 HOH 80  380 46  HOH HOH A . 
H 6 HOH 81  381 83  HOH HOH A . 
H 6 HOH 82  382 52  HOH HOH A . 
H 6 HOH 83  383 22  HOH HOH A . 
H 6 HOH 84  384 41  HOH HOH A . 
H 6 HOH 85  385 47  HOH HOH A . 
H 6 HOH 86  386 95  HOH HOH A . 
H 6 HOH 87  387 32  HOH HOH A . 
H 6 HOH 88  388 86  HOH HOH A . 
H 6 HOH 89  389 49  HOH HOH A . 
H 6 HOH 90  390 114 HOH HOH A . 
H 6 HOH 91  391 89  HOH HOH A . 
H 6 HOH 92  392 30  HOH HOH A . 
H 6 HOH 93  393 116 HOH HOH A . 
H 6 HOH 94  394 105 HOH HOH A . 
H 6 HOH 95  395 106 HOH HOH A . 
H 6 HOH 96  396 103 HOH HOH A . 
H 6 HOH 97  397 87  HOH HOH A . 
H 6 HOH 98  398 64  HOH HOH A . 
H 6 HOH 99  399 94  HOH HOH A . 
H 6 HOH 100 400 80  HOH HOH A . 
H 6 HOH 101 401 110 HOH HOH A . 
H 6 HOH 102 402 79  HOH HOH A . 
# 
loop_
_software.citation_id 
_software.classification 
_software.compiler_name 
_software.compiler_version 
_software.contact_author 
_software.contact_author_email 
_software.date 
_software.description 
_software.dependencies 
_software.hardware 
_software.language 
_software.location 
_software.mods 
_software.name 
_software.os 
_software.os_version 
_software.type 
_software.version 
_software.pdbx_ordinal 
? refinement       ? ? ? ? ? ? ? ? ? ? ? REFMAC         ? ? ? 5.8.0267 1 
? 'data reduction' ? ? ? ? ? ? ? ? ? ? ? 'PROTEUM PLUS' ? ? ? .        2 
? 'data scaling'   ? ? ? ? ? ? ? ? ? ? ? Aimless        ? ? ? .        3 
? phasing          ? ? ? ? ? ? ? ? ? ? ? MOLREP         ? ? ? .        4 
# 
_cell.angle_alpha                  90.00 
_cell.angle_alpha_esd              ? 
_cell.angle_beta                   90.00 
_cell.angle_beta_esd               ? 
_cell.angle_gamma                  120.00 
_cell.angle_gamma_esd              ? 
_cell.entry_id                     9JWD 
_cell.details                      ? 
_cell.formula_units_Z              ? 
_cell.length_a                     64.329 
_cell.length_a_esd                 ? 
_cell.length_b                     64.329 
_cell.length_b_esd                 ? 
_cell.length_c                     64.102 
_cell.length_c_esd                 ? 
_cell.volume                       ? 
_cell.volume_esd                   ? 
_cell.Z_PDB                        6 
_cell.reciprocal_angle_alpha       ? 
_cell.reciprocal_angle_beta        ? 
_cell.reciprocal_angle_gamma       ? 
_cell.reciprocal_angle_alpha_esd   ? 
_cell.reciprocal_angle_beta_esd    ? 
_cell.reciprocal_angle_gamma_esd   ? 
_cell.reciprocal_length_a          ? 
_cell.reciprocal_length_b          ? 
_cell.reciprocal_length_c          ? 
_cell.reciprocal_length_a_esd      ? 
_cell.reciprocal_length_b_esd      ? 
_cell.reciprocal_length_c_esd      ? 
_cell.pdbx_unique_axis             ? 
_cell.pdbx_esd_method              ? 
# 
_symmetry.entry_id                         9JWD 
_symmetry.cell_setting                     ? 
_symmetry.Int_Tables_number                154 
_symmetry.space_group_name_Hall            ? 
_symmetry.space_group_name_H-M             'P 32 2 1' 
_symmetry.pdbx_full_space_group_name_H-M   ? 
# 
_exptl.absorpt_coefficient_mu     ? 
_exptl.absorpt_correction_T_max   ? 
_exptl.absorpt_correction_T_min   ? 
_exptl.absorpt_correction_type    ? 
_exptl.absorpt_process_details    ? 
_exptl.entry_id                   9JWD 
_exptl.crystals_number            1 
_exptl.details                    ? 
_exptl.method                     'X-RAY DIFFRACTION' 
_exptl.method_details             ? 
# 
_exptl_crystal.colour                       ? 
_exptl_crystal.density_diffrn               ? 
_exptl_crystal.density_Matthews             2.79 
_exptl_crystal.density_method               ? 
_exptl_crystal.density_percent_sol          55.96 
_exptl_crystal.description                  ? 
_exptl_crystal.F_000                        ? 
_exptl_crystal.id                           1 
_exptl_crystal.preparation                  ? 
_exptl_crystal.size_max                     ? 
_exptl_crystal.size_mid                     ? 
_exptl_crystal.size_min                     ? 
_exptl_crystal.size_rad                     ? 
_exptl_crystal.colour_lustre                ? 
_exptl_crystal.colour_modifier              ? 
_exptl_crystal.colour_primary               ? 
_exptl_crystal.density_meas                 ? 
_exptl_crystal.density_meas_esd             ? 
_exptl_crystal.density_meas_gt              ? 
_exptl_crystal.density_meas_lt              ? 
_exptl_crystal.density_meas_temp            ? 
_exptl_crystal.density_meas_temp_esd        ? 
_exptl_crystal.density_meas_temp_gt         ? 
_exptl_crystal.density_meas_temp_lt         ? 
_exptl_crystal.pdbx_crystal_image_url       ? 
_exptl_crystal.pdbx_crystal_image_format    ? 
_exptl_crystal.pdbx_mosaicity               ? 
_exptl_crystal.pdbx_mosaicity_esd           ? 
_exptl_crystal.pdbx_mosaic_method           ? 
_exptl_crystal.pdbx_mosaic_block_size       ? 
_exptl_crystal.pdbx_mosaic_block_size_esd   ? 
# 
_exptl_crystal_grow.apparatus       ? 
_exptl_crystal_grow.atmosphere      ? 
_exptl_crystal_grow.crystal_id      1 
_exptl_crystal_grow.details         ? 
_exptl_crystal_grow.method          'VAPOR DIFFUSION, HANGING DROP' 
_exptl_crystal_grow.method_ref      ? 
_exptl_crystal_grow.pH              5.5 
_exptl_crystal_grow.pressure        ? 
_exptl_crystal_grow.pressure_esd    ? 
_exptl_crystal_grow.seeding         ? 
_exptl_crystal_grow.seeding_ref     ? 
_exptl_crystal_grow.temp_details    ? 
_exptl_crystal_grow.temp_esd        ? 
_exptl_crystal_grow.time            ? 
_exptl_crystal_grow.pdbx_details    
;0.1M sodium acetate buffer pH 5.5. reservoir solution containing 24-34% (NH4)2SO4, 0.1M sodium acetate buffer pH 5.5, and super-saturated solution of NaCl.
;
_exptl_crystal_grow.pdbx_pH_range   ? 
_exptl_crystal_grow.temp            292 
# 
_diffrn.ambient_environment              ? 
_diffrn.ambient_temp                     100 
_diffrn.ambient_temp_details             ? 
_diffrn.ambient_temp_esd                 ? 
_diffrn.crystal_id                       1 
_diffrn.crystal_support                  ? 
_diffrn.crystal_treatment                ? 
_diffrn.details                          ? 
_diffrn.id                               1 
_diffrn.ambient_pressure                 ? 
_diffrn.ambient_pressure_esd             ? 
_diffrn.ambient_pressure_gt              ? 
_diffrn.ambient_pressure_lt              ? 
_diffrn.ambient_temp_gt                  ? 
_diffrn.ambient_temp_lt                  ? 
_diffrn.pdbx_serial_crystal_experiment   N 
# 
_diffrn_detector.details                      ? 
_diffrn_detector.detector                     CMOS 
_diffrn_detector.diffrn_id                    1 
_diffrn_detector.type                         'BRUKER PHOTON 100' 
_diffrn_detector.area_resol_mean              ? 
_diffrn_detector.dtime                        ? 
_diffrn_detector.pdbx_frames_total            ? 
_diffrn_detector.pdbx_collection_time_total   ? 
_diffrn_detector.pdbx_collection_date         2023-03-13 
_diffrn_detector.pdbx_frequency               ? 
_diffrn_detector.id                           ? 
_diffrn_detector.number_of_axes               ? 
# 
_diffrn_radiation.collimation                      ? 
_diffrn_radiation.diffrn_id                        1 
_diffrn_radiation.filter_edge                      ? 
_diffrn_radiation.inhomogeneity                    ? 
_diffrn_radiation.monochromator                    Ni 
_diffrn_radiation.polarisn_norm                    ? 
_diffrn_radiation.polarisn_ratio                   ? 
_diffrn_radiation.probe                            ? 
_diffrn_radiation.type                             ? 
_diffrn_radiation.xray_symbol                      ? 
_diffrn_radiation.wavelength_id                    1 
_diffrn_radiation.pdbx_monochromatic_or_laue_m_l   M 
_diffrn_radiation.pdbx_wavelength_list             ? 
_diffrn_radiation.pdbx_wavelength                  ? 
_diffrn_radiation.pdbx_diffrn_protocol             'SINGLE WAVELENGTH' 
_diffrn_radiation.pdbx_analyzer                    ? 
_diffrn_radiation.pdbx_scattering_type             x-ray 
# 
_diffrn_radiation_wavelength.id           1 
_diffrn_radiation_wavelength.wavelength   1.5406 
_diffrn_radiation_wavelength.wt           1.0 
# 
_diffrn_source.current                     ? 
_diffrn_source.details                     ? 
_diffrn_source.diffrn_id                   1 
_diffrn_source.power                       ? 
_diffrn_source.size                        ? 
_diffrn_source.source                      'SEALED TUBE' 
_diffrn_source.target                      ? 
_diffrn_source.type                        'BRUKER D8 QUEST' 
_diffrn_source.voltage                     ? 
_diffrn_source.take-off_angle              ? 
_diffrn_source.pdbx_wavelength_list        1.5406 
_diffrn_source.pdbx_wavelength             ? 
_diffrn_source.pdbx_synchrotron_beamline   ? 
_diffrn_source.pdbx_synchrotron_site       ? 
# 
_reflns.B_iso_Wilson_estimate                          16 
_reflns.entry_id                                       9JWD 
_reflns.data_reduction_details                         ? 
_reflns.data_reduction_method                          ? 
_reflns.d_resolution_high                              2.22 
_reflns.d_resolution_low                               22.71 
_reflns.details                                        ? 
_reflns.limit_h_max                                    ? 
_reflns.limit_h_min                                    ? 
_reflns.limit_k_max                                    ? 
_reflns.limit_k_min                                    ? 
_reflns.limit_l_max                                    ? 
_reflns.limit_l_min                                    ? 
_reflns.number_all                                     ? 
_reflns.number_obs                                     7822 
_reflns.observed_criterion                             ? 
_reflns.observed_criterion_F_max                       ? 
_reflns.observed_criterion_F_min                       ? 
_reflns.observed_criterion_I_max                       ? 
_reflns.observed_criterion_I_min                       ? 
_reflns.observed_criterion_sigma_F                     ? 
_reflns.observed_criterion_sigma_I                     ? 
_reflns.percent_possible_obs                           99.3 
_reflns.R_free_details                                 ? 
_reflns.Rmerge_F_all                                   ? 
_reflns.Rmerge_F_obs                                   ? 
_reflns.Friedel_coverage                               ? 
_reflns.number_gt                                      ? 
_reflns.threshold_expression                           ? 
_reflns.pdbx_redundancy                                10.5 
_reflns.pdbx_netI_over_av_sigmaI                       ? 
_reflns.pdbx_netI_over_sigmaI                          1.44 
_reflns.pdbx_res_netI_over_av_sigmaI_2                 ? 
_reflns.pdbx_res_netI_over_sigmaI_2                    ? 
_reflns.pdbx_chi_squared                               ? 
_reflns.pdbx_scaling_rejects                           ? 
_reflns.pdbx_d_res_high_opt                            ? 
_reflns.pdbx_d_res_low_opt                             ? 
_reflns.pdbx_d_res_opt_method                          ? 
_reflns.phase_calculation_details                      ? 
_reflns.pdbx_Rrim_I_all                                ? 
_reflns.pdbx_Rpim_I_all                                ? 
_reflns.pdbx_d_opt                                     ? 
_reflns.pdbx_number_measured_all                       ? 
_reflns.pdbx_diffrn_id                                 1 
_reflns.pdbx_ordinal                                   1 
_reflns.pdbx_CC_half                                   0.96 
_reflns.pdbx_CC_star                                   ? 
_reflns.pdbx_R_split                                   ? 
_reflns.pdbx_Rmerge_I_obs                              ? 
_reflns.pdbx_Rmerge_I_all                              ? 
_reflns.pdbx_Rsym_value                                ? 
_reflns.pdbx_CC_split_method                           ? 
_reflns.pdbx_aniso_diffraction_limit_axis_1_ortho[1]   ? 
_reflns.pdbx_aniso_diffraction_limit_axis_1_ortho[2]   ? 
_reflns.pdbx_aniso_diffraction_limit_axis_1_ortho[3]   ? 
_reflns.pdbx_aniso_diffraction_limit_axis_2_ortho[1]   ? 
_reflns.pdbx_aniso_diffraction_limit_axis_2_ortho[2]   ? 
_reflns.pdbx_aniso_diffraction_limit_axis_2_ortho[3]   ? 
_reflns.pdbx_aniso_diffraction_limit_axis_3_ortho[1]   ? 
_reflns.pdbx_aniso_diffraction_limit_axis_3_ortho[2]   ? 
_reflns.pdbx_aniso_diffraction_limit_axis_3_ortho[3]   ? 
_reflns.pdbx_aniso_diffraction_limit_1                 ? 
_reflns.pdbx_aniso_diffraction_limit_2                 ? 
_reflns.pdbx_aniso_diffraction_limit_3                 ? 
_reflns.pdbx_aniso_B_tensor_eigenvector_1_ortho[1]     ? 
_reflns.pdbx_aniso_B_tensor_eigenvector_1_ortho[2]     ? 
_reflns.pdbx_aniso_B_tensor_eigenvector_1_ortho[3]     ? 
_reflns.pdbx_aniso_B_tensor_eigenvector_2_ortho[1]     ? 
_reflns.pdbx_aniso_B_tensor_eigenvector_2_ortho[2]     ? 
_reflns.pdbx_aniso_B_tensor_eigenvector_2_ortho[3]     ? 
_reflns.pdbx_aniso_B_tensor_eigenvector_3_ortho[1]     ? 
_reflns.pdbx_aniso_B_tensor_eigenvector_3_ortho[2]     ? 
_reflns.pdbx_aniso_B_tensor_eigenvector_3_ortho[3]     ? 
_reflns.pdbx_aniso_B_tensor_eigenvalue_1               ? 
_reflns.pdbx_aniso_B_tensor_eigenvalue_2               ? 
_reflns.pdbx_aniso_B_tensor_eigenvalue_3               ? 
_reflns.pdbx_orthogonalization_convention              ? 
_reflns.pdbx_percent_possible_ellipsoidal              ? 
_reflns.pdbx_percent_possible_spherical                ? 
_reflns.pdbx_percent_possible_ellipsoidal_anomalous    ? 
_reflns.pdbx_percent_possible_spherical_anomalous      ? 
_reflns.pdbx_redundancy_anomalous                      ? 
_reflns.pdbx_CC_half_anomalous                         ? 
_reflns.pdbx_absDiff_over_sigma_anomalous              ? 
_reflns.pdbx_percent_possible_anomalous                ? 
_reflns.pdbx_observed_signal_threshold                 ? 
_reflns.pdbx_signal_type                               ? 
_reflns.pdbx_signal_details                            ? 
_reflns.pdbx_signal_software_id                        ? 
# 
_reflns_shell.d_res_high                                    2.22 
_reflns_shell.d_res_low                                     2.22 
_reflns_shell.meanI_over_sigI_all                           ? 
_reflns_shell.meanI_over_sigI_obs                           ? 
_reflns_shell.number_measured_all                           ? 
_reflns_shell.number_measured_obs                           ? 
_reflns_shell.number_possible                               ? 
_reflns_shell.number_unique_all                             ? 
_reflns_shell.number_unique_obs                             683 
_reflns_shell.percent_possible_obs                          ? 
_reflns_shell.Rmerge_F_all                                  ? 
_reflns_shell.Rmerge_F_obs                                  ? 
_reflns_shell.meanI_over_sigI_gt                            ? 
_reflns_shell.meanI_over_uI_all                             ? 
_reflns_shell.meanI_over_uI_gt                              ? 
_reflns_shell.number_measured_gt                            ? 
_reflns_shell.number_unique_gt                              ? 
_reflns_shell.percent_possible_gt                           ? 
_reflns_shell.Rmerge_F_gt                                   ? 
_reflns_shell.Rmerge_I_gt                                   ? 
_reflns_shell.pdbx_redundancy                               ? 
_reflns_shell.pdbx_chi_squared                              ? 
_reflns_shell.pdbx_netI_over_sigmaI_all                     ? 
_reflns_shell.pdbx_netI_over_sigmaI_obs                     ? 
_reflns_shell.pdbx_Rrim_I_all                               ? 
_reflns_shell.pdbx_Rpim_I_all                               0.521 
_reflns_shell.pdbx_rejects                                  ? 
_reflns_shell.pdbx_ordinal                                  1 
_reflns_shell.pdbx_diffrn_id                                1 
_reflns_shell.pdbx_CC_half                                  ? 
_reflns_shell.pdbx_CC_star                                  ? 
_reflns_shell.pdbx_R_split                                  ? 
_reflns_shell.percent_possible_all                          ? 
_reflns_shell.Rmerge_I_all                                  ? 
_reflns_shell.Rmerge_I_obs                                  ? 
_reflns_shell.pdbx_Rsym_value                               ? 
_reflns_shell.pdbx_percent_possible_ellipsoidal             ? 
_reflns_shell.pdbx_percent_possible_spherical               ? 
_reflns_shell.pdbx_percent_possible_ellipsoidal_anomalous   ? 
_reflns_shell.pdbx_percent_possible_spherical_anomalous     ? 
_reflns_shell.pdbx_redundancy_anomalous                     ? 
_reflns_shell.pdbx_CC_half_anomalous                        ? 
_reflns_shell.pdbx_absDiff_over_sigma_anomalous             ? 
_reflns_shell.pdbx_percent_possible_anomalous               ? 
# 
_refine.aniso_B[1][1]                            0.01 
_refine.aniso_B[1][2]                            0.00 
_refine.aniso_B[1][3]                            0.00 
_refine.aniso_B[2][2]                            0.01 
_refine.aniso_B[2][3]                            -0.00 
_refine.aniso_B[3][3]                            -0.02 
_refine.B_iso_max                                ? 
_refine.B_iso_mean                               15.002 
_refine.B_iso_min                                ? 
_refine.correlation_coeff_Fo_to_Fc               0.920 
_refine.correlation_coeff_Fo_to_Fc_free          0.838 
_refine.details                                  'HYDROGENS HAVE BEEN ADDED IN THE RIDING POSITIONS' 
_refine.diff_density_max                         ? 
_refine.diff_density_max_esd                     ? 
_refine.diff_density_min                         ? 
_refine.diff_density_min_esd                     ? 
_refine.diff_density_rms                         ? 
_refine.diff_density_rms_esd                     ? 
_refine.entry_id                                 9JWD 
_refine.pdbx_refine_id                           'X-RAY DIFFRACTION' 
_refine.ls_abs_structure_details                 ? 
_refine.ls_abs_structure_Flack                   ? 
_refine.ls_abs_structure_Flack_esd               ? 
_refine.ls_abs_structure_Rogers                  ? 
_refine.ls_abs_structure_Rogers_esd              ? 
_refine.ls_d_res_high                            2.22 
_refine.ls_d_res_low                             22.71 
_refine.ls_extinction_coef                       ? 
_refine.ls_extinction_coef_esd                   ? 
_refine.ls_extinction_expression                 ? 
_refine.ls_extinction_method                     ? 
_refine.ls_goodness_of_fit_all                   ? 
_refine.ls_goodness_of_fit_all_esd               ? 
_refine.ls_goodness_of_fit_obs                   ? 
_refine.ls_goodness_of_fit_obs_esd               ? 
_refine.ls_hydrogen_treatment                    ? 
_refine.ls_matrix_type                           ? 
_refine.ls_number_constraints                    ? 
_refine.ls_number_parameters                     ? 
_refine.ls_number_reflns_all                     ? 
_refine.ls_number_reflns_obs                     7462 
_refine.ls_number_reflns_R_free                  342 
_refine.ls_number_reflns_R_work                  ? 
_refine.ls_number_restraints                     ? 
_refine.ls_percent_reflns_obs                    99.38 
_refine.ls_percent_reflns_R_free                 4.4 
_refine.ls_R_factor_all                          ? 
_refine.ls_R_factor_obs                          0.20340 
_refine.ls_R_factor_R_free                       0.25752 
_refine.ls_R_factor_R_free_error                 ? 
_refine.ls_R_factor_R_free_error_details         ? 
_refine.ls_R_factor_R_work                       0.20091 
_refine.ls_R_Fsqd_factor_obs                     ? 
_refine.ls_R_I_factor_obs                        ? 
_refine.ls_redundancy_reflns_all                 ? 
_refine.ls_redundancy_reflns_obs                 ? 
_refine.ls_restrained_S_all                      ? 
_refine.ls_restrained_S_obs                      ? 
_refine.ls_shift_over_esd_max                    ? 
_refine.ls_shift_over_esd_mean                   ? 
_refine.ls_structure_factor_coef                 ? 
_refine.ls_weighting_details                     ? 
_refine.ls_weighting_scheme                      ? 
_refine.ls_wR_factor_all                         ? 
_refine.ls_wR_factor_obs                         ? 
_refine.ls_wR_factor_R_free                      ? 
_refine.ls_wR_factor_R_work                      ? 
_refine.occupancy_max                            ? 
_refine.occupancy_min                            ? 
_refine.solvent_model_details                    MASK 
_refine.solvent_model_param_bsol                 ? 
_refine.solvent_model_param_ksol                 ? 
_refine.pdbx_R_complete                          ? 
_refine.ls_R_factor_gt                           ? 
_refine.ls_goodness_of_fit_gt                    ? 
_refine.ls_goodness_of_fit_ref                   ? 
_refine.ls_shift_over_su_max                     ? 
_refine.ls_shift_over_su_max_lt                  ? 
_refine.ls_shift_over_su_mean                    ? 
_refine.ls_shift_over_su_mean_lt                 ? 
_refine.pdbx_ls_sigma_I                          ? 
_refine.pdbx_ls_sigma_F                          ? 
_refine.pdbx_ls_sigma_Fsqd                       ? 
_refine.pdbx_data_cutoff_high_absF               ? 
_refine.pdbx_data_cutoff_high_rms_absF           ? 
_refine.pdbx_data_cutoff_low_absF                ? 
_refine.pdbx_isotropic_thermal_model             ? 
_refine.pdbx_ls_cross_valid_method               THROUGHOUT 
_refine.pdbx_method_to_determine_struct          'MOLECULAR REPLACEMENT' 
_refine.pdbx_starting_model                      1EIC 
_refine.pdbx_stereochemistry_target_values       'MAXIMUM LIKELIHOOD' 
_refine.pdbx_R_Free_selection_details            RANDOM 
_refine.pdbx_stereochem_target_val_spec_case     ? 
_refine.pdbx_overall_ESU_R                       0.260 
_refine.pdbx_overall_ESU_R_Free                  0.219 
_refine.pdbx_solvent_vdw_probe_radii             1.20 
_refine.pdbx_solvent_ion_probe_radii             0.80 
_refine.pdbx_solvent_shrinkage_radii             0.80 
_refine.pdbx_real_space_R                        ? 
_refine.pdbx_density_correlation                 ? 
_refine.pdbx_pd_number_of_powder_patterns        ? 
_refine.pdbx_pd_number_of_points                 ? 
_refine.pdbx_pd_meas_number_of_points            ? 
_refine.pdbx_pd_proc_ls_prof_R_factor            ? 
_refine.pdbx_pd_proc_ls_prof_wR_factor           ? 
_refine.pdbx_pd_Marquardt_correlation_coeff      ? 
_refine.pdbx_pd_Fsqrd_R_factor                   ? 
_refine.pdbx_pd_ls_matrix_band_width             ? 
_refine.pdbx_overall_phase_error                 ? 
_refine.pdbx_overall_SU_R_free_Cruickshank_DPI   ? 
_refine.pdbx_overall_SU_R_free_Blow_DPI          ? 
_refine.pdbx_overall_SU_R_Blow_DPI               ? 
_refine.pdbx_TLS_residual_ADP_flag               ? 
_refine.pdbx_diffrn_id                           1 
_refine.overall_SU_B                             7.121 
_refine.overall_SU_ML                            0.170 
_refine.overall_SU_R_Cruickshank_DPI             ? 
_refine.overall_SU_R_free                        ? 
_refine.overall_FOM_free_R_set                   ? 
_refine.overall_FOM_work_R_set                   ? 
_refine.pdbx_average_fsc_overall                 ? 
_refine.pdbx_average_fsc_work                    ? 
_refine.pdbx_average_fsc_free                    ? 
# 
_refine_hist.pdbx_refine_id                   'X-RAY DIFFRACTION' 
_refine_hist.cycle_id                         1 
_refine_hist.details                          ? 
_refine_hist.d_res_high                       2.22 
_refine_hist.d_res_low                        22.71 
_refine_hist.number_atoms_solvent             102 
_refine_hist.number_atoms_total               1069 
_refine_hist.number_reflns_all                ? 
_refine_hist.number_reflns_obs                ? 
_refine_hist.number_reflns_R_free             ? 
_refine_hist.number_reflns_R_work             ? 
_refine_hist.R_factor_all                     ? 
_refine_hist.R_factor_obs                     ? 
_refine_hist.R_factor_R_free                  ? 
_refine_hist.R_factor_R_work                  ? 
_refine_hist.pdbx_number_residues_total       ? 
_refine_hist.pdbx_B_iso_mean_ligand           ? 
_refine_hist.pdbx_B_iso_mean_solvent          ? 
_refine_hist.pdbx_number_atoms_protein        951 
_refine_hist.pdbx_number_atoms_nucleic_acid   0 
_refine_hist.pdbx_number_atoms_ligand         16 
_refine_hist.pdbx_number_atoms_lipid          ? 
_refine_hist.pdbx_number_atoms_carb           ? 
_refine_hist.pdbx_pseudo_atom_details         ? 
# 
loop_
_refine_ls_restr.pdbx_refine_id 
_refine_ls_restr.criterion 
_refine_ls_restr.dev_ideal 
_refine_ls_restr.dev_ideal_target 
_refine_ls_restr.number 
_refine_ls_restr.rejects 
_refine_ls_restr.type 
_refine_ls_restr.weight 
_refine_ls_restr.pdbx_restraint_function 
'X-RAY DIFFRACTION' ? 0.008  0.013  981  ? r_bond_refined_d             ? ? 
'X-RAY DIFFRACTION' ? 0.001  0.018  876  ? r_bond_other_d               ? ? 
'X-RAY DIFFRACTION' ? 1.517  1.654  1325 ? r_angle_refined_deg          ? ? 
'X-RAY DIFFRACTION' ? 1.317  1.587  2029 ? r_angle_other_deg            ? ? 
'X-RAY DIFFRACTION' ? 7.799  5.000  123  ? r_dihedral_angle_1_deg       ? ? 
'X-RAY DIFFRACTION' ? 36.531 23.958 48   ? r_dihedral_angle_2_deg       ? ? 
'X-RAY DIFFRACTION' ? 15.706 15.000 168  ? r_dihedral_angle_3_deg       ? ? 
'X-RAY DIFFRACTION' ? 18.857 15.000 4    ? r_dihedral_angle_4_deg       ? ? 
'X-RAY DIFFRACTION' ? 0.066  0.200  134  ? r_chiral_restr               ? ? 
'X-RAY DIFFRACTION' ? 0.006  0.020  1128 ? r_gen_planes_refined         ? ? 
'X-RAY DIFFRACTION' ? 0.001  0.020  220  ? r_gen_planes_other           ? ? 
'X-RAY DIFFRACTION' ? ?      ?      ?    ? r_nbd_refined                ? ? 
'X-RAY DIFFRACTION' ? ?      ?      ?    ? r_nbd_other                  ? ? 
'X-RAY DIFFRACTION' ? ?      ?      ?    ? r_nbtor_refined              ? ? 
'X-RAY DIFFRACTION' ? ?      ?      ?    ? r_nbtor_other                ? ? 
'X-RAY DIFFRACTION' ? ?      ?      ?    ? r_xyhbond_nbd_refined        ? ? 
'X-RAY DIFFRACTION' ? ?      ?      ?    ? r_xyhbond_nbd_other          ? ? 
'X-RAY DIFFRACTION' ? ?      ?      ?    ? r_metal_ion_refined          ? ? 
'X-RAY DIFFRACTION' ? ?      ?      ?    ? r_metal_ion_other            ? ? 
'X-RAY DIFFRACTION' ? ?      ?      ?    ? r_symmetry_vdw_refined       ? ? 
'X-RAY DIFFRACTION' ? ?      ?      ?    ? r_symmetry_vdw_other         ? ? 
'X-RAY DIFFRACTION' ? ?      ?      ?    ? r_symmetry_hbond_refined     ? ? 
'X-RAY DIFFRACTION' ? ?      ?      ?    ? r_symmetry_hbond_other       ? ? 
'X-RAY DIFFRACTION' ? ?      ?      ?    ? r_symmetry_metal_ion_refined ? ? 
'X-RAY DIFFRACTION' ? ?      ?      ?    ? r_symmetry_metal_ion_other   ? ? 
'X-RAY DIFFRACTION' ? 1.252  1.499  496  ? r_mcbond_it                  ? ? 
'X-RAY DIFFRACTION' ? 1.254  1.498  494  ? r_mcbond_other               ? ? 
'X-RAY DIFFRACTION' ? 2.197  2.244  617  ? r_mcangle_it                 ? ? 
'X-RAY DIFFRACTION' ? 2.195  2.244  618  ? r_mcangle_other              ? ? 
'X-RAY DIFFRACTION' ? 1.328  1.655  484  ? r_scbond_it                  ? ? 
'X-RAY DIFFRACTION' ? 1.295  1.634  481  ? r_scbond_other               ? ? 
'X-RAY DIFFRACTION' ? ?      ?      ?    ? r_scangle_it                 ? ? 
'X-RAY DIFFRACTION' ? 2.245  2.381  703  ? r_scangle_other              ? ? 
'X-RAY DIFFRACTION' ? 4.741  18.459 1124 ? r_long_range_B_refined       ? ? 
'X-RAY DIFFRACTION' ? 4.436  18.431 1115 ? r_long_range_B_other         ? ? 
'X-RAY DIFFRACTION' ? ?      ?      ?    ? r_rigid_bond_restr           ? ? 
'X-RAY DIFFRACTION' ? ?      ?      ?    ? r_sphericity_free            ? ? 
'X-RAY DIFFRACTION' ? ?      ?      ?    ? r_sphericity_bonded          ? ? 
# 
_refine_ls_shell.pdbx_refine_id                   'X-RAY DIFFRACTION' 
_refine_ls_shell.d_res_high                       2.224 
_refine_ls_shell.d_res_low                        2.281 
_refine_ls_shell.number_reflns_all                ? 
_refine_ls_shell.number_reflns_obs                ? 
_refine_ls_shell.number_reflns_R_free             17 
_refine_ls_shell.number_reflns_R_work             504 
_refine_ls_shell.percent_reflns_obs               93.20 
_refine_ls_shell.percent_reflns_R_free            ? 
_refine_ls_shell.R_factor_all                     ? 
_refine_ls_shell.R_factor_obs                     ? 
_refine_ls_shell.R_factor_R_free_error            ? 
_refine_ls_shell.R_factor_R_work                  0.294 
_refine_ls_shell.redundancy_reflns_all            ? 
_refine_ls_shell.redundancy_reflns_obs            ? 
_refine_ls_shell.wR_factor_all                    ? 
_refine_ls_shell.wR_factor_obs                    ? 
_refine_ls_shell.wR_factor_R_free                 ? 
_refine_ls_shell.wR_factor_R_work                 ? 
_refine_ls_shell.pdbx_R_complete                  ? 
_refine_ls_shell.pdbx_total_number_of_bins_used   20 
_refine_ls_shell.pdbx_phase_error                 ? 
_refine_ls_shell.pdbx_fsc_work                    ? 
_refine_ls_shell.pdbx_fsc_free                    ? 
_refine_ls_shell.R_factor_R_free                  0.338 
# 
_struct.entry_id                     9JWD 
_struct.title                        'Crystal structure of RNAs A treated with sodium cyanide' 
_struct.pdbx_model_details           ? 
_struct.pdbx_formula_weight          ? 
_struct.pdbx_formula_weight_method   ? 
_struct.pdbx_model_type_details      ? 
_struct.pdbx_CASP_flag               N 
# 
_struct_keywords.entry_id        9JWD 
_struct_keywords.text            HYDROLASE 
_struct_keywords.pdbx_keywords   HYDROLASE 
# 
loop_
_struct_asym.id 
_struct_asym.pdbx_blank_PDB_chainid_flag 
_struct_asym.pdbx_modified 
_struct_asym.entity_id 
_struct_asym.details 
A N N 1 ? 
B N N 2 ? 
C N N 3 ? 
D N N 4 ? 
E N N 4 ? 
F N N 4 ? 
G N N 5 ? 
H N N 6 ? 
# 
_struct_ref.id                         1 
_struct_ref.db_name                    UNP 
_struct_ref.db_code                    RNAS1_BOVIN 
_struct_ref.pdbx_db_accession          P61823 
_struct_ref.pdbx_db_isoform            ? 
_struct_ref.entity_id                  1 
_struct_ref.pdbx_seq_one_letter_code   
;KETAAAKFERQHMDSSTSAASSSNYCNQMMKSRNLTKDRCKPVNTFVHESLADVQAVCSQKNVACKNGQTNCYQSYSTMS
ITDCRETGSSKYPNCAYKTTQANKHIIVACEGNPYVPVHFDASV
;
_struct_ref.pdbx_align_begin           27 
# 
_struct_ref_seq.align_id                      1 
_struct_ref_seq.ref_id                        1 
_struct_ref_seq.pdbx_PDB_id_code              9JWD 
_struct_ref_seq.pdbx_strand_id                A 
_struct_ref_seq.seq_align_beg                 1 
_struct_ref_seq.pdbx_seq_align_beg_ins_code   ? 
_struct_ref_seq.seq_align_end                 124 
_struct_ref_seq.pdbx_seq_align_end_ins_code   ? 
_struct_ref_seq.pdbx_db_accession             P61823 
_struct_ref_seq.db_align_beg                  27 
_struct_ref_seq.pdbx_db_align_beg_ins_code    ? 
_struct_ref_seq.db_align_end                  150 
_struct_ref_seq.pdbx_db_align_end_ins_code    ? 
_struct_ref_seq.pdbx_auth_seq_align_beg       1 
_struct_ref_seq.pdbx_auth_seq_align_end       124 
# 
_pdbx_struct_assembly.id                   1 
_pdbx_struct_assembly.details              author_defined_assembly 
_pdbx_struct_assembly.method_details       ? 
_pdbx_struct_assembly.oligomeric_details   monomeric 
_pdbx_struct_assembly.oligomeric_count     1 
# 
_pdbx_struct_assembly_gen.assembly_id       1 
_pdbx_struct_assembly_gen.oper_expression   1 
_pdbx_struct_assembly_gen.asym_id_list      A,B,C,D,E,F,G,H 
# 
_pdbx_struct_assembly_auth_evidence.id                     1 
_pdbx_struct_assembly_auth_evidence.assembly_id            1 
_pdbx_struct_assembly_auth_evidence.experimental_support   none 
_pdbx_struct_assembly_auth_evidence.details                ? 
# 
_pdbx_struct_oper_list.id                   1 
_pdbx_struct_oper_list.type                 'identity operation' 
_pdbx_struct_oper_list.name                 1_555 
_pdbx_struct_oper_list.symmetry_operation   x,y,z 
_pdbx_struct_oper_list.matrix[1][1]         1.0000000000 
_pdbx_struct_oper_list.matrix[1][2]         0.0000000000 
_pdbx_struct_oper_list.matrix[1][3]         0.0000000000 
_pdbx_struct_oper_list.vector[1]            0.0000000000 
_pdbx_struct_oper_list.matrix[2][1]         0.0000000000 
_pdbx_struct_oper_list.matrix[2][2]         1.0000000000 
_pdbx_struct_oper_list.matrix[2][3]         0.0000000000 
_pdbx_struct_oper_list.vector[2]            0.0000000000 
_pdbx_struct_oper_list.matrix[3][1]         0.0000000000 
_pdbx_struct_oper_list.matrix[3][2]         0.0000000000 
_pdbx_struct_oper_list.matrix[3][3]         1.0000000000 
_pdbx_struct_oper_list.vector[3]            0.0000000000 
# 
loop_
_struct_conf.conf_type_id 
_struct_conf.id 
_struct_conf.pdbx_PDB_helix_id 
_struct_conf.beg_label_comp_id 
_struct_conf.beg_label_asym_id 
_struct_conf.beg_label_seq_id 
_struct_conf.pdbx_beg_PDB_ins_code 
_struct_conf.end_label_comp_id 
_struct_conf.end_label_asym_id 
_struct_conf.end_label_seq_id 
_struct_conf.pdbx_end_PDB_ins_code 
_struct_conf.beg_auth_comp_id 
_struct_conf.beg_auth_asym_id 
_struct_conf.beg_auth_seq_id 
_struct_conf.end_auth_comp_id 
_struct_conf.end_auth_asym_id 
_struct_conf.end_auth_seq_id 
_struct_conf.pdbx_PDB_helix_class 
_struct_conf.details 
_struct_conf.pdbx_PDB_helix_length 
HELX_P HELX_P1 AA1 THR A 3  ? MET A 13 ? THR A 3  MET A 13 1 ? 11 
HELX_P HELX_P2 AA2 ASN A 24 ? ARG A 33 ? ASN A 24 ARG A 33 1 ? 10 
HELX_P HELX_P3 AA3 SER A 50 ? VAL A 57 ? SER A 50 VAL A 57 1 ? 8  
HELX_P HELX_P4 AA4 CYS A 58 ? GLN A 60 ? CYS A 58 GLN A 60 5 ? 3  
# 
_struct_conf_type.id          HELX_P 
_struct_conf_type.criteria    ? 
_struct_conf_type.reference   ? 
# 
loop_
_struct_conn.id 
_struct_conn.conn_type_id 
_struct_conn.pdbx_leaving_atom_flag 
_struct_conn.pdbx_PDB_id 
_struct_conn.ptnr1_label_asym_id 
_struct_conn.ptnr1_label_comp_id 
_struct_conn.ptnr1_label_seq_id 
_struct_conn.ptnr1_label_atom_id 
_struct_conn.pdbx_ptnr1_label_alt_id 
_struct_conn.pdbx_ptnr1_PDB_ins_code 
_struct_conn.pdbx_ptnr1_standard_comp_id 
_struct_conn.ptnr1_symmetry 
_struct_conn.ptnr2_label_asym_id 
_struct_conn.ptnr2_label_comp_id 
_struct_conn.ptnr2_label_seq_id 
_struct_conn.ptnr2_label_atom_id 
_struct_conn.pdbx_ptnr2_label_alt_id 
_struct_conn.pdbx_ptnr2_PDB_ins_code 
_struct_conn.ptnr1_auth_asym_id 
_struct_conn.ptnr1_auth_comp_id 
_struct_conn.ptnr1_auth_seq_id 
_struct_conn.ptnr2_auth_asym_id 
_struct_conn.ptnr2_auth_comp_id 
_struct_conn.ptnr2_auth_seq_id 
_struct_conn.ptnr2_symmetry 
_struct_conn.pdbx_ptnr3_label_atom_id 
_struct_conn.pdbx_ptnr3_label_seq_id 
_struct_conn.pdbx_ptnr3_label_comp_id 
_struct_conn.pdbx_ptnr3_label_asym_id 
_struct_conn.pdbx_ptnr3_label_alt_id 
_struct_conn.pdbx_ptnr3_PDB_ins_code 
_struct_conn.details 
_struct_conn.pdbx_dist_value 
_struct_conn.pdbx_value_order 
_struct_conn.pdbx_role 
disulf1 disulf ? ? A CYS 26 SG ? ? ? 1_555 A CYS 84  SG ? ? A CYS 26 A CYS 84  1_555 ? ? ? ? ? ? ? 2.025 ? ? 
disulf2 disulf ? ? A CYS 40 SG ? ? ? 1_555 A CYS 95  SG ? ? A CYS 40 A CYS 95  1_555 ? ? ? ? ? ? ? 2.000 ? ? 
disulf3 disulf ? ? A CYS 58 SG ? ? ? 1_555 A CYS 110 SG ? ? A CYS 58 A CYS 110 1_555 ? ? ? ? ? ? ? 2.032 ? ? 
disulf4 disulf ? ? A CYS 65 SG ? ? ? 1_555 A CYS 72  SG ? ? A CYS 65 A CYS 72  1_555 ? ? ? ? ? ? ? 2.004 ? ? 
# 
_struct_conn_type.id          disulf 
_struct_conn_type.criteria    ? 
_struct_conn_type.reference   ? 
# 
loop_
_pdbx_modification_feature.ordinal 
_pdbx_modification_feature.label_comp_id 
_pdbx_modification_feature.label_asym_id 
_pdbx_modification_feature.label_seq_id 
_pdbx_modification_feature.label_alt_id 
_pdbx_modification_feature.modified_residue_label_comp_id 
_pdbx_modification_feature.modified_residue_label_asym_id 
_pdbx_modification_feature.modified_residue_label_seq_id 
_pdbx_modification_feature.modified_residue_label_alt_id 
_pdbx_modification_feature.auth_comp_id 
_pdbx_modification_feature.auth_asym_id 
_pdbx_modification_feature.auth_seq_id 
_pdbx_modification_feature.PDB_ins_code 
_pdbx_modification_feature.symmetry 
_pdbx_modification_feature.modified_residue_auth_comp_id 
_pdbx_modification_feature.modified_residue_auth_asym_id 
_pdbx_modification_feature.modified_residue_auth_seq_id 
_pdbx_modification_feature.modified_residue_PDB_ins_code 
_pdbx_modification_feature.modified_residue_symmetry 
_pdbx_modification_feature.comp_id_linking_atom 
_pdbx_modification_feature.modified_residue_id_linking_atom 
_pdbx_modification_feature.modified_residue_id 
_pdbx_modification_feature.ref_pcm_id 
_pdbx_modification_feature.ref_comp_id 
_pdbx_modification_feature.type 
_pdbx_modification_feature.category 
1 CYS A 26 ? CYS A 84  ? CYS A 26 ? 1_555 CYS A 84  ? 1_555 SG SG . . . None 'Disulfide bridge' 
2 CYS A 40 ? CYS A 95  ? CYS A 40 ? 1_555 CYS A 95  ? 1_555 SG SG . . . None 'Disulfide bridge' 
3 CYS A 58 ? CYS A 110 ? CYS A 58 ? 1_555 CYS A 110 ? 1_555 SG SG . . . None 'Disulfide bridge' 
4 CYS A 65 ? CYS A 72  ? CYS A 65 ? 1_555 CYS A 72  ? 1_555 SG SG . . . None 'Disulfide bridge' 
# 
loop_
_struct_mon_prot_cis.pdbx_id 
_struct_mon_prot_cis.label_comp_id 
_struct_mon_prot_cis.label_seq_id 
_struct_mon_prot_cis.label_asym_id 
_struct_mon_prot_cis.label_alt_id 
_struct_mon_prot_cis.pdbx_PDB_ins_code 
_struct_mon_prot_cis.auth_comp_id 
_struct_mon_prot_cis.auth_seq_id 
_struct_mon_prot_cis.auth_asym_id 
_struct_mon_prot_cis.pdbx_label_comp_id_2 
_struct_mon_prot_cis.pdbx_label_seq_id_2 
_struct_mon_prot_cis.pdbx_label_asym_id_2 
_struct_mon_prot_cis.pdbx_PDB_ins_code_2 
_struct_mon_prot_cis.pdbx_auth_comp_id_2 
_struct_mon_prot_cis.pdbx_auth_seq_id_2 
_struct_mon_prot_cis.pdbx_auth_asym_id_2 
_struct_mon_prot_cis.pdbx_PDB_model_num 
_struct_mon_prot_cis.pdbx_omega_angle 
1 TYR 92  A . ? TYR 92  A PRO 93  A ? PRO 93  A 1 6.59 
2 ASN 113 A . ? ASN 113 A PRO 114 A ? PRO 114 A 1 6.83 
# 
loop_
_struct_sheet.id 
_struct_sheet.type 
_struct_sheet.number_strands 
_struct_sheet.details 
AA1 ? 3 ? 
AA2 ? 4 ? 
# 
loop_
_struct_sheet_order.sheet_id 
_struct_sheet_order.range_id_1 
_struct_sheet_order.range_id_2 
_struct_sheet_order.offset 
_struct_sheet_order.sense 
AA1 1 2 ? anti-parallel 
AA1 2 3 ? anti-parallel 
AA2 1 2 ? anti-parallel 
AA2 2 3 ? anti-parallel 
AA2 3 4 ? anti-parallel 
# 
loop_
_struct_sheet_range.sheet_id 
_struct_sheet_range.id 
_struct_sheet_range.beg_label_comp_id 
_struct_sheet_range.beg_label_asym_id 
_struct_sheet_range.beg_label_seq_id 
_struct_sheet_range.pdbx_beg_PDB_ins_code 
_struct_sheet_range.end_label_comp_id 
_struct_sheet_range.end_label_asym_id 
_struct_sheet_range.end_label_seq_id 
_struct_sheet_range.pdbx_end_PDB_ins_code 
_struct_sheet_range.beg_auth_comp_id 
_struct_sheet_range.beg_auth_asym_id 
_struct_sheet_range.beg_auth_seq_id 
_struct_sheet_range.end_auth_comp_id 
_struct_sheet_range.end_auth_asym_id 
_struct_sheet_range.end_auth_seq_id 
AA1 1 VAL A 43  ? VAL A 47  ? VAL A 43  VAL A 47  
AA1 2 MET A 79  ? GLU A 86  ? MET A 79  GLU A 86  
AA1 3 TYR A 97  ? LYS A 104 ? TYR A 97  LYS A 104 
AA2 1 LYS A 61  ? VAL A 63  ? LYS A 61  VAL A 63  
AA2 2 CYS A 72  ? GLN A 74  ? CYS A 72  GLN A 74  
AA2 3 ILE A 106 ? GLU A 111 ? ILE A 106 GLU A 111 
AA2 4 VAL A 116 ? SER A 123 ? VAL A 116 SER A 123 
# 
loop_
_pdbx_struct_sheet_hbond.sheet_id 
_pdbx_struct_sheet_hbond.range_id_1 
_pdbx_struct_sheet_hbond.range_id_2 
_pdbx_struct_sheet_hbond.range_1_label_atom_id 
_pdbx_struct_sheet_hbond.range_1_label_comp_id 
_pdbx_struct_sheet_hbond.range_1_label_asym_id 
_pdbx_struct_sheet_hbond.range_1_label_seq_id 
_pdbx_struct_sheet_hbond.range_1_PDB_ins_code 
_pdbx_struct_sheet_hbond.range_1_auth_atom_id 
_pdbx_struct_sheet_hbond.range_1_auth_comp_id 
_pdbx_struct_sheet_hbond.range_1_auth_asym_id 
_pdbx_struct_sheet_hbond.range_1_auth_seq_id 
_pdbx_struct_sheet_hbond.range_2_label_atom_id 
_pdbx_struct_sheet_hbond.range_2_label_comp_id 
_pdbx_struct_sheet_hbond.range_2_label_asym_id 
_pdbx_struct_sheet_hbond.range_2_label_seq_id 
_pdbx_struct_sheet_hbond.range_2_PDB_ins_code 
_pdbx_struct_sheet_hbond.range_2_auth_atom_id 
_pdbx_struct_sheet_hbond.range_2_auth_comp_id 
_pdbx_struct_sheet_hbond.range_2_auth_asym_id 
_pdbx_struct_sheet_hbond.range_2_auth_seq_id 
AA1 1 2 N ASN A 44  ? N ASN A 44  O CYS A 84  ? O CYS A 84  
AA1 2 3 N ARG A 85  ? N ARG A 85  O LYS A 98  ? O LYS A 98  
AA2 1 2 N LYS A 61  ? N LYS A 61  O GLN A 74  ? O GLN A 74  
AA2 2 3 N TYR A 73  ? N TYR A 73  O VAL A 108 ? O VAL A 108 
AA2 3 4 N ALA A 109 ? N ALA A 109 O VAL A 118 ? O VAL A 118 
# 
_pdbx_entry_details.entry_id                   9JWD 
_pdbx_entry_details.nonpolymer_details         ? 
_pdbx_entry_details.sequence_details           ? 
_pdbx_entry_details.compound_details           ? 
_pdbx_entry_details.source_details             ? 
_pdbx_entry_details.has_ligand_of_interest     Y 
_pdbx_entry_details.has_protein_modification   Y 
# 
loop_
_pdbx_validate_close_contact.id 
_pdbx_validate_close_contact.PDB_model_num 
_pdbx_validate_close_contact.auth_atom_id_1 
_pdbx_validate_close_contact.auth_asym_id_1 
_pdbx_validate_close_contact.auth_comp_id_1 
_pdbx_validate_close_contact.auth_seq_id_1 
_pdbx_validate_close_contact.PDB_ins_code_1 
_pdbx_validate_close_contact.label_alt_id_1 
_pdbx_validate_close_contact.auth_atom_id_2 
_pdbx_validate_close_contact.auth_asym_id_2 
_pdbx_validate_close_contact.auth_comp_id_2 
_pdbx_validate_close_contact.auth_seq_id_2 
_pdbx_validate_close_contact.PDB_ins_code_2 
_pdbx_validate_close_contact.label_alt_id_2 
_pdbx_validate_close_contact.dist 
1 1 O A HOH 301 ? ? O A HOH 378 ? ? 2.00 
2 1 O A HOH 367 ? ? O A HOH 385 ? ? 2.03 
3 1 O A HOH 354 ? ? O A HOH 378 ? ? 2.14 
# 
loop_
_pdbx_validate_torsion.id 
_pdbx_validate_torsion.PDB_model_num 
_pdbx_validate_torsion.auth_comp_id 
_pdbx_validate_torsion.auth_asym_id 
_pdbx_validate_torsion.auth_seq_id 
_pdbx_validate_torsion.PDB_ins_code 
_pdbx_validate_torsion.label_alt_id 
_pdbx_validate_torsion.phi 
_pdbx_validate_torsion.psi 
1 1 LYS A 37 ? ? -69.45  -70.66  
2 1 GLN A 60 ? ? -95.48  -140.08 
3 1 ASN A 94 ? ? -106.15 77.31   
# 
_pdbx_struct_special_symmetry.id              1 
_pdbx_struct_special_symmetry.PDB_model_num   1 
_pdbx_struct_special_symmetry.auth_asym_id    A 
_pdbx_struct_special_symmetry.auth_comp_id    HOH 
_pdbx_struct_special_symmetry.auth_seq_id     390 
_pdbx_struct_special_symmetry.PDB_ins_code    ? 
_pdbx_struct_special_symmetry.label_asym_id   H 
_pdbx_struct_special_symmetry.label_comp_id   HOH 
_pdbx_struct_special_symmetry.label_seq_id    . 
# 
_pdbx_distant_solvent_atoms.id                                1 
_pdbx_distant_solvent_atoms.PDB_model_num                     1 
_pdbx_distant_solvent_atoms.auth_atom_id                      O 
_pdbx_distant_solvent_atoms.label_alt_id                      ? 
_pdbx_distant_solvent_atoms.auth_asym_id                      A 
_pdbx_distant_solvent_atoms.auth_comp_id                      HOH 
_pdbx_distant_solvent_atoms.auth_seq_id                       402 
_pdbx_distant_solvent_atoms.PDB_ins_code                      ? 
_pdbx_distant_solvent_atoms.neighbor_macromolecule_distance   7.37 
_pdbx_distant_solvent_atoms.neighbor_ligand_distance          . 
# 
loop_
_chem_comp_atom.comp_id 
_chem_comp_atom.atom_id 
_chem_comp_atom.type_symbol 
_chem_comp_atom.pdbx_aromatic_flag 
_chem_comp_atom.pdbx_stereo_config 
_chem_comp_atom.pdbx_ordinal 
ALA N    N  N N 1   
ALA CA   C  N S 2   
ALA C    C  N N 3   
ALA O    O  N N 4   
ALA CB   C  N N 5   
ALA OXT  O  N N 6   
ALA H    H  N N 7   
ALA H2   H  N N 8   
ALA HA   H  N N 9   
ALA HB1  H  N N 10  
ALA HB2  H  N N 11  
ALA HB3  H  N N 12  
ALA HXT  H  N N 13  
ARG N    N  N N 14  
ARG CA   C  N S 15  
ARG C    C  N N 16  
ARG O    O  N N 17  
ARG CB   C  N N 18  
ARG CG   C  N N 19  
ARG CD   C  N N 20  
ARG NE   N  N N 21  
ARG CZ   C  N N 22  
ARG NH1  N  N N 23  
ARG NH2  N  N N 24  
ARG OXT  O  N N 25  
ARG H    H  N N 26  
ARG H2   H  N N 27  
ARG HA   H  N N 28  
ARG HB2  H  N N 29  
ARG HB3  H  N N 30  
ARG HG2  H  N N 31  
ARG HG3  H  N N 32  
ARG HD2  H  N N 33  
ARG HD3  H  N N 34  
ARG HE   H  N N 35  
ARG HH11 H  N N 36  
ARG HH12 H  N N 37  
ARG HH21 H  N N 38  
ARG HH22 H  N N 39  
ARG HXT  H  N N 40  
ASN N    N  N N 41  
ASN CA   C  N S 42  
ASN C    C  N N 43  
ASN O    O  N N 44  
ASN CB   C  N N 45  
ASN CG   C  N N 46  
ASN OD1  O  N N 47  
ASN ND2  N  N N 48  
ASN OXT  O  N N 49  
ASN H    H  N N 50  
ASN H2   H  N N 51  
ASN HA   H  N N 52  
ASN HB2  H  N N 53  
ASN HB3  H  N N 54  
ASN HD21 H  N N 55  
ASN HD22 H  N N 56  
ASN HXT  H  N N 57  
ASP N    N  N N 58  
ASP CA   C  N S 59  
ASP C    C  N N 60  
ASP O    O  N N 61  
ASP CB   C  N N 62  
ASP CG   C  N N 63  
ASP OD1  O  N N 64  
ASP OD2  O  N N 65  
ASP OXT  O  N N 66  
ASP H    H  N N 67  
ASP H2   H  N N 68  
ASP HA   H  N N 69  
ASP HB2  H  N N 70  
ASP HB3  H  N N 71  
ASP HD2  H  N N 72  
ASP HXT  H  N N 73  
CL  CL   CL N N 74  
CYN C    C  N N 75  
CYN N    N  N N 76  
CYS N    N  N N 77  
CYS CA   C  N R 78  
CYS C    C  N N 79  
CYS O    O  N N 80  
CYS CB   C  N N 81  
CYS SG   S  N N 82  
CYS OXT  O  N N 83  
CYS H    H  N N 84  
CYS H2   H  N N 85  
CYS HA   H  N N 86  
CYS HB2  H  N N 87  
CYS HB3  H  N N 88  
CYS HG   H  N N 89  
CYS HXT  H  N N 90  
GLN N    N  N N 91  
GLN CA   C  N S 92  
GLN C    C  N N 93  
GLN O    O  N N 94  
GLN CB   C  N N 95  
GLN CG   C  N N 96  
GLN CD   C  N N 97  
GLN OE1  O  N N 98  
GLN NE2  N  N N 99  
GLN OXT  O  N N 100 
GLN H    H  N N 101 
GLN H2   H  N N 102 
GLN HA   H  N N 103 
GLN HB2  H  N N 104 
GLN HB3  H  N N 105 
GLN HG2  H  N N 106 
GLN HG3  H  N N 107 
GLN HE21 H  N N 108 
GLN HE22 H  N N 109 
GLN HXT  H  N N 110 
GLU N    N  N N 111 
GLU CA   C  N S 112 
GLU C    C  N N 113 
GLU O    O  N N 114 
GLU CB   C  N N 115 
GLU CG   C  N N 116 
GLU CD   C  N N 117 
GLU OE1  O  N N 118 
GLU OE2  O  N N 119 
GLU OXT  O  N N 120 
GLU H    H  N N 121 
GLU H2   H  N N 122 
GLU HA   H  N N 123 
GLU HB2  H  N N 124 
GLU HB3  H  N N 125 
GLU HG2  H  N N 126 
GLU HG3  H  N N 127 
GLU HE2  H  N N 128 
GLU HXT  H  N N 129 
GLY N    N  N N 130 
GLY CA   C  N N 131 
GLY C    C  N N 132 
GLY O    O  N N 133 
GLY OXT  O  N N 134 
GLY H    H  N N 135 
GLY H2   H  N N 136 
GLY HA2  H  N N 137 
GLY HA3  H  N N 138 
GLY HXT  H  N N 139 
GOL C1   C  N N 140 
GOL O1   O  N N 141 
GOL C2   C  N N 142 
GOL O2   O  N N 143 
GOL C3   C  N N 144 
GOL O3   O  N N 145 
GOL H11  H  N N 146 
GOL H12  H  N N 147 
GOL HO1  H  N N 148 
GOL H2   H  N N 149 
GOL HO2  H  N N 150 
GOL H31  H  N N 151 
GOL H32  H  N N 152 
GOL HO3  H  N N 153 
HIS N    N  N N 154 
HIS CA   C  N S 155 
HIS C    C  N N 156 
HIS O    O  N N 157 
HIS CB   C  N N 158 
HIS CG   C  Y N 159 
HIS ND1  N  Y N 160 
HIS CD2  C  Y N 161 
HIS CE1  C  Y N 162 
HIS NE2  N  Y N 163 
HIS OXT  O  N N 164 
HIS H    H  N N 165 
HIS H2   H  N N 166 
HIS HA   H  N N 167 
HIS HB2  H  N N 168 
HIS HB3  H  N N 169 
HIS HD1  H  N N 170 
HIS HD2  H  N N 171 
HIS HE1  H  N N 172 
HIS HE2  H  N N 173 
HIS HXT  H  N N 174 
HOH O    O  N N 175 
HOH H1   H  N N 176 
HOH H2   H  N N 177 
ILE N    N  N N 178 
ILE CA   C  N S 179 
ILE C    C  N N 180 
ILE O    O  N N 181 
ILE CB   C  N S 182 
ILE CG1  C  N N 183 
ILE CG2  C  N N 184 
ILE CD1  C  N N 185 
ILE OXT  O  N N 186 
ILE H    H  N N 187 
ILE H2   H  N N 188 
ILE HA   H  N N 189 
ILE HB   H  N N 190 
ILE HG12 H  N N 191 
ILE HG13 H  N N 192 
ILE HG21 H  N N 193 
ILE HG22 H  N N 194 
ILE HG23 H  N N 195 
ILE HD11 H  N N 196 
ILE HD12 H  N N 197 
ILE HD13 H  N N 198 
ILE HXT  H  N N 199 
LEU N    N  N N 200 
LEU CA   C  N S 201 
LEU C    C  N N 202 
LEU O    O  N N 203 
LEU CB   C  N N 204 
LEU CG   C  N N 205 
LEU CD1  C  N N 206 
LEU CD2  C  N N 207 
LEU OXT  O  N N 208 
LEU H    H  N N 209 
LEU H2   H  N N 210 
LEU HA   H  N N 211 
LEU HB2  H  N N 212 
LEU HB3  H  N N 213 
LEU HG   H  N N 214 
LEU HD11 H  N N 215 
LEU HD12 H  N N 216 
LEU HD13 H  N N 217 
LEU HD21 H  N N 218 
LEU HD22 H  N N 219 
LEU HD23 H  N N 220 
LEU HXT  H  N N 221 
LYS N    N  N N 222 
LYS CA   C  N S 223 
LYS C    C  N N 224 
LYS O    O  N N 225 
LYS CB   C  N N 226 
LYS CG   C  N N 227 
LYS CD   C  N N 228 
LYS CE   C  N N 229 
LYS NZ   N  N N 230 
LYS OXT  O  N N 231 
LYS H    H  N N 232 
LYS H2   H  N N 233 
LYS HA   H  N N 234 
LYS HB2  H  N N 235 
LYS HB3  H  N N 236 
LYS HG2  H  N N 237 
LYS HG3  H  N N 238 
LYS HD2  H  N N 239 
LYS HD3  H  N N 240 
LYS HE2  H  N N 241 
LYS HE3  H  N N 242 
LYS HZ1  H  N N 243 
LYS HZ2  H  N N 244 
LYS HZ3  H  N N 245 
LYS HXT  H  N N 246 
MET N    N  N N 247 
MET CA   C  N S 248 
MET C    C  N N 249 
MET O    O  N N 250 
MET CB   C  N N 251 
MET CG   C  N N 252 
MET SD   S  N N 253 
MET CE   C  N N 254 
MET OXT  O  N N 255 
MET H    H  N N 256 
MET H2   H  N N 257 
MET HA   H  N N 258 
MET HB2  H  N N 259 
MET HB3  H  N N 260 
MET HG2  H  N N 261 
MET HG3  H  N N 262 
MET HE1  H  N N 263 
MET HE2  H  N N 264 
MET HE3  H  N N 265 
MET HXT  H  N N 266 
PHE N    N  N N 267 
PHE CA   C  N S 268 
PHE C    C  N N 269 
PHE O    O  N N 270 
PHE CB   C  N N 271 
PHE CG   C  Y N 272 
PHE CD1  C  Y N 273 
PHE CD2  C  Y N 274 
PHE CE1  C  Y N 275 
PHE CE2  C  Y N 276 
PHE CZ   C  Y N 277 
PHE OXT  O  N N 278 
PHE H    H  N N 279 
PHE H2   H  N N 280 
PHE HA   H  N N 281 
PHE HB2  H  N N 282 
PHE HB3  H  N N 283 
PHE HD1  H  N N 284 
PHE HD2  H  N N 285 
PHE HE1  H  N N 286 
PHE HE2  H  N N 287 
PHE HZ   H  N N 288 
PHE HXT  H  N N 289 
PRO N    N  N N 290 
PRO CA   C  N S 291 
PRO C    C  N N 292 
PRO O    O  N N 293 
PRO CB   C  N N 294 
PRO CG   C  N N 295 
PRO CD   C  N N 296 
PRO OXT  O  N N 297 
PRO H    H  N N 298 
PRO HA   H  N N 299 
PRO HB2  H  N N 300 
PRO HB3  H  N N 301 
PRO HG2  H  N N 302 
PRO HG3  H  N N 303 
PRO HD2  H  N N 304 
PRO HD3  H  N N 305 
PRO HXT  H  N N 306 
SER N    N  N N 307 
SER CA   C  N S 308 
SER C    C  N N 309 
SER O    O  N N 310 
SER CB   C  N N 311 
SER OG   O  N N 312 
SER OXT  O  N N 313 
SER H    H  N N 314 
SER H2   H  N N 315 
SER HA   H  N N 316 
SER HB2  H  N N 317 
SER HB3  H  N N 318 
SER HG   H  N N 319 
SER HXT  H  N N 320 
SO4 S    S  N N 321 
SO4 O1   O  N N 322 
SO4 O2   O  N N 323 
SO4 O3   O  N N 324 
SO4 O4   O  N N 325 
THR N    N  N N 326 
THR CA   C  N S 327 
THR C    C  N N 328 
THR O    O  N N 329 
THR CB   C  N R 330 
THR OG1  O  N N 331 
THR CG2  C  N N 332 
THR OXT  O  N N 333 
THR H    H  N N 334 
THR H2   H  N N 335 
THR HA   H  N N 336 
THR HB   H  N N 337 
THR HG1  H  N N 338 
THR HG21 H  N N 339 
THR HG22 H  N N 340 
THR HG23 H  N N 341 
THR HXT  H  N N 342 
TYR N    N  N N 343 
TYR CA   C  N S 344 
TYR C    C  N N 345 
TYR O    O  N N 346 
TYR CB   C  N N 347 
TYR CG   C  Y N 348 
TYR CD1  C  Y N 349 
TYR CD2  C  Y N 350 
TYR CE1  C  Y N 351 
TYR CE2  C  Y N 352 
TYR CZ   C  Y N 353 
TYR OH   O  N N 354 
TYR OXT  O  N N 355 
TYR H    H  N N 356 
TYR H2   H  N N 357 
TYR HA   H  N N 358 
TYR HB2  H  N N 359 
TYR HB3  H  N N 360 
TYR HD1  H  N N 361 
TYR HD2  H  N N 362 
TYR HE1  H  N N 363 
TYR HE2  H  N N 364 
TYR HH   H  N N 365 
TYR HXT  H  N N 366 
VAL N    N  N N 367 
VAL CA   C  N S 368 
VAL C    C  N N 369 
VAL O    O  N N 370 
VAL CB   C  N N 371 
VAL CG1  C  N N 372 
VAL CG2  C  N N 373 
VAL OXT  O  N N 374 
VAL H    H  N N 375 
VAL H2   H  N N 376 
VAL HA   H  N N 377 
VAL HB   H  N N 378 
VAL HG11 H  N N 379 
VAL HG12 H  N N 380 
VAL HG13 H  N N 381 
VAL HG21 H  N N 382 
VAL HG22 H  N N 383 
VAL HG23 H  N N 384 
VAL HXT  H  N N 385 
# 
loop_
_chem_comp_bond.comp_id 
_chem_comp_bond.atom_id_1 
_chem_comp_bond.atom_id_2 
_chem_comp_bond.value_order 
_chem_comp_bond.pdbx_aromatic_flag 
_chem_comp_bond.pdbx_stereo_config 
_chem_comp_bond.pdbx_ordinal 
ALA N   CA   sing N N 1   
ALA N   H    sing N N 2   
ALA N   H2   sing N N 3   
ALA CA  C    sing N N 4   
ALA CA  CB   sing N N 5   
ALA CA  HA   sing N N 6   
ALA C   O    doub N N 7   
ALA C   OXT  sing N N 8   
ALA CB  HB1  sing N N 9   
ALA CB  HB2  sing N N 10  
ALA CB  HB3  sing N N 11  
ALA OXT HXT  sing N N 12  
ARG N   CA   sing N N 13  
ARG N   H    sing N N 14  
ARG N   H2   sing N N 15  
ARG CA  C    sing N N 16  
ARG CA  CB   sing N N 17  
ARG CA  HA   sing N N 18  
ARG C   O    doub N N 19  
ARG C   OXT  sing N N 20  
ARG CB  CG   sing N N 21  
ARG CB  HB2  sing N N 22  
ARG CB  HB3  sing N N 23  
ARG CG  CD   sing N N 24  
ARG CG  HG2  sing N N 25  
ARG CG  HG3  sing N N 26  
ARG CD  NE   sing N N 27  
ARG CD  HD2  sing N N 28  
ARG CD  HD3  sing N N 29  
ARG NE  CZ   sing N N 30  
ARG NE  HE   sing N N 31  
ARG CZ  NH1  sing N N 32  
ARG CZ  NH2  doub N N 33  
ARG NH1 HH11 sing N N 34  
ARG NH1 HH12 sing N N 35  
ARG NH2 HH21 sing N N 36  
ARG NH2 HH22 sing N N 37  
ARG OXT HXT  sing N N 38  
ASN N   CA   sing N N 39  
ASN N   H    sing N N 40  
ASN N   H2   sing N N 41  
ASN CA  C    sing N N 42  
ASN CA  CB   sing N N 43  
ASN CA  HA   sing N N 44  
ASN C   O    doub N N 45  
ASN C   OXT  sing N N 46  
ASN CB  CG   sing N N 47  
ASN CB  HB2  sing N N 48  
ASN CB  HB3  sing N N 49  
ASN CG  OD1  doub N N 50  
ASN CG  ND2  sing N N 51  
ASN ND2 HD21 sing N N 52  
ASN ND2 HD22 sing N N 53  
ASN OXT HXT  sing N N 54  
ASP N   CA   sing N N 55  
ASP N   H    sing N N 56  
ASP N   H2   sing N N 57  
ASP CA  C    sing N N 58  
ASP CA  CB   sing N N 59  
ASP CA  HA   sing N N 60  
ASP C   O    doub N N 61  
ASP C   OXT  sing N N 62  
ASP CB  CG   sing N N 63  
ASP CB  HB2  sing N N 64  
ASP CB  HB3  sing N N 65  
ASP CG  OD1  doub N N 66  
ASP CG  OD2  sing N N 67  
ASP OD2 HD2  sing N N 68  
ASP OXT HXT  sing N N 69  
CYN C   N    trip N N 70  
CYS N   CA   sing N N 71  
CYS N   H    sing N N 72  
CYS N   H2   sing N N 73  
CYS CA  C    sing N N 74  
CYS CA  CB   sing N N 75  
CYS CA  HA   sing N N 76  
CYS C   O    doub N N 77  
CYS C   OXT  sing N N 78  
CYS CB  SG   sing N N 79  
CYS CB  HB2  sing N N 80  
CYS CB  HB3  sing N N 81  
CYS SG  HG   sing N N 82  
CYS OXT HXT  sing N N 83  
GLN N   CA   sing N N 84  
GLN N   H    sing N N 85  
GLN N   H2   sing N N 86  
GLN CA  C    sing N N 87  
GLN CA  CB   sing N N 88  
GLN CA  HA   sing N N 89  
GLN C   O    doub N N 90  
GLN C   OXT  sing N N 91  
GLN CB  CG   sing N N 92  
GLN CB  HB2  sing N N 93  
GLN CB  HB3  sing N N 94  
GLN CG  CD   sing N N 95  
GLN CG  HG2  sing N N 96  
GLN CG  HG3  sing N N 97  
GLN CD  OE1  doub N N 98  
GLN CD  NE2  sing N N 99  
GLN NE2 HE21 sing N N 100 
GLN NE2 HE22 sing N N 101 
GLN OXT HXT  sing N N 102 
GLU N   CA   sing N N 103 
GLU N   H    sing N N 104 
GLU N   H2   sing N N 105 
GLU CA  C    sing N N 106 
GLU CA  CB   sing N N 107 
GLU CA  HA   sing N N 108 
GLU C   O    doub N N 109 
GLU C   OXT  sing N N 110 
GLU CB  CG   sing N N 111 
GLU CB  HB2  sing N N 112 
GLU CB  HB3  sing N N 113 
GLU CG  CD   sing N N 114 
GLU CG  HG2  sing N N 115 
GLU CG  HG3  sing N N 116 
GLU CD  OE1  doub N N 117 
GLU CD  OE2  sing N N 118 
GLU OE2 HE2  sing N N 119 
GLU OXT HXT  sing N N 120 
GLY N   CA   sing N N 121 
GLY N   H    sing N N 122 
GLY N   H2   sing N N 123 
GLY CA  C    sing N N 124 
GLY CA  HA2  sing N N 125 
GLY CA  HA3  sing N N 126 
GLY C   O    doub N N 127 
GLY C   OXT  sing N N 128 
GLY OXT HXT  sing N N 129 
GOL C1  O1   sing N N 130 
GOL C1  C2   sing N N 131 
GOL C1  H11  sing N N 132 
GOL C1  H12  sing N N 133 
GOL O1  HO1  sing N N 134 
GOL C2  O2   sing N N 135 
GOL C2  C3   sing N N 136 
GOL C2  H2   sing N N 137 
GOL O2  HO2  sing N N 138 
GOL C3  O3   sing N N 139 
GOL C3  H31  sing N N 140 
GOL C3  H32  sing N N 141 
GOL O3  HO3  sing N N 142 
HIS N   CA   sing N N 143 
HIS N   H    sing N N 144 
HIS N   H2   sing N N 145 
HIS CA  C    sing N N 146 
HIS CA  CB   sing N N 147 
HIS CA  HA   sing N N 148 
HIS C   O    doub N N 149 
HIS C   OXT  sing N N 150 
HIS CB  CG   sing N N 151 
HIS CB  HB2  sing N N 152 
HIS CB  HB3  sing N N 153 
HIS CG  ND1  sing Y N 154 
HIS CG  CD2  doub Y N 155 
HIS ND1 CE1  doub Y N 156 
HIS ND1 HD1  sing N N 157 
HIS CD2 NE2  sing Y N 158 
HIS CD2 HD2  sing N N 159 
HIS CE1 NE2  sing Y N 160 
HIS CE1 HE1  sing N N 161 
HIS NE2 HE2  sing N N 162 
HIS OXT HXT  sing N N 163 
HOH O   H1   sing N N 164 
HOH O   H2   sing N N 165 
ILE N   CA   sing N N 166 
ILE N   H    sing N N 167 
ILE N   H2   sing N N 168 
ILE CA  C    sing N N 169 
ILE CA  CB   sing N N 170 
ILE CA  HA   sing N N 171 
ILE C   O    doub N N 172 
ILE C   OXT  sing N N 173 
ILE CB  CG1  sing N N 174 
ILE CB  CG2  sing N N 175 
ILE CB  HB   sing N N 176 
ILE CG1 CD1  sing N N 177 
ILE CG1 HG12 sing N N 178 
ILE CG1 HG13 sing N N 179 
ILE CG2 HG21 sing N N 180 
ILE CG2 HG22 sing N N 181 
ILE CG2 HG23 sing N N 182 
ILE CD1 HD11 sing N N 183 
ILE CD1 HD12 sing N N 184 
ILE CD1 HD13 sing N N 185 
ILE OXT HXT  sing N N 186 
LEU N   CA   sing N N 187 
LEU N   H    sing N N 188 
LEU N   H2   sing N N 189 
LEU CA  C    sing N N 190 
LEU CA  CB   sing N N 191 
LEU CA  HA   sing N N 192 
LEU C   O    doub N N 193 
LEU C   OXT  sing N N 194 
LEU CB  CG   sing N N 195 
LEU CB  HB2  sing N N 196 
LEU CB  HB3  sing N N 197 
LEU CG  CD1  sing N N 198 
LEU CG  CD2  sing N N 199 
LEU CG  HG   sing N N 200 
LEU CD1 HD11 sing N N 201 
LEU CD1 HD12 sing N N 202 
LEU CD1 HD13 sing N N 203 
LEU CD2 HD21 sing N N 204 
LEU CD2 HD22 sing N N 205 
LEU CD2 HD23 sing N N 206 
LEU OXT HXT  sing N N 207 
LYS N   CA   sing N N 208 
LYS N   H    sing N N 209 
LYS N   H2   sing N N 210 
LYS CA  C    sing N N 211 
LYS CA  CB   sing N N 212 
LYS CA  HA   sing N N 213 
LYS C   O    doub N N 214 
LYS C   OXT  sing N N 215 
LYS CB  CG   sing N N 216 
LYS CB  HB2  sing N N 217 
LYS CB  HB3  sing N N 218 
LYS CG  CD   sing N N 219 
LYS CG  HG2  sing N N 220 
LYS CG  HG3  sing N N 221 
LYS CD  CE   sing N N 222 
LYS CD  HD2  sing N N 223 
LYS CD  HD3  sing N N 224 
LYS CE  NZ   sing N N 225 
LYS CE  HE2  sing N N 226 
LYS CE  HE3  sing N N 227 
LYS NZ  HZ1  sing N N 228 
LYS NZ  HZ2  sing N N 229 
LYS NZ  HZ3  sing N N 230 
LYS OXT HXT  sing N N 231 
MET N   CA   sing N N 232 
MET N   H    sing N N 233 
MET N   H2   sing N N 234 
MET CA  C    sing N N 235 
MET CA  CB   sing N N 236 
MET CA  HA   sing N N 237 
MET C   O    doub N N 238 
MET C   OXT  sing N N 239 
MET CB  CG   sing N N 240 
MET CB  HB2  sing N N 241 
MET CB  HB3  sing N N 242 
MET CG  SD   sing N N 243 
MET CG  HG2  sing N N 244 
MET CG  HG3  sing N N 245 
MET SD  CE   sing N N 246 
MET CE  HE1  sing N N 247 
MET CE  HE2  sing N N 248 
MET CE  HE3  sing N N 249 
MET OXT HXT  sing N N 250 
PHE N   CA   sing N N 251 
PHE N   H    sing N N 252 
PHE N   H2   sing N N 253 
PHE CA  C    sing N N 254 
PHE CA  CB   sing N N 255 
PHE CA  HA   sing N N 256 
PHE C   O    doub N N 257 
PHE C   OXT  sing N N 258 
PHE CB  CG   sing N N 259 
PHE CB  HB2  sing N N 260 
PHE CB  HB3  sing N N 261 
PHE CG  CD1  doub Y N 262 
PHE CG  CD2  sing Y N 263 
PHE CD1 CE1  sing Y N 264 
PHE CD1 HD1  sing N N 265 
PHE CD2 CE2  doub Y N 266 
PHE CD2 HD2  sing N N 267 
PHE CE1 CZ   doub Y N 268 
PHE CE1 HE1  sing N N 269 
PHE CE2 CZ   sing Y N 270 
PHE CE2 HE2  sing N N 271 
PHE CZ  HZ   sing N N 272 
PHE OXT HXT  sing N N 273 
PRO N   CA   sing N N 274 
PRO N   CD   sing N N 275 
PRO N   H    sing N N 276 
PRO CA  C    sing N N 277 
PRO CA  CB   sing N N 278 
PRO CA  HA   sing N N 279 
PRO C   O    doub N N 280 
PRO C   OXT  sing N N 281 
PRO CB  CG   sing N N 282 
PRO CB  HB2  sing N N 283 
PRO CB  HB3  sing N N 284 
PRO CG  CD   sing N N 285 
PRO CG  HG2  sing N N 286 
PRO CG  HG3  sing N N 287 
PRO CD  HD2  sing N N 288 
PRO CD  HD3  sing N N 289 
PRO OXT HXT  sing N N 290 
SER N   CA   sing N N 291 
SER N   H    sing N N 292 
SER N   H2   sing N N 293 
SER CA  C    sing N N 294 
SER CA  CB   sing N N 295 
SER CA  HA   sing N N 296 
SER C   O    doub N N 297 
SER C   OXT  sing N N 298 
SER CB  OG   sing N N 299 
SER CB  HB2  sing N N 300 
SER CB  HB3  sing N N 301 
SER OG  HG   sing N N 302 
SER OXT HXT  sing N N 303 
SO4 S   O1   doub N N 304 
SO4 S   O2   doub N N 305 
SO4 S   O3   sing N N 306 
SO4 S   O4   sing N N 307 
THR N   CA   sing N N 308 
THR N   H    sing N N 309 
THR N   H2   sing N N 310 
THR CA  C    sing N N 311 
THR CA  CB   sing N N 312 
THR CA  HA   sing N N 313 
THR C   O    doub N N 314 
THR C   OXT  sing N N 315 
THR CB  OG1  sing N N 316 
THR CB  CG2  sing N N 317 
THR CB  HB   sing N N 318 
THR OG1 HG1  sing N N 319 
THR CG2 HG21 sing N N 320 
THR CG2 HG22 sing N N 321 
THR CG2 HG23 sing N N 322 
THR OXT HXT  sing N N 323 
TYR N   CA   sing N N 324 
TYR N   H    sing N N 325 
TYR N   H2   sing N N 326 
TYR CA  C    sing N N 327 
TYR CA  CB   sing N N 328 
TYR CA  HA   sing N N 329 
TYR C   O    doub N N 330 
TYR C   OXT  sing N N 331 
TYR CB  CG   sing N N 332 
TYR CB  HB2  sing N N 333 
TYR CB  HB3  sing N N 334 
TYR CG  CD1  doub Y N 335 
TYR CG  CD2  sing Y N 336 
TYR CD1 CE1  sing Y N 337 
TYR CD1 HD1  sing N N 338 
TYR CD2 CE2  doub Y N 339 
TYR CD2 HD2  sing N N 340 
TYR CE1 CZ   doub Y N 341 
TYR CE1 HE1  sing N N 342 
TYR CE2 CZ   sing Y N 343 
TYR CE2 HE2  sing N N 344 
TYR CZ  OH   sing N N 345 
TYR OH  HH   sing N N 346 
TYR OXT HXT  sing N N 347 
VAL N   CA   sing N N 348 
VAL N   H    sing N N 349 
VAL N   H2   sing N N 350 
VAL CA  C    sing N N 351 
VAL CA  CB   sing N N 352 
VAL CA  HA   sing N N 353 
VAL C   O    doub N N 354 
VAL C   OXT  sing N N 355 
VAL CB  CG1  sing N N 356 
VAL CB  CG2  sing N N 357 
VAL CB  HB   sing N N 358 
VAL CG1 HG11 sing N N 359 
VAL CG1 HG12 sing N N 360 
VAL CG1 HG13 sing N N 361 
VAL CG2 HG21 sing N N 362 
VAL CG2 HG22 sing N N 363 
VAL CG2 HG23 sing N N 364 
VAL OXT HXT  sing N N 365 
# 
_pdbx_audit_support.funding_organization   'Not funded' 
_pdbx_audit_support.country                ? 
_pdbx_audit_support.grant_number           ? 
_pdbx_audit_support.ordinal                1 
# 
_pdbx_initial_refinement_model.id               1 
_pdbx_initial_refinement_model.entity_id_list   ? 
_pdbx_initial_refinement_model.type             'experimental model' 
_pdbx_initial_refinement_model.source_name      PDB 
_pdbx_initial_refinement_model.accession_code   1EIC 
_pdbx_initial_refinement_model.details          ? 
# 
_atom_sites.entry_id                    9JWD 
_atom_sites.Cartn_transf_matrix[1][1]   ? 
_atom_sites.Cartn_transf_matrix[1][2]   ? 
_atom_sites.Cartn_transf_matrix[1][3]   ? 
_atom_sites.Cartn_transf_matrix[2][1]   ? 
_atom_sites.Cartn_transf_matrix[2][2]   ? 
_atom_sites.Cartn_transf_matrix[2][3]   ? 
_atom_sites.Cartn_transf_matrix[3][1]   ? 
_atom_sites.Cartn_transf_matrix[3][2]   ? 
_atom_sites.Cartn_transf_matrix[3][3]   ? 
_atom_sites.Cartn_transf_vector[1]      ? 
_atom_sites.Cartn_transf_vector[2]      ? 
_atom_sites.Cartn_transf_vector[3]      ? 
_atom_sites.Cartn_transform_axes        ? 
_atom_sites.fract_transf_matrix[1][1]   0.00723215 
_atom_sites.fract_transf_matrix[1][2]   0.01586431 
_atom_sites.fract_transf_matrix[1][3]   -0.00426819 
_atom_sites.fract_transf_matrix[2][1]   -0.01057760 
_atom_sites.fract_transf_matrix[2][2]   0.01368789 
_atom_sites.fract_transf_matrix[2][3]   -0.00479151 
_atom_sites.fract_transf_matrix[3][1]   -0.00098349 
_atom_sites.fract_transf_matrix[3][2]   0.00446142 
_atom_sites.fract_transf_matrix[3][3]   0.01491605 
_atom_sites.fract_transf_vector[1]      -0.331864 
_atom_sites.fract_transf_vector[2]      0.158652 
_atom_sites.fract_transf_vector[3]      0.072729 
_atom_sites.solution_primary            ? 
_atom_sites.solution_secondary          ? 
_atom_sites.solution_hydrogens          ? 
_atom_sites.special_details             ? 
# 
loop_
_atom_type.symbol 
C  
CL 
N  
O  
S  
# 
loop_
_atom_site.group_PDB 
_atom_site.id 
_atom_site.type_symbol 
_atom_site.label_atom_id 
_atom_site.label_alt_id 
_atom_site.label_comp_id 
_atom_site.label_asym_id 
_atom_site.label_entity_id 
_atom_site.label_seq_id 
_atom_site.pdbx_PDB_ins_code 
_atom_site.Cartn_x 
_atom_site.Cartn_y 
_atom_site.Cartn_z 
_atom_site.occupancy 
_atom_site.B_iso_or_equiv 
_atom_site.pdbx_formal_charge 
_atom_site.auth_seq_id 
_atom_site.auth_comp_id 
_atom_site.auth_asym_id 
_atom_site.auth_atom_id 
_atom_site.pdbx_PDB_model_num 
ATOM   1    N  N   . LYS A 1 1   ? 6.507   16.999  -10.578 1.00 32.71 ? 1   LYS A N   1 
ATOM   2    C  CA  . LYS A 1 1   ? 6.764   16.250  -9.326  1.00 30.62 ? 1   LYS A CA  1 
ATOM   3    C  C   . LYS A 1 1   ? 5.418   15.783  -8.761  1.00 27.65 ? 1   LYS A C   1 
ATOM   4    O  O   . LYS A 1 1   ? 4.570   16.665  -8.510  1.00 34.18 ? 1   LYS A O   1 
ATOM   5    C  CB  . LYS A 1 1   ? 7.517   17.162  -8.351  1.00 32.41 ? 1   LYS A CB  1 
ATOM   6    C  CG  . LYS A 1 1   ? 7.777   16.595  -6.960  1.00 34.79 ? 1   LYS A CG  1 
ATOM   7    C  CD  . LYS A 1 1   ? 8.355   15.192  -6.953  1.00 34.98 ? 1   LYS A CD  1 
ATOM   8    C  CE  . LYS A 1 1   ? 8.942   14.797  -5.611  1.00 37.63 ? 1   LYS A CE  1 
ATOM   9    N  NZ  . LYS A 1 1   ? 10.176  15.556  -5.281  1.00 38.54 ? 1   LYS A NZ  1 
ATOM   10   N  N   . GLU A 1 2   ? 5.226   14.472  -8.575  1.00 21.37 ? 2   GLU A N   1 
ATOM   11   C  CA  . GLU A 1 2   ? 4.057   13.868  -7.872  1.00 17.95 ? 2   GLU A CA  1 
ATOM   12   C  C   . GLU A 1 2   ? 4.011   14.380  -6.426  1.00 16.06 ? 2   GLU A C   1 
ATOM   13   O  O   . GLU A 1 2   ? 5.083   14.504  -5.822  1.00 16.56 ? 2   GLU A O   1 
ATOM   14   C  CB  . GLU A 1 2   ? 4.182   12.341  -7.874  1.00 17.36 ? 2   GLU A CB  1 
ATOM   15   C  CG  . GLU A 1 2   ? 2.879   11.609  -7.603  1.00 16.54 ? 2   GLU A CG  1 
ATOM   16   C  CD  . GLU A 1 2   ? 2.940   10.112  -7.862  1.00 16.03 ? 2   GLU A CD  1 
ATOM   17   O  OE1 . GLU A 1 2   ? 4.016   9.522   -7.665  1.00 14.00 ? 2   GLU A OE1 1 
ATOM   18   O  OE2 . GLU A 1 2   ? 1.892   9.533   -8.267  1.00 15.51 ? 2   GLU A OE2 1 
ATOM   19   N  N   . THR A 1 3   ? 2.831   14.671  -5.883  1.00 13.22 ? 3   THR A N   1 
ATOM   20   C  CA  . THR A 1 3   ? 2.666   14.986  -4.443  1.00 12.33 ? 3   THR A CA  1 
ATOM   21   C  C   . THR A 1 3   ? 2.774   13.688  -3.633  1.00 11.60 ? 3   THR A C   1 
ATOM   22   O  O   . THR A 1 3   ? 2.558   12.614  -4.221  1.00 10.88 ? 3   THR A O   1 
ATOM   23   C  CB  . THR A 1 3   ? 1.318   15.641  -4.127  1.00 12.12 ? 3   THR A CB  1 
ATOM   24   O  OG1 . THR A 1 3   ? 0.344   14.614  -4.269  1.00 11.67 ? 3   THR A OG1 1 
ATOM   25   C  CG2 . THR A 1 3   ? 0.986   16.817  -5.024  1.00 12.56 ? 3   THR A CG2 1 
ATOM   26   N  N   . ALA A 1 4   ? 3.037   13.797  -2.326  1.00 10.35 ? 4   ALA A N   1 
ATOM   27   C  CA  . ALA A 1 4   ? 3.165   12.651  -1.398  1.00 9.92  ? 4   ALA A CA  1 
ATOM   28   C  C   . ALA A 1 4   ? 1.831   11.888  -1.348  1.00 9.67  ? 4   ALA A C   1 
ATOM   29   O  O   . ALA A 1 4   ? 1.853   10.644  -1.325  1.00 9.23  ? 4   ALA A O   1 
ATOM   30   C  CB  . ALA A 1 4   ? 3.606   13.132  -0.036  1.00 9.58  ? 4   ALA A CB  1 
ATOM   31   N  N   . ALA A 1 5   ? 0.709   12.610  -1.361  1.00 9.48  ? 5   ALA A N   1 
ATOM   32   C  CA  . ALA A 1 5   ? -0.656  12.045  -1.312  1.00 9.38  ? 5   ALA A CA  1 
ATOM   33   C  C   . ALA A 1 5   ? -0.949  11.297  -2.617  1.00 9.08  ? 5   ALA A C   1 
ATOM   34   O  O   . ALA A 1 5   ? -1.420  10.175  -2.546  1.00 9.48  ? 5   ALA A O   1 
ATOM   35   C  CB  . ALA A 1 5   ? -1.655  13.149  -1.037  1.00 9.37  ? 5   ALA A CB  1 
ATOM   36   N  N   . ALA A 1 6   ? -0.668  11.888  -3.770  1.00 8.95  ? 6   ALA A N   1 
ATOM   37   C  CA  . ALA A 1 6   ? -0.988  11.304  -5.085  1.00 8.99  ? 6   ALA A CA  1 
ATOM   38   C  C   . ALA A 1 6   ? -0.152  10.038  -5.268  1.00 9.17  ? 6   ALA A C   1 
ATOM   39   O  O   . ALA A 1 6   ? -0.645  9.044   -5.843  1.00 8.94  ? 6   ALA A O   1 
ATOM   40   C  CB  . ALA A 1 6   ? -0.727  12.310  -6.169  1.00 9.15  ? 6   ALA A CB  1 
ATOM   41   N  N   . LYS A 1 7   ? 1.074   10.062  -4.756  1.00 9.58  ? 7   LYS A N   1 
ATOM   42   C  CA  . LYS A 1 7   ? 1.994   8.904   -4.812  1.00 9.85  ? 7   LYS A CA  1 
ATOM   43   C  C   . LYS A 1 7   ? 1.465   7.780   -3.913  1.00 9.43  ? 7   LYS A C   1 
ATOM   44   O  O   . LYS A 1 7   ? 1.504   6.628   -4.352  1.00 8.96  ? 7   LYS A O   1 
ATOM   45   C  CB  . LYS A 1 7   ? 3.400   9.313   -4.398  1.00 10.74 ? 7   LYS A CB  1 
ATOM   46   C  CG  . LYS A 1 7   ? 4.389   8.166   -4.451  1.00 11.62 ? 7   LYS A CG  1 
ATOM   47   C  CD  . LYS A 1 7   ? 5.778   8.572   -4.075  1.00 12.57 ? 7   LYS A CD  1 
ATOM   48   C  CE  . LYS A 1 7   ? 6.749   7.416   -4.184  1.00 14.07 ? 7   LYS A CE  1 
ATOM   49   N  NZ  . LYS A 1 7   ? 8.113   7.829   -3.763  1.00 14.92 ? 7   LYS A NZ  1 
ATOM   50   N  N   . PHE A 1 8   ? 0.978   8.102   -2.708  1.00 8.90  ? 8   PHE A N   1 
ATOM   51   C  CA  . PHE A 1 8   ? 0.347   7.116   -1.793  1.00 8.65  ? 8   PHE A CA  1 
ATOM   52   C  C   . PHE A 1 8   ? -0.817  6.414   -2.505  1.00 8.56  ? 8   PHE A C   1 
ATOM   53   O  O   . PHE A 1 8   ? -1.000  5.172   -2.382  1.00 8.29  ? 8   PHE A O   1 
ATOM   54   C  CB  . PHE A 1 8   ? -0.150  7.776   -0.508  1.00 8.49  ? 8   PHE A CB  1 
ATOM   55   C  CG  . PHE A 1 8   ? -0.779  6.761   0.407   1.00 8.63  ? 8   PHE A CG  1 
ATOM   56   C  CD1 . PHE A 1 8   ? -2.119  6.432   0.277   1.00 8.51  ? 8   PHE A CD1 1 
ATOM   57   C  CD2 . PHE A 1 8   ? 0.008   6.034   1.290   1.00 8.60  ? 8   PHE A CD2 1 
ATOM   58   C  CE1 . PHE A 1 8   ? -2.679  5.459   1.081   1.00 8.59  ? 8   PHE A CE1 1 
ATOM   59   C  CE2 . PHE A 1 8   ? -0.555  5.049   2.083   1.00 8.64  ? 8   PHE A CE2 1 
ATOM   60   C  CZ  . PHE A 1 8   ? -1.899  4.772   1.983   1.00 8.65  ? 8   PHE A CZ  1 
ATOM   61   N  N   . GLU A 1 9   ? -1.603  7.209   -3.233  1.00 8.55  ? 9   GLU A N   1 
ATOM   62   C  CA  . GLU A 1 9   ? -2.808  6.751   -3.974  1.00 8.57  ? 9   GLU A CA  1 
ATOM   63   C  C   . GLU A 1 9   ? -2.390  5.767   -5.070  1.00 8.35  ? 9   GLU A C   1 
ATOM   64   O  O   . GLU A 1 9   ? -2.959  4.646   -5.149  1.00 8.42  ? 9   GLU A O   1 
ATOM   65   C  CB  . GLU A 1 9   ? -3.538  7.975   -4.547  1.00 9.00  ? 9   GLU A CB  1 
ATOM   66   C  CG  . GLU A 1 9   ? -4.183  8.848   -3.468  1.00 8.82  ? 9   GLU A CG  1 
ATOM   67   C  CD  . GLU A 1 9   ? -4.751  10.174  -3.943  1.00 8.96  ? 9   GLU A CD  1 
ATOM   68   O  OE1 . GLU A 1 9   ? -4.602  10.499  -5.154  1.00 8.83  ? 9   GLU A OE1 1 
ATOM   69   O  OE2 . GLU A 1 9   ? -5.373  10.867  -3.090  1.00 8.82  ? 9   GLU A OE2 1 
ATOM   70   N  N   . ARG A 1 10  ? -1.420  6.169   -5.885  1.00 8.17  ? 10  ARG A N   1 
ATOM   71   C  CA  . ARG A 1 10  ? -0.908  5.357   -7.015  1.00 8.06  ? 10  ARG A CA  1 
ATOM   72   C  C   . ARG A 1 10  ? -0.327  4.044   -6.477  1.00 7.71  ? 10  ARG A C   1 
ATOM   73   O  O   . ARG A 1 10  ? -0.640  2.999   -7.047  1.00 7.28  ? 10  ARG A O   1 
ATOM   74   C  CB  . ARG A 1 10  ? 0.114   6.162   -7.817  1.00 8.13  ? 10  ARG A CB  1 
ATOM   75   C  CG  . ARG A 1 10  ? 0.737   5.383   -8.962  1.00 8.19  ? 10  ARG A CG  1 
ATOM   76   C  CD  . ARG A 1 10  ? 1.619   6.246   -9.832  1.00 8.27  ? 10  ARG A CD  1 
ATOM   77   N  NE  . ARG A 1 10  ? 2.701   6.819   -9.055  1.00 8.66  ? 10  ARG A NE  1 
ATOM   78   C  CZ  . ARG A 1 10  ? 3.867   6.222   -8.770  1.00 8.97  ? 10  ARG A CZ  1 
ATOM   79   N  NH1 . ARG A 1 10  ? 4.142   5.008   -9.220  1.00 8.81  ? 10  ARG A NH1 1 
ATOM   80   N  NH2 . ARG A 1 10  ? 4.763   6.857   -8.024  1.00 9.21  ? 10  ARG A NH2 1 
ATOM   81   N  N   . GLN A 1 11  ? 0.467   4.098   -5.411  1.00 7.38  ? 11  GLN A N   1 
ATOM   82   C  CA  . GLN A 1 11  ? 1.211   2.918   -4.905  1.00 7.33  ? 11  GLN A CA  1 
ATOM   83   C  C   . GLN A 1 11  ? 0.289   2.002   -4.094  1.00 7.05  ? 11  GLN A C   1 
ATOM   84   O  O   . GLN A 1 11  ? 0.497   0.784   -4.144  1.00 6.70  ? 11  GLN A O   1 
ATOM   85   C  CB  . GLN A 1 11  ? 2.397   3.356   -4.053  1.00 7.60  ? 11  GLN A CB  1 
ATOM   86   C  CG  . GLN A 1 11  ? 3.481   4.064   -4.851  1.00 7.80  ? 11  GLN A CG  1 
ATOM   87   C  CD  . GLN A 1 11  ? 4.767   4.163   -4.070  1.00 8.15  ? 11  GLN A CD  1 
ATOM   88   O  OE1 . GLN A 1 11  ? 4.772   4.561   -2.912  1.00 8.65  ? 11  GLN A OE1 1 
ATOM   89   N  NE2 . GLN A 1 11  ? 5.879   3.815   -4.694  1.00 8.65  ? 11  GLN A NE2 1 
ATOM   90   N  N   . HIS A 1 12  ? -0.692  2.546   -3.369  1.00 7.03  ? 12  HIS A N   1 
ATOM   91   C  CA  . HIS A 1 12  ? -1.351  1.777   -2.274  1.00 7.13  ? 12  HIS A CA  1 
ATOM   92   C  C   . HIS A 1 12  ? -2.866  1.579   -2.467  1.00 7.34  ? 12  HIS A C   1 
ATOM   93   O  O   . HIS A 1 12  ? -3.363  0.637   -1.841  1.00 7.18  ? 12  HIS A O   1 
ATOM   94   C  CB  . HIS A 1 12  ? -0.921  2.361   -0.925  1.00 7.08  ? 12  HIS A CB  1 
ATOM   95   C  CG  . HIS A 1 12  ? 0.558   2.296   -0.737  1.00 7.08  ? 12  HIS A CG  1 
ATOM   96   N  ND1 . HIS A 1 12  ? 1.250   1.099   -0.749  1.00 7.02  ? 12  HIS A ND1 1 
ATOM   97   C  CD2 . HIS A 1 12  ? 1.484   3.263   -0.569  1.00 7.26  ? 12  HIS A CD2 1 
ATOM   98   C  CE1 . HIS A 1 12  ? 2.533   1.327   -0.555  1.00 7.05  ? 12  HIS A CE1 1 
ATOM   99   N  NE2 . HIS A 1 12  ? 2.706   2.647   -0.444  1.00 7.27  ? 12  HIS A NE2 1 
ATOM   100  N  N   . MET A 1 13  ? -3.564  2.332   -3.335  1.00 7.64  ? 13  MET A N   1 
ATOM   101  C  CA  . MET A 1 13  ? -5.054  2.229   -3.439  1.00 8.14  ? 13  MET A CA  1 
ATOM   102  C  C   . MET A 1 13  ? -5.488  1.292   -4.590  1.00 8.70  ? 13  MET A C   1 
ATOM   103  O  O   . MET A 1 13  ? -5.042  1.453   -5.719  1.00 8.56  ? 13  MET A O   1 
ATOM   104  C  CB  . MET A 1 13  ? -5.683  3.613   -3.620  1.00 7.86  ? 13  MET A CB  1 
ATOM   105  C  CG  . MET A 1 13  ? -5.531  4.523   -2.413  1.00 7.62  ? 13  MET A CG  1 
ATOM   106  S  SD  . MET A 1 13  ? -6.189  3.817   -0.896  1.00 7.53  ? 13  MET A SD  1 
ATOM   107  C  CE  . MET A 1 13  ? -7.830  3.351   -1.423  1.00 7.62  ? 13  MET A CE  1 
ATOM   108  N  N   . ASP A 1 14  ? -6.318  0.297   -4.295  1.00 9.92  ? 14  ASP A N   1 
ATOM   109  C  CA  . ASP A 1 14  ? -7.008  -0.520  -5.324  1.00 10.86 ? 14  ASP A CA  1 
ATOM   110  C  C   . ASP A 1 14  ? -8.445  -0.736  -4.888  1.00 11.24 ? 14  ASP A C   1 
ATOM   111  O  O   . ASP A 1 14  ? -8.787  -1.883  -4.543  1.00 11.41 ? 14  ASP A O   1 
ATOM   112  C  CB  . ASP A 1 14  ? -6.388  -1.898  -5.579  1.00 11.84 ? 14  ASP A CB  1 
ATOM   113  C  CG  . ASP A 1 14  ? -7.081  -2.609  -6.735  1.00 12.08 ? 14  ASP A CG  1 
ATOM   114  O  OD1 . ASP A 1 14  ? -6.866  -3.799  -6.909  1.00 11.98 ? 14  ASP A OD1 1 
ATOM   115  O  OD2 . ASP A 1 14  ? -7.868  -1.950  -7.440  1.00 13.70 ? 14  ASP A OD2 1 
ATOM   116  N  N   . SER A 1 15  ? -9.244  0.323   -4.989  1.00 11.41 ? 15  SER A N   1 
ATOM   117  C  CA  . SER A 1 15  ? -10.670 0.338   -4.592  1.00 12.45 ? 15  SER A CA  1 
ATOM   118  C  C   . SER A 1 15  ? -11.534 -0.390  -5.638  1.00 13.12 ? 15  SER A C   1 
ATOM   119  O  O   . SER A 1 15  ? -12.702 -0.585  -5.338  1.00 13.19 ? 15  SER A O   1 
ATOM   120  C  CB  . SER A 1 15  ? -11.158 1.762   -4.351  1.00 12.17 ? 15  SER A CB  1 
ATOM   121  O  OG  . SER A 1 15  ? -10.258 2.485   -3.522  1.00 11.17 ? 15  SER A OG  1 
ATOM   122  N  N   . SER A 1 16  ? -10.987 -0.781  -6.798  1.00 13.91 ? 16  SER A N   1 
ATOM   123  C  CA  . SER A 1 16  ? -11.753 -1.339  -7.945  1.00 14.82 ? 16  SER A CA  1 
ATOM   124  C  C   . SER A 1 16  ? -12.065 -2.827  -7.729  1.00 15.57 ? 16  SER A C   1 
ATOM   125  O  O   . SER A 1 16  ? -13.007 -3.318  -8.347  1.00 15.38 ? 16  SER A O   1 
ATOM   126  C  CB  . SER A 1 16  ? -11.020 -1.122  -9.253  1.00 15.41 ? 16  SER A CB  1 
ATOM   127  O  OG  . SER A 1 16  ? -10.031 -2.132  -9.485  1.00 15.45 ? 16  SER A OG  1 
ATOM   128  N  N   . THR A 1 17  ? -11.282 -3.536  -6.913  1.00 17.39 ? 17  THR A N   1 
ATOM   129  C  CA  . THR A 1 17  ? -11.495 -4.976  -6.589  1.00 17.81 ? 17  THR A CA  1 
ATOM   130  C  C   . THR A 1 17  ? -11.545 -5.125  -5.075  1.00 17.30 ? 17  THR A C   1 
ATOM   131  O  O   . THR A 1 17  ? -10.818 -4.394  -4.400  1.00 17.29 ? 17  THR A O   1 
ATOM   132  C  CB  . THR A 1 17  ? -10.376 -5.868  -7.135  1.00 18.44 ? 17  THR A CB  1 
ATOM   133  O  OG1 . THR A 1 17  ? -9.162  -5.473  -6.492  1.00 17.81 ? 17  THR A OG1 1 
ATOM   134  C  CG2 . THR A 1 17  ? -10.204 -5.750  -8.632  1.00 18.99 ? 17  THR A CG2 1 
ATOM   135  N  N   . SER A 1 18  ? -12.337 -6.075  -4.582  1.00 18.55 ? 18  SER A N   1 
ATOM   136  C  CA  . SER A 1 18  ? -12.504 -6.382  -3.136  1.00 19.49 ? 18  SER A CA  1 
ATOM   137  C  C   . SER A 1 18  ? -11.315 -7.199  -2.602  1.00 19.34 ? 18  SER A C   1 
ATOM   138  O  O   . SER A 1 18  ? -11.076 -7.166  -1.391  1.00 19.49 ? 18  SER A O   1 
ATOM   139  C  CB  . SER A 1 18  ? -13.828 -7.073  -2.888  1.00 20.13 ? 18  SER A CB  1 
ATOM   140  O  OG  . SER A 1 18  ? -13.816 -8.396  -3.394  1.00 22.57 ? 18  SER A OG  1 
ATOM   141  N  N   . ALA A 1 19  ? -10.591 -7.906  -3.471  1.00 20.77 ? 19  ALA A N   1 
ATOM   142  C  CA  . ALA A 1 19  ? -9.403  -8.715  -3.120  1.00 22.23 ? 19  ALA A CA  1 
ATOM   143  C  C   . ALA A 1 19  ? -8.719  -9.179  -4.405  1.00 23.22 ? 19  ALA A C   1 
ATOM   144  O  O   . ALA A 1 19  ? -9.425  -9.325  -5.418  1.00 23.25 ? 19  ALA A O   1 
ATOM   145  C  CB  . ALA A 1 19  ? -9.812  -9.900  -2.274  1.00 23.08 ? 19  ALA A CB  1 
ATOM   146  N  N   . ALA A 1 20  ? -7.397  -9.365  -4.353  1.00 24.18 ? 20  ALA A N   1 
ATOM   147  C  CA  . ALA A 1 20  ? -6.615  -10.171 -5.318  1.00 26.33 ? 20  ALA A CA  1 
ATOM   148  C  C   . ALA A 1 20  ? -7.305  -11.529 -5.497  1.00 28.58 ? 20  ALA A C   1 
ATOM   149  O  O   . ALA A 1 20  ? -7.305  -12.328 -4.544  1.00 31.94 ? 20  ALA A O   1 
ATOM   150  C  CB  . ALA A 1 20  ? -5.195  -10.330 -4.831  1.00 24.93 ? 20  ALA A CB  1 
ATOM   151  N  N   . SER A 1 21  ? -7.887  -11.777 -6.670  1.00 32.47 ? 21  SER A N   1 
ATOM   152  C  CA  . SER A 1 21  ? -8.585  -13.052 -6.987  1.00 32.82 ? 21  SER A CA  1 
ATOM   153  C  C   . SER A 1 21  ? -7.701  -13.951 -7.860  1.00 29.89 ? 21  SER A C   1 
ATOM   154  O  O   . SER A 1 21  ? -8.227  -14.973 -8.338  1.00 32.92 ? 21  SER A O   1 
ATOM   155  C  CB  . SER A 1 21  ? -9.924  -12.793 -7.625  1.00 34.03 ? 21  SER A CB  1 
ATOM   156  O  OG  . SER A 1 21  ? -9.754  -12.317 -8.950  1.00 37.64 ? 21  SER A OG  1 
ATOM   157  N  N   . SER A 1 22  ? -6.411  -13.622 -8.027  1.00 25.96 ? 22  SER A N   1 
ATOM   158  C  CA  . SER A 1 22  ? -5.423  -14.466 -8.755  1.00 23.41 ? 22  SER A CA  1 
ATOM   159  C  C   . SER A 1 22  ? -3.990  -14.162 -8.298  1.00 21.61 ? 22  SER A C   1 
ATOM   160  O  O   . SER A 1 22  ? -3.729  -13.023 -7.863  1.00 22.72 ? 22  SER A O   1 
ATOM   161  C  CB  . SER A 1 22  ? -5.555  -14.285 -10.235 1.00 23.07 ? 22  SER A CB  1 
ATOM   162  O  OG  . SER A 1 22  ? -4.419  -13.626 -10.764 1.00 23.67 ? 22  SER A OG  1 
ATOM   163  N  N   . SER A 1 23  ? -3.092  -15.142 -8.428  1.00 18.74 ? 23  SER A N   1 
ATOM   164  C  CA  . SER A 1 23  ? -1.641  -15.023 -8.124  1.00 18.07 ? 23  SER A CA  1 
ATOM   165  C  C   . SER A 1 23  ? -0.928  -14.046 -9.065  1.00 17.03 ? 23  SER A C   1 
ATOM   166  O  O   . SER A 1 23  ? 0.189   -13.672 -8.724  1.00 17.20 ? 23  SER A O   1 
ATOM   167  C  CB  . SER A 1 23  ? -0.954  -16.363 -8.185  1.00 18.08 ? 23  SER A CB  1 
ATOM   168  O  OG  . SER A 1 23  ? -1.101  -16.943 -9.468  1.00 17.11 ? 23  SER A OG  1 
ATOM   169  N  N   . ASN A 1 24  ? -1.497  -13.736 -10.222 1.00 16.35 ? 24  ASN A N   1 
ATOM   170  C  CA  . ASN A 1 24  ? -0.890  -12.760 -11.161 1.00 16.97 ? 24  ASN A CA  1 
ATOM   171  C  C   . ASN A 1 24  ? -1.210  -11.314 -10.756 1.00 15.98 ? 24  ASN A C   1 
ATOM   172  O  O   . ASN A 1 24  ? -0.571  -10.418 -11.307 1.00 16.24 ? 24  ASN A O   1 
ATOM   173  C  CB  . ASN A 1 24  ? -1.277  -13.042 -12.610 1.00 18.14 ? 24  ASN A CB  1 
ATOM   174  C  CG  . ASN A 1 24  ? -0.675  -14.346 -13.073 1.00 19.04 ? 24  ASN A CG  1 
ATOM   175  O  OD1 . ASN A 1 24  ? 0.547   -14.444 -13.223 1.00 20.28 ? 24  ASN A OD1 1 
ATOM   176  N  ND2 . ASN A 1 24  ? -1.500  -15.362 -13.269 1.00 19.22 ? 24  ASN A ND2 1 
ATOM   177  N  N   . TYR A 1 25  ? -2.170  -11.102 -9.860  1.00 14.50 ? 25  TYR A N   1 
ATOM   178  C  CA  . TYR A 1 25  ? -2.590  -9.754  -9.411  1.00 13.20 ? 25  TYR A CA  1 
ATOM   179  C  C   . TYR A 1 25  ? -1.371  -8.827  -9.203  1.00 12.24 ? 25  TYR A C   1 
ATOM   180  O  O   . TYR A 1 25  ? -1.412  -7.697  -9.705  1.00 12.10 ? 25  TYR A O   1 
ATOM   181  C  CB  . TYR A 1 25  ? -3.445  -9.863  -8.153  1.00 13.17 ? 25  TYR A CB  1 
ATOM   182  C  CG  . TYR A 1 25  ? -3.777  -8.515  -7.562  1.00 13.45 ? 25  TYR A CG  1 
ATOM   183  C  CD1 . TYR A 1 25  ? -2.925  -7.898  -6.664  1.00 13.02 ? 25  TYR A CD1 1 
ATOM   184  C  CD2 . TYR A 1 25  ? -4.936  -7.850  -7.927  1.00 13.25 ? 25  TYR A CD2 1 
ATOM   185  C  CE1 . TYR A 1 25  ? -3.238  -6.665  -6.124  1.00 13.81 ? 25  TYR A CE1 1 
ATOM   186  C  CE2 . TYR A 1 25  ? -5.257  -6.612  -7.404  1.00 13.40 ? 25  TYR A CE2 1 
ATOM   187  C  CZ  . TYR A 1 25  ? -4.407  -6.017  -6.497  1.00 13.45 ? 25  TYR A CZ  1 
ATOM   188  O  OH  . TYR A 1 25  ? -4.721  -4.793  -5.989  1.00 13.55 ? 25  TYR A OH  1 
ATOM   189  N  N   . CYS A 1 26  ? -0.319  -9.258  -8.498  1.00 11.82 ? 26  CYS A N   1 
ATOM   190  C  CA  . CYS A 1 26  ? 0.804   -8.366  -8.100  1.00 11.39 ? 26  CYS A CA  1 
ATOM   191  C  C   . CYS A 1 26  ? 1.645   -8.011  -9.333  1.00 11.66 ? 26  CYS A C   1 
ATOM   192  O  O   . CYS A 1 26  ? 1.871   -6.825  -9.551  1.00 12.09 ? 26  CYS A O   1 
ATOM   193  C  CB  . CYS A 1 26  ? 1.642   -8.962  -6.980  1.00 11.03 ? 26  CYS A CB  1 
ATOM   194  S  SG  . CYS A 1 26  ? 0.856   -8.760  -5.358  1.00 10.93 ? 26  CYS A SG  1 
ATOM   195  N  N   . ASN A 1 27  ? 2.035   -8.984  -10.144 1.00 11.79 ? 27  ASN A N   1 
ATOM   196  C  CA  . ASN A 1 27  ? 2.683   -8.753  -11.469 1.00 12.39 ? 27  ASN A CA  1 
ATOM   197  C  C   . ASN A 1 27  ? 1.940   -7.682  -12.264 1.00 13.34 ? 27  ASN A C   1 
ATOM   198  O  O   . ASN A 1 27  ? 2.592   -6.725  -12.708 1.00 12.72 ? 27  ASN A O   1 
ATOM   199  C  CB  . ASN A 1 27  ? 2.755   -10.034 -12.288 1.00 11.64 ? 27  ASN A CB  1 
ATOM   200  C  CG  . ASN A 1 27  ? 3.796   -10.964 -11.710 1.00 11.61 ? 27  ASN A CG  1 
ATOM   201  O  OD1 . ASN A 1 27  ? 4.775   -10.522 -11.122 1.00 10.77 ? 27  ASN A OD1 1 
ATOM   202  N  ND2 . ASN A 1 27  ? 3.550   -12.252 -11.806 1.00 11.66 ? 27  ASN A ND2 1 
ATOM   203  N  N   . GLN A 1 28  ? 0.626   -7.837  -12.413 1.00 15.28 ? 28  GLN A N   1 
ATOM   204  C  CA  . GLN A 1 28  ? -0.223  -6.915  -13.205 1.00 17.23 ? 28  GLN A CA  1 
ATOM   205  C  C   . GLN A 1 28  ? -0.195  -5.534  -12.544 1.00 16.05 ? 28  GLN A C   1 
ATOM   206  O  O   . GLN A 1 28  ? 0.042   -4.536  -13.236 1.00 15.21 ? 28  GLN A O   1 
ATOM   207  C  CB  . GLN A 1 28  ? -1.644  -7.468  -13.321 1.00 20.41 ? 28  GLN A CB  1 
ATOM   208  C  CG  . GLN A 1 28  ? -1.718  -8.772  -14.108 1.00 24.87 ? 28  GLN A CG  1 
ATOM   209  C  CD  . GLN A 1 28  ? -3.106  -9.377  -14.147 1.00 29.64 ? 28  GLN A CD  1 
ATOM   210  O  OE1 . GLN A 1 28  ? -4.107  -8.711  -13.877 1.00 33.67 ? 28  GLN A OE1 1 
ATOM   211  N  NE2 . GLN A 1 28  ? -3.182  -10.659 -14.484 1.00 30.35 ? 28  GLN A NE2 1 
ATOM   212  N  N   . MET A 1 29  ? -0.432  -5.465  -11.236 1.00 15.77 ? 29  MET A N   1 
ATOM   213  C  CA  . MET A 1 29  ? -0.690  -4.158  -10.580 1.00 14.97 ? 29  MET A CA  1 
ATOM   214  C  C   . MET A 1 29  ? 0.638   -3.423  -10.363 1.00 14.58 ? 29  MET A C   1 
ATOM   215  O  O   . MET A 1 29  ? 0.655   -2.184  -10.526 1.00 14.23 ? 29  MET A O   1 
ATOM   216  C  CB  . MET A 1 29  ? -1.453  -4.354  -9.271  1.00 15.30 ? 29  MET A CB  1 
ATOM   217  C  CG  . MET A 1 29  ? -2.932  -4.562  -9.480  1.00 15.49 ? 29  MET A CG  1 
ATOM   218  S  SD  . MET A 1 29  ? -3.804  -3.048  -9.928  1.00 16.52 ? 29  MET A SD  1 
ATOM   219  C  CE  . MET A 1 29  ? -3.680  -2.122  -8.402  1.00 17.11 ? 29  MET A CE  1 
ATOM   220  N  N   . MET A 1 30  ? 1.727   -4.142  -10.068 1.00 13.91 ? 30  MET A N   1 
ATOM   221  C  CA  . MET A 1 30  ? 3.058   -3.517  -9.850  1.00 14.08 ? 30  MET A CA  1 
ATOM   222  C  C   . MET A 1 30  ? 3.506   -2.809  -11.133 1.00 15.51 ? 30  MET A C   1 
ATOM   223  O  O   . MET A 1 30  ? 4.181   -1.747  -11.033 1.00 16.04 ? 30  MET A O   1 
ATOM   224  C  CB  . MET A 1 30  ? 4.107   -4.549  -9.428  1.00 13.24 ? 30  MET A CB  1 
ATOM   225  C  CG  . MET A 1 30  ? 3.887   -5.052  -8.005  1.00 13.28 ? 30  MET A CG  1 
ATOM   226  S  SD  . MET A 1 30  ? 3.845   -3.737  -6.782  1.00 12.48 ? 30  MET A SD  1 
ATOM   227  C  CE  . MET A 1 30  ? 5.559   -3.214  -6.777  1.00 12.56 ? 30  MET A CE  1 
ATOM   228  N  N   . LYS A 1 31  ? 3.155   -3.383  -12.289 1.00 16.46 ? 31  LYS A N   1 
ATOM   229  C  CA  . LYS A 1 31  ? 3.519   -2.845  -13.620 1.00 16.84 ? 31  LYS A CA  1 
ATOM   230  C  C   . LYS A 1 31  ? 2.591   -1.674  -13.962 1.00 15.96 ? 31  LYS A C   1 
ATOM   231  O  O   . LYS A 1 31  ? 3.111   -0.637  -14.376 1.00 16.57 ? 31  LYS A O   1 
ATOM   232  C  CB  . LYS A 1 31  ? 3.447   -3.937  -14.688 1.00 18.41 ? 31  LYS A CB  1 
ATOM   233  C  CG  . LYS A 1 31  ? 3.435   -3.411  -16.112 1.00 19.87 ? 31  LYS A CG  1 
ATOM   234  C  CD  . LYS A 1 31  ? 3.632   -4.477  -17.157 1.00 22.46 ? 31  LYS A CD  1 
ATOM   235  C  CE  . LYS A 1 31  ? 3.705   -3.882  -18.547 1.00 24.07 ? 31  LYS A CE  1 
ATOM   236  N  NZ  . LYS A 1 31  ? 4.897   -4.386  -19.267 1.00 26.36 ? 31  LYS A NZ  1 
ATOM   237  N  N   . SER A 1 32  ? 1.280   -1.837  -13.794 1.00 14.75 ? 32  SER A N   1 
ATOM   238  C  CA  . SER A 1 32  ? 0.260   -0.850  -14.222 1.00 14.70 ? 32  SER A CA  1 
ATOM   239  C  C   . SER A 1 32  ? 0.231   0.387   -13.312 1.00 14.45 ? 32  SER A C   1 
ATOM   240  O  O   . SER A 1 32  ? -0.304  1.411   -13.753 1.00 16.00 ? 32  SER A O   1 
ATOM   241  C  CB  . SER A 1 32  ? -1.093  -1.481  -14.322 1.00 14.49 ? 32  SER A CB  1 
ATOM   242  O  OG  . SER A 1 32  ? -1.537  -1.924  -13.060 1.00 14.56 ? 32  SER A OG  1 
ATOM   243  N  N   . ARG A 1 33  ? 0.774   0.315   -12.099 1.00 13.50 ? 33  ARG A N   1 
ATOM   244  C  CA  . ARG A 1 33  ? 0.930   1.486   -11.194 1.00 12.91 ? 33  ARG A CA  1 
ATOM   245  C  C   . ARG A 1 33  ? 2.344   2.030   -11.331 1.00 14.20 ? 33  ARG A C   1 
ATOM   246  O  O   . ARG A 1 33  ? 2.727   2.912   -10.540 1.00 13.86 ? 33  ARG A O   1 
ATOM   247  C  CB  . ARG A 1 33  ? 0.613   1.113   -9.747  1.00 11.48 ? 33  ARG A CB  1 
ATOM   248  C  CG  . ARG A 1 33  ? -0.865  0.850   -9.532  1.00 10.54 ? 33  ARG A CG  1 
ATOM   249  C  CD  . ARG A 1 33  ? -1.743  2.019   -9.936  1.00 9.75  ? 33  ARG A CD  1 
ATOM   250  N  NE  . ARG A 1 33  ? -3.118  1.638   -9.728  1.00 9.31  ? 33  ARG A NE  1 
ATOM   251  C  CZ  . ARG A 1 33  ? -3.790  1.775   -8.587  1.00 8.95  ? 33  ARG A CZ  1 
ATOM   252  N  NH1 . ARG A 1 33  ? -3.224  2.341   -7.537  1.00 8.87  ? 33  ARG A NH1 1 
ATOM   253  N  NH2 . ARG A 1 33  ? -5.043  1.363   -8.512  1.00 8.59  ? 33  ARG A NH2 1 
ATOM   254  N  N   . ASN A 1 34  ? 3.070   1.536   -12.336 1.00 16.11 ? 34  ASN A N   1 
ATOM   255  C  CA  . ASN A 1 34  ? 4.391   2.127   -12.680 1.00 17.83 ? 34  ASN A CA  1 
ATOM   256  C  C   . ASN A 1 34  ? 5.391   1.929   -11.543 1.00 18.47 ? 34  ASN A C   1 
ATOM   257  O  O   . ASN A 1 34  ? 6.195   2.822   -11.314 1.00 19.45 ? 34  ASN A O   1 
ATOM   258  C  CB  . ASN A 1 34  ? 4.221   3.560   -13.186 1.00 18.14 ? 34  ASN A CB  1 
ATOM   259  C  CG  . ASN A 1 34  ? 3.402   3.609   -14.455 1.00 18.81 ? 34  ASN A CG  1 
ATOM   260  O  OD1 . ASN A 1 34  ? 3.591   2.779   -15.349 1.00 20.73 ? 34  ASN A OD1 1 
ATOM   261  N  ND2 . ASN A 1 34  ? 2.482   4.554   -14.551 1.00 18.54 ? 34  ASN A ND2 1 
ATOM   262  N  N   . LEU A 1 35  ? 5.334   0.771   -10.904 1.00 18.55 ? 35  LEU A N   1 
ATOM   263  C  CA  . LEU A 1 35  ? 6.308   0.434   -9.837  1.00 18.85 ? 35  LEU A CA  1 
ATOM   264  C  C   . LEU A 1 35  ? 7.340   -0.572  -10.357 1.00 19.37 ? 35  LEU A C   1 
ATOM   265  O  O   . LEU A 1 35  ? 8.081   -1.112  -9.520  1.00 19.78 ? 35  LEU A O   1 
ATOM   266  C  CB  . LEU A 1 35  ? 5.553   -0.124  -8.628  1.00 18.94 ? 35  LEU A CB  1 
ATOM   267  C  CG  . LEU A 1 35  ? 4.400   0.741   -8.132  1.00 18.60 ? 35  LEU A CG  1 
ATOM   268  C  CD1 . LEU A 1 35  ? 3.642   0.040   -7.021  1.00 18.95 ? 35  LEU A CD1 1 
ATOM   269  C  CD2 . LEU A 1 35  ? 4.917   2.082   -7.666  1.00 18.70 ? 35  LEU A CD2 1 
ATOM   270  N  N   . THR A 1 36  ? 7.400   -0.818  -11.668 1.00 19.92 ? 36  THR A N   1 
ATOM   271  C  CA  . THR A 1 36  ? 8.468   -1.648  -12.289 1.00 22.07 ? 36  THR A CA  1 
ATOM   272  C  C   . THR A 1 36  ? 9.185   -0.856  -13.394 1.00 24.27 ? 36  THR A C   1 
ATOM   273  O  O   . THR A 1 36  ? 9.894   -1.487  -14.176 1.00 22.52 ? 36  THR A O   1 
ATOM   274  C  CB  . THR A 1 36  ? 7.912   -2.997  -12.778 1.00 21.01 ? 36  THR A CB  1 
ATOM   275  O  OG1 . THR A 1 36  ? 6.918   -2.835  -13.790 1.00 19.72 ? 36  THR A OG1 1 
ATOM   276  C  CG2 . THR A 1 36  ? 7.291   -3.811  -11.666 1.00 20.48 ? 36  THR A CG2 1 
ATOM   277  N  N   . LYS A 1 37  ? 9.039   0.476   -13.448 1.00 30.16 ? 37  LYS A N   1 
ATOM   278  C  CA  . LYS A 1 37  ? 9.599   1.310   -14.550 1.00 33.14 ? 37  LYS A CA  1 
ATOM   279  C  C   . LYS A 1 37  ? 11.123  1.342   -14.458 1.00 34.72 ? 37  LYS A C   1 
ATOM   280  O  O   . LYS A 1 37  ? 11.774  0.746   -15.327 1.00 34.01 ? 37  LYS A O   1 
ATOM   281  C  CB  . LYS A 1 37  ? 9.046   2.736   -14.541 1.00 37.55 ? 37  LYS A CB  1 
ATOM   282  C  CG  . LYS A 1 37  ? 7.756   2.915   -15.331 1.00 41.56 ? 37  LYS A CG  1 
ATOM   283  C  CD  . LYS A 1 37  ? 7.855   2.464   -16.772 1.00 44.81 ? 37  LYS A CD  1 
ATOM   284  C  CE  . LYS A 1 37  ? 6.501   2.170   -17.382 1.00 47.67 ? 37  LYS A CE  1 
ATOM   285  N  NZ  . LYS A 1 37  ? 5.737   3.419   -17.606 1.00 48.06 ? 37  LYS A NZ  1 
ATOM   286  N  N   . ASP A 1 38  ? 11.678  2.021   -13.459 1.00 34.92 ? 38  ASP A N   1 
ATOM   287  C  CA  . ASP A 1 38  ? 13.153  2.106   -13.304 1.00 37.59 ? 38  ASP A CA  1 
ATOM   288  C  C   . ASP A 1 38  ? 13.661  0.733   -12.862 1.00 35.69 ? 38  ASP A C   1 
ATOM   289  O  O   . ASP A 1 38  ? 14.302  0.061   -13.670 1.00 37.28 ? 38  ASP A O   1 
ATOM   290  C  CB  . ASP A 1 38  ? 13.556  3.224   -12.336 1.00 40.67 ? 38  ASP A CB  1 
ATOM   291  C  CG  . ASP A 1 38  ? 13.347  4.625   -12.898 1.00 43.55 ? 38  ASP A CG  1 
ATOM   292  O  OD1 . ASP A 1 38  ? 13.538  5.603   -12.125 1.00 46.78 ? 38  ASP A OD1 1 
ATOM   293  O  OD2 . ASP A 1 38  ? 12.987  4.731   -14.101 1.00 40.05 ? 38  ASP A OD2 1 
ATOM   294  N  N   . ARG A 1 39  ? 13.337  0.344   -11.629 1.00 32.92 ? 39  ARG A N   1 
ATOM   295  C  CA  . ARG A 1 39  ? 13.755  -0.924  -10.973 1.00 31.00 ? 39  ARG A CA  1 
ATOM   296  C  C   . ARG A 1 39  ? 12.497  -1.731  -10.630 1.00 27.00 ? 39  ARG A C   1 
ATOM   297  O  O   . ARG A 1 39  ? 11.385  -1.174  -10.775 1.00 26.25 ? 39  ARG A O   1 
ATOM   298  C  CB  . ARG A 1 39  ? 14.531  -0.619  -9.687  1.00 33.60 ? 39  ARG A CB  1 
ATOM   299  C  CG  . ARG A 1 39  ? 13.868  0.456   -8.833  1.00 36.57 ? 39  ARG A CG  1 
ATOM   300  C  CD  . ARG A 1 39  ? 13.897  0.255   -7.323  1.00 39.34 ? 39  ARG A CD  1 
ATOM   301  N  NE  . ARG A 1 39  ? 12.734  0.906   -6.711  1.00 38.28 ? 39  ARG A NE  1 
ATOM   302  C  CZ  . ARG A 1 39  ? 12.525  1.065   -5.405  1.00 38.88 ? 39  ARG A CZ  1 
ATOM   303  N  NH1 . ARG A 1 39  ? 13.405  0.631   -4.516  1.00 39.99 ? 39  ARG A NH1 1 
ATOM   304  N  NH2 . ARG A 1 39  ? 11.424  1.668   -4.990  1.00 38.80 ? 39  ARG A NH2 1 
ATOM   305  N  N   . CYS A 1 40  ? 12.662  -2.986  -10.190 1.00 22.36 ? 40  CYS A N   1 
ATOM   306  C  CA  . CYS A 1 40  ? 11.596  -3.781  -9.522  1.00 19.10 ? 40  CYS A CA  1 
ATOM   307  C  C   . CYS A 1 40  ? 11.451  -3.282  -8.088  1.00 16.74 ? 40  CYS A C   1 
ATOM   308  O  O   . CYS A 1 40  ? 12.420  -3.377  -7.332  1.00 15.70 ? 40  CYS A O   1 
ATOM   309  C  CB  . CYS A 1 40  ? 11.913  -5.265  -9.445  1.00 18.80 ? 40  CYS A CB  1 
ATOM   310  S  SG  . CYS A 1 40  ? 12.056  -6.091  -11.044 1.00 18.14 ? 40  CYS A SG  1 
ATOM   311  N  N   . LYS A 1 41  ? 10.287  -2.757  -7.726  1.00 14.99 ? 41  LYS A N   1 
ATOM   312  C  CA  . LYS A 1 41  ? 10.057  -2.309  -6.334  1.00 14.05 ? 41  LYS A CA  1 
ATOM   313  C  C   . LYS A 1 41  ? 9.868   -3.541  -5.460  1.00 13.05 ? 41  LYS A C   1 
ATOM   314  O  O   . LYS A 1 41  ? 9.004   -4.366  -5.730  1.00 12.67 ? 41  LYS A O   1 
ATOM   315  C  CB  . LYS A 1 41  ? 8.860   -1.376  -6.235  1.00 14.23 ? 41  LYS A CB  1 
ATOM   316  C  CG  . LYS A 1 41  ? 8.817   -0.637  -4.916  1.00 13.98 ? 41  LYS A CG  1 
ATOM   317  C  CD  . LYS A 1 41  ? 7.463   -0.135  -4.581  1.00 13.81 ? 41  LYS A CD  1 
ATOM   318  C  CE  . LYS A 1 41  ? 7.561   1.014   -3.618  1.00 13.58 ? 41  LYS A CE  1 
ATOM   319  N  NZ  . LYS A 1 41  ? 6.372   1.051   -2.757  1.00 13.60 ? 41  LYS A NZ  1 
ATOM   320  N  N   . PRO A 1 42  ? 10.690  -3.714  -4.406  1.00 12.34 ? 42  PRO A N   1 
ATOM   321  C  CA  . PRO A 1 42  ? 10.767  -4.998  -3.713  1.00 11.98 ? 42  PRO A CA  1 
ATOM   322  C  C   . PRO A 1 42  ? 9.454   -5.411  -3.028  1.00 11.35 ? 42  PRO A C   1 
ATOM   323  O  O   . PRO A 1 42  ? 9.051   -6.558  -3.156  1.00 11.41 ? 42  PRO A O   1 
ATOM   324  C  CB  . PRO A 1 42  ? 11.873  -4.803  -2.654  1.00 11.92 ? 42  PRO A CB  1 
ATOM   325  C  CG  . PRO A 1 42  ? 12.593  -3.536  -3.045  1.00 12.21 ? 42  PRO A CG  1 
ATOM   326  C  CD  . PRO A 1 42  ? 11.610  -2.711  -3.848  1.00 12.21 ? 42  PRO A CD  1 
ATOM   327  N  N   . VAL A 1 43  ? 8.841   -4.490  -2.286  1.00 10.65 ? 43  VAL A N   1 
ATOM   328  C  CA  . VAL A 1 43  ? 7.640   -4.775  -1.453  1.00 10.15 ? 43  VAL A CA  1 
ATOM   329  C  C   . VAL A 1 43  ? 6.629   -3.650  -1.657  1.00 9.76  ? 43  VAL A C   1 
ATOM   330  O  O   . VAL A 1 43  ? 7.042   -2.495  -1.699  1.00 9.38  ? 43  VAL A O   1 
ATOM   331  C  CB  . VAL A 1 43  ? 8.020   -4.916  0.032   1.00 10.27 ? 43  VAL A CB  1 
ATOM   332  C  CG1 . VAL A 1 43  ? 6.787   -4.954  0.930   1.00 10.23 ? 43  VAL A CG1 1 
ATOM   333  C  CG2 . VAL A 1 43  ? 8.897   -6.140  0.249   1.00 10.23 ? 43  VAL A CG2 1 
ATOM   334  N  N   . ASN A 1 44  ? 5.359   -4.019  -1.710  1.00 9.15  ? 44  ASN A N   1 
ATOM   335  C  CA  . ASN A 1 44  ? 4.274   -3.046  -1.920  1.00 8.97  ? 44  ASN A CA  1 
ATOM   336  C  C   . ASN A 1 44  ? 2.936   -3.636  -1.473  1.00 8.42  ? 44  ASN A C   1 
ATOM   337  O  O   . ASN A 1 44  ? 2.587   -4.725  -1.926  1.00 9.24  ? 44  ASN A O   1 
ATOM   338  C  CB  . ASN A 1 44  ? 4.224   -2.540  -3.364  1.00 9.05  ? 44  ASN A CB  1 
ATOM   339  C  CG  . ASN A 1 44  ? 3.357   -1.310  -3.495  1.00 9.26  ? 44  ASN A CG  1 
ATOM   340  O  OD1 . ASN A 1 44  ? 3.724   -0.237  -3.012  1.00 9.86  ? 44  ASN A OD1 1 
ATOM   341  N  ND2 . ASN A 1 44  ? 2.201   -1.446  -4.123  1.00 8.72  ? 44  ASN A ND2 1 
ATOM   342  N  N   . THR A 1 45  ? 2.212   -2.907  -0.646  1.00 7.84  ? 45  THR A N   1 
ATOM   343  C  CA  . THR A 1 45  ? 0.853   -3.293  -0.219  1.00 7.52  ? 45  THR A CA  1 
ATOM   344  C  C   . THR A 1 45  ? -0.183  -2.479  -0.991  1.00 7.01  ? 45  THR A C   1 
ATOM   345  O  O   . THR A 1 45  ? -0.018  -1.257  -1.082  1.00 6.76  ? 45  THR A O   1 
ATOM   346  C  CB  . THR A 1 45  ? 0.733   -3.155  1.299   1.00 7.58  ? 45  THR A CB  1 
ATOM   347  O  OG1 . THR A 1 45  ? 1.772   -4.042  1.695   1.00 7.89  ? 45  THR A OG1 1 
ATOM   348  C  CG2 . THR A 1 45  ? -0.611  -3.564  1.860   1.00 7.46  ? 45  THR A CG2 1 
ATOM   349  N  N   . PHE A 1 46  ? -1.196  -3.163  -1.527  1.00 6.70  ? 46  PHE A N   1 
ATOM   350  C  CA  . PHE A 1 46  ? -2.431  -2.546  -2.075  1.00 6.63  ? 46  PHE A CA  1 
ATOM   351  C  C   . PHE A 1 46  ? -3.575  -2.702  -1.062  1.00 6.68  ? 46  PHE A C   1 
ATOM   352  O  O   . PHE A 1 46  ? -3.707  -3.791  -0.458  1.00 6.52  ? 46  PHE A O   1 
ATOM   353  C  CB  . PHE A 1 46  ? -2.790  -3.183  -3.421  1.00 6.36  ? 46  PHE A CB  1 
ATOM   354  C  CG  . PHE A 1 46  ? -1.825  -2.840  -4.521  1.00 6.24  ? 46  PHE A CG  1 
ATOM   355  C  CD1 . PHE A 1 46  ? -1.860  -1.590  -5.118  1.00 6.08  ? 46  PHE A CD1 1 
ATOM   356  C  CD2 . PHE A 1 46  ? -0.856  -3.743  -4.921  1.00 6.11  ? 46  PHE A CD2 1 
ATOM   357  C  CE1 . PHE A 1 46  ? -0.951  -1.260  -6.107  1.00 6.22  ? 46  PHE A CE1 1 
ATOM   358  C  CE2 . PHE A 1 46  ? 0.049   -3.416  -5.916  1.00 6.18  ? 46  PHE A CE2 1 
ATOM   359  C  CZ  . PHE A 1 46  ? 0.005   -2.174  -6.508  1.00 6.28  ? 46  PHE A CZ  1 
ATOM   360  N  N   . VAL A 1 47  ? -4.395  -1.656  -0.909  1.00 6.90  ? 47  VAL A N   1 
ATOM   361  C  CA  . VAL A 1 47  ? -5.602  -1.633  -0.023  1.00 7.08  ? 47  VAL A CA  1 
ATOM   362  C  C   . VAL A 1 47  ? -6.871  -1.647  -0.889  1.00 7.31  ? 47  VAL A C   1 
ATOM   363  O  O   . VAL A 1 47  ? -7.062  -0.717  -1.723  1.00 7.32  ? 47  VAL A O   1 
ATOM   364  C  CB  . VAL A 1 47  ? -5.611  -0.444  0.963   1.00 6.93  ? 47  VAL A CB  1 
ATOM   365  C  CG1 . VAL A 1 47  ? -6.798  -0.504  1.928   1.00 6.78  ? 47  VAL A CG1 1 
ATOM   366  C  CG2 . VAL A 1 47  ? -4.310  -0.354  1.746   1.00 6.86  ? 47  VAL A CG2 1 
ATOM   367  N  N   . HIS A 1 48  ? -7.712  -2.668  -0.665  1.00 7.40  ? 48  HIS A N   1 
ATOM   368  C  CA  . HIS A 1 48  ? -8.991  -2.911  -1.370  1.00 7.47  ? 48  HIS A CA  1 
ATOM   369  C  C   . HIS A 1 48  ? -10.115 -2.331  -0.516  1.00 7.61  ? 48  HIS A C   1 
ATOM   370  O  O   . HIS A 1 48  ? -10.900 -3.119  0.054   1.00 7.81  ? 48  HIS A O   1 
ATOM   371  C  CB  . HIS A 1 48  ? -9.200  -4.404  -1.579  1.00 7.59  ? 48  HIS A CB  1 
ATOM   372  C  CG  . HIS A 1 48  ? -8.068  -5.064  -2.276  1.00 7.65  ? 48  HIS A CG  1 
ATOM   373  N  ND1 . HIS A 1 48  ? -7.950  -5.036  -3.638  1.00 7.77  ? 48  HIS A ND1 1 
ATOM   374  C  CD2 . HIS A 1 48  ? -7.028  -5.785  -1.805  1.00 7.66  ? 48  HIS A CD2 1 
ATOM   375  C  CE1 . HIS A 1 48  ? -6.891  -5.723  -3.986  1.00 7.92  ? 48  HIS A CE1 1 
ATOM   376  N  NE2 . HIS A 1 48  ? -6.311  -6.205  -2.882  1.00 7.68  ? 48  HIS A NE2 1 
ATOM   377  N  N   . GLU A 1 49  ? -10.120 -1.010  -0.383  1.00 7.39  ? 49  GLU A N   1 
ATOM   378  C  CA  . GLU A 1 49  ? -11.119 -0.232  0.383   1.00 7.52  ? 49  GLU A CA  1 
ATOM   379  C  C   . GLU A 1 49  ? -11.256 1.111   -0.335  1.00 7.55  ? 49  GLU A C   1 
ATOM   380  O  O   . GLU A 1 49  ? -10.379 1.444   -1.152  1.00 7.27  ? 49  GLU A O   1 
ATOM   381  C  CB  . GLU A 1 49  ? -10.699 -0.019  1.843   1.00 7.36  ? 49  GLU A CB  1 
ATOM   382  C  CG  . GLU A 1 49  ? -10.363 -1.289  2.616   1.00 7.22  ? 49  GLU A CG  1 
ATOM   383  C  CD  . GLU A 1 49  ? -11.508 -2.260  2.876   1.00 7.33  ? 49  GLU A CD  1 
ATOM   384  O  OE1 . GLU A 1 49  ? -12.679 -1.861  2.670   1.00 7.06  ? 49  GLU A OE1 1 
ATOM   385  O  OE2 . GLU A 1 49  ? -11.220 -3.422  3.291   1.00 7.08  ? 49  GLU A OE2 1 
ATOM   386  N  N   . SER A 1 50  ? -12.328 1.841   -0.057  1.00 7.52  ? 50  SER A N   1 
ATOM   387  C  CA  . SER A 1 50  ? -12.525 3.192   -0.610  1.00 7.72  ? 50  SER A CA  1 
ATOM   388  C  C   . SER A 1 50  ? -11.352 4.075   -0.152  1.00 7.86  ? 50  SER A C   1 
ATOM   389  O  O   . SER A 1 50  ? -10.880 3.910   1.005   1.00 8.08  ? 50  SER A O   1 
ATOM   390  C  CB  . SER A 1 50  ? -13.846 3.736   -0.167  1.00 7.76  ? 50  SER A CB  1 
ATOM   391  O  OG  . SER A 1 50  ? -13.826 3.979   1.228   1.00 7.77  ? 50  SER A OG  1 
ATOM   392  N  N   . LEU A 1 51  ? -10.927 5.000   -1.008  1.00 7.92  ? 51  LEU A N   1 
ATOM   393  C  CA  . LEU A 1 51  ? -10.000 6.100   -0.654  1.00 7.85  ? 51  LEU A CA  1 
ATOM   394  C  C   . LEU A 1 51  ? -10.479 6.800   0.627   1.00 7.76  ? 51  LEU A C   1 
ATOM   395  O  O   . LEU A 1 51  ? -9.646  7.029   1.515   1.00 7.65  ? 51  LEU A O   1 
ATOM   396  C  CB  . LEU A 1 51  ? -9.915  7.068   -1.829  1.00 7.75  ? 51  LEU A CB  1 
ATOM   397  C  CG  . LEU A 1 51  ? -9.025  8.293   -1.620  1.00 8.07  ? 51  LEU A CG  1 
ATOM   398  C  CD1 . LEU A 1 51  ? -7.669  7.941   -1.018  1.00 7.94  ? 51  LEU A CD1 1 
ATOM   399  C  CD2 . LEU A 1 51  ? -8.834  9.030   -2.932  1.00 8.27  ? 51  LEU A CD2 1 
ATOM   400  N  N   . ALA A 1 52  ? -11.763 7.136   0.723   1.00 7.90  ? 52  ALA A N   1 
ATOM   401  C  CA  . ALA A 1 52  ? -12.357 7.800   1.911   1.00 7.98  ? 52  ALA A CA  1 
ATOM   402  C  C   . ALA A 1 52  ? -12.114 6.952   3.171   1.00 8.05  ? 52  ALA A C   1 
ATOM   403  O  O   . ALA A 1 52  ? -11.657 7.514   4.170   1.00 8.05  ? 52  ALA A O   1 
ATOM   404  C  CB  . ALA A 1 52  ? -13.818 8.076   1.685   1.00 7.89  ? 52  ALA A CB  1 
ATOM   405  N  N   . ASP A 1 53  ? -12.339 5.639   3.119   1.00 8.17  ? 53  ASP A N   1 
ATOM   406  C  CA  . ASP A 1 53  ? -12.081 4.715   4.265   1.00 8.25  ? 53  ASP A CA  1 
ATOM   407  C  C   . ASP A 1 53  ? -10.592 4.733   4.646   1.00 8.20  ? 53  ASP A C   1 
ATOM   408  O  O   . ASP A 1 53  ? -10.260 4.690   5.855   1.00 7.56  ? 53  ASP A O   1 
ATOM   409  C  CB  . ASP A 1 53  ? -12.518 3.277   3.963   1.00 8.38  ? 53  ASP A CB  1 
ATOM   410  C  CG  . ASP A 1 53  ? -13.984 2.997   4.272   1.00 8.45  ? 53  ASP A CG  1 
ATOM   411  O  OD1 . ASP A 1 53  ? -14.727 3.954   4.392   1.00 8.17  ? 53  ASP A OD1 1 
ATOM   412  O  OD2 . ASP A 1 53  ? -14.356 1.802   4.399   1.00 8.76  ? 53  ASP A OD2 1 
ATOM   413  N  N   . VAL A 1 54  ? -9.701  4.773   3.659   1.00 8.12  ? 54  VAL A N   1 
ATOM   414  C  CA  . VAL A 1 54  ? -8.237  4.806   3.932   1.00 8.10  ? 54  VAL A CA  1 
ATOM   415  C  C   . VAL A 1 54  ? -7.844  6.188   4.464   1.00 8.30  ? 54  VAL A C   1 
ATOM   416  O  O   . VAL A 1 54  ? -7.035  6.227   5.400   1.00 8.66  ? 54  VAL A O   1 
ATOM   417  C  CB  . VAL A 1 54  ? -7.433  4.381   2.688   1.00 7.90  ? 54  VAL A CB  1 
ATOM   418  C  CG1 . VAL A 1 54  ? -5.943  4.645   2.839   1.00 7.67  ? 54  VAL A CG1 1 
ATOM   419  C  CG2 . VAL A 1 54  ? -7.686  2.915   2.393   1.00 7.77  ? 54  VAL A CG2 1 
ATOM   420  N  N   . GLN A 1 55  ? -8.379  7.281   3.915   1.00 8.36  ? 55  GLN A N   1 
ATOM   421  C  CA  . GLN A 1 55  ? -8.083  8.642   4.429   1.00 8.53  ? 55  GLN A CA  1 
ATOM   422  C  C   . GLN A 1 55  ? -8.509  8.725   5.899   1.00 8.68  ? 55  GLN A C   1 
ATOM   423  O  O   . GLN A 1 55  ? -7.720  9.255   6.687   1.00 8.77  ? 55  GLN A O   1 
ATOM   424  C  CB  . GLN A 1 55  ? -8.735  9.695   3.538   1.00 8.58  ? 55  GLN A CB  1 
ATOM   425  C  CG  . GLN A 1 55  ? -8.039  9.805   2.191   1.00 8.65  ? 55  GLN A CG  1 
ATOM   426  C  CD  . GLN A 1 55  ? -8.816  10.599  1.169   1.00 8.83  ? 55  GLN A CD  1 
ATOM   427  O  OE1 . GLN A 1 55  ? -10.036 10.667  1.205   1.00 9.49  ? 55  GLN A OE1 1 
ATOM   428  N  NE2 . GLN A 1 55  ? -8.118  11.175  0.208   1.00 8.51  ? 55  GLN A NE2 1 
ATOM   429  N  N   . ALA A 1 56  ? -9.687  8.184   6.243   1.00 8.68  ? 56  ALA A N   1 
ATOM   430  C  CA  . ALA A 1 56  ? -10.299 8.171   7.598   1.00 8.69  ? 56  ALA A CA  1 
ATOM   431  C  C   . ALA A 1 56  ? -9.317  7.633   8.645   1.00 8.79  ? 56  ALA A C   1 
ATOM   432  O  O   . ALA A 1 56  ? -9.402  8.041   9.795   1.00 8.66  ? 56  ALA A O   1 
ATOM   433  C  CB  . ALA A 1 56  ? -11.547 7.321   7.597   1.00 8.59  ? 56  ALA A CB  1 
ATOM   434  N  N   . VAL A 1 57  ? -8.429  6.720   8.266   1.00 9.32  ? 57  VAL A N   1 
ATOM   435  C  CA  . VAL A 1 57  ? -7.474  6.061   9.208   1.00 9.53  ? 57  VAL A CA  1 
ATOM   436  C  C   . VAL A 1 57  ? -6.572  7.130   9.835   1.00 9.80  ? 57  VAL A C   1 
ATOM   437  O  O   . VAL A 1 57  ? -6.061  6.900   10.934  1.00 10.14 ? 57  VAL A O   1 
ATOM   438  C  CB  . VAL A 1 57  ? -6.675  4.957   8.497   1.00 9.49  ? 57  VAL A CB  1 
ATOM   439  C  CG1 . VAL A 1 57  ? -5.484  4.473   9.324   1.00 9.56  ? 57  VAL A CG1 1 
ATOM   440  C  CG2 . VAL A 1 57  ? -7.583  3.799   8.133   1.00 9.37  ? 57  VAL A CG2 1 
ATOM   441  N  N   . CYS A 1 58  ? -6.422  8.280   9.184   1.00 10.22 ? 58  CYS A N   1 
ATOM   442  C  CA  . CYS A 1 58  ? -5.578  9.401   9.674   1.00 10.47 ? 58  CYS A CA  1 
ATOM   443  C  C   . CYS A 1 58  ? -6.146  10.055  10.930  1.00 10.37 ? 58  CYS A C   1 
ATOM   444  O  O   . CYS A 1 58  ? -5.442  10.875  11.502  1.00 10.24 ? 58  CYS A O   1 
ATOM   445  C  CB  . CYS A 1 58  ? -5.430  10.481  8.622   1.00 10.47 ? 58  CYS A CB  1 
ATOM   446  S  SG  . CYS A 1 58  ? -4.319  9.976   7.298   1.00 10.87 ? 58  CYS A SG  1 
ATOM   447  N  N   . SER A 1 59  ? -7.373  9.739   11.324  1.00 11.17 ? 59  SER A N   1 
ATOM   448  C  CA  . SER A 1 59  ? -7.954  10.253  12.596  1.00 11.48 ? 59  SER A CA  1 
ATOM   449  C  C   . SER A 1 59  ? -8.372  9.084   13.492  1.00 11.08 ? 59  SER A C   1 
ATOM   450  O  O   . SER A 1 59  ? -9.153  9.314   14.466  1.00 11.28 ? 59  SER A O   1 
ATOM   451  C  CB  . SER A 1 59  ? -9.075  11.219  12.336  1.00 11.69 ? 59  SER A CB  1 
ATOM   452  O  OG  . SER A 1 59  ? -10.110 10.603  11.593  1.00 12.83 ? 59  SER A OG  1 
ATOM   453  N  N   . GLN A 1 60  ? -7.818  7.902   13.217  1.00 10.63 ? 60  GLN A N   1 
ATOM   454  C  CA  . GLN A 1 60  ? -7.985  6.680   14.049  1.00 10.67 ? 60  GLN A CA  1 
ATOM   455  C  C   . GLN A 1 60  ? -6.792  6.571   15.013  1.00 10.92 ? 60  GLN A C   1 
ATOM   456  O  O   . GLN A 1 60  ? -6.392  7.587   15.580  1.00 10.51 ? 60  GLN A O   1 
ATOM   457  C  CB  . GLN A 1 60  ? -8.214  5.477   13.138  1.00 10.12 ? 60  GLN A CB  1 
ATOM   458  C  CG  . GLN A 1 60  ? -9.442  5.688   12.265  1.00 10.11 ? 60  GLN A CG  1 
ATOM   459  C  CD  . GLN A 1 60  ? -9.895  4.508   11.436  1.00 10.00 ? 60  GLN A CD  1 
ATOM   460  O  OE1 . GLN A 1 60  ? -9.374  3.395   11.522  1.00 9.68  ? 60  GLN A OE1 1 
ATOM   461  N  NE2 . GLN A 1 60  ? -10.886 4.766   10.594  1.00 9.91  ? 60  GLN A NE2 1 
ATOM   462  N  N   . LYS A 1 61  ? -6.272  5.366   15.233  1.00 11.61 ? 61  LYS A N   1 
ATOM   463  C  CA  . LYS A 1 61  ? -5.376  5.079   16.381  1.00 11.93 ? 61  LYS A CA  1 
ATOM   464  C  C   . LYS A 1 61  ? -3.967  5.624   16.103  1.00 12.38 ? 61  LYS A C   1 
ATOM   465  O  O   . LYS A 1 61  ? -3.232  5.011   15.316  1.00 12.19 ? 61  LYS A O   1 
ATOM   466  C  CB  . LYS A 1 61  ? -5.332  3.574   16.655  1.00 11.42 ? 61  LYS A CB  1 
ATOM   467  C  CG  . LYS A 1 61  ? -4.618  3.210   17.944  1.00 11.13 ? 61  LYS A CG  1 
ATOM   468  C  CD  . LYS A 1 61  ? -5.357  3.701   19.160  1.00 10.72 ? 61  LYS A CD  1 
ATOM   469  C  CE  . LYS A 1 61  ? -4.668  3.299   20.443  1.00 10.48 ? 61  LYS A CE  1 
ATOM   470  N  NZ  . LYS A 1 61  ? -5.520  3.599   21.606  1.00 10.11 ? 61  LYS A NZ  1 
ATOM   471  N  N   . ASN A 1 62  ? -3.565  6.624   16.876  1.00 13.15 ? 62  ASN A N   1 
ATOM   472  C  CA  . ASN A 1 62  ? -2.219  7.224   16.722  1.00 13.35 ? 62  ASN A CA  1 
ATOM   473  C  C   . ASN A 1 62  ? -1.199  6.248   17.301  1.00 13.50 ? 62  ASN A C   1 
ATOM   474  O  O   . ASN A 1 62  ? -1.366  5.902   18.466  1.00 13.70 ? 62  ASN A O   1 
ATOM   475  C  CB  . ASN A 1 62  ? -2.106  8.642   17.266  1.00 13.21 ? 62  ASN A CB  1 
ATOM   476  C  CG  . ASN A 1 62  ? -0.735  9.247   17.082  1.00 13.38 ? 62  ASN A CG  1 
ATOM   477  O  OD1 . ASN A 1 62  ? -0.192  9.836   18.020  1.00 13.40 ? 62  ASN A OD1 1 
ATOM   478  N  ND2 . ASN A 1 62  ? -0.161  9.127   15.895  1.00 14.18 ? 62  ASN A ND2 1 
ATOM   479  N  N   . VAL A 1 63  ? -0.267  5.792   16.465  1.00 13.58 ? 63  VAL A N   1 
ATOM   480  C  CA  . VAL A 1 63  ? 0.808   4.841   16.880  1.00 13.71 ? 63  VAL A CA  1 
ATOM   481  C  C   . VAL A 1 63  ? 2.160   5.283   16.302  1.00 14.49 ? 63  VAL A C   1 
ATOM   482  O  O   . VAL A 1 63  ? 2.190   6.016   15.297  1.00 13.92 ? 63  VAL A O   1 
ATOM   483  C  CB  . VAL A 1 63  ? 0.500   3.387   16.466  1.00 14.03 ? 63  VAL A CB  1 
ATOM   484  C  CG1 . VAL A 1 63  ? -0.749  2.853   17.148  1.00 14.12 ? 63  VAL A CG1 1 
ATOM   485  C  CG2 . VAL A 1 63  ? 0.409   3.210   14.952  1.00 14.01 ? 63  VAL A CG2 1 
ATOM   486  N  N   . ALA A 1 64  ? 3.265   4.811   16.886  1.00 15.38 ? 64  ALA A N   1 
ATOM   487  C  CA  . ALA A 1 64  ? 4.625   5.079   16.363  1.00 16.31 ? 64  ALA A CA  1 
ATOM   488  C  C   . ALA A 1 64  ? 4.797   4.391   14.997  1.00 17.08 ? 64  ALA A C   1 
ATOM   489  O  O   . ALA A 1 64  ? 4.427   3.189   14.887  1.00 16.63 ? 64  ALA A O   1 
ATOM   490  C  CB  . ALA A 1 64  ? 5.676   4.625   17.347  1.00 15.99 ? 64  ALA A CB  1 
ATOM   491  N  N   . CYS A 1 65  ? 5.323   5.143   14.015  1.00 17.50 ? 65  CYS A N   1 
ATOM   492  C  CA  . CYS A 1 65  ? 5.956   4.656   12.760  1.00 19.22 ? 65  CYS A CA  1 
ATOM   493  C  C   . CYS A 1 65  ? 7.225   3.884   13.131  1.00 21.32 ? 65  CYS A C   1 
ATOM   494  O  O   . CYS A 1 65  ? 7.839   4.232   14.141  1.00 22.20 ? 65  CYS A O   1 
ATOM   495  C  CB  . CYS A 1 65  ? 6.308   5.821   11.838  1.00 17.97 ? 65  CYS A CB  1 
ATOM   496  S  SG  . CYS A 1 65  ? 4.945   6.985   11.557  1.00 16.85 ? 65  CYS A SG  1 
ATOM   497  N  N   . LYS A 1 66  ? 7.609   2.863   12.370  1.00 25.71 ? 66  LYS A N   1 
ATOM   498  C  CA  . LYS A 1 66  ? 8.715   1.970   12.812  1.00 28.91 ? 66  LYS A CA  1 
ATOM   499  C  C   . LYS A 1 66  ? 10.063  2.681   12.651  1.00 25.93 ? 66  LYS A C   1 
ATOM   500  O  O   . LYS A 1 66  ? 11.031  2.167   13.211  1.00 26.07 ? 66  LYS A O   1 
ATOM   501  C  CB  . LYS A 1 66  ? 8.656   0.591   12.149  1.00 32.37 ? 66  LYS A CB  1 
ATOM   502  C  CG  . LYS A 1 66  ? 9.055   0.497   10.693  1.00 36.70 ? 66  LYS A CG  1 
ATOM   503  C  CD  . LYS A 1 66  ? 8.559   -0.815  10.128  1.00 42.21 ? 66  LYS A CD  1 
ATOM   504  C  CE  . LYS A 1 66  ? 8.921   -1.039  8.676   1.00 47.75 ? 66  LYS A CE  1 
ATOM   505  N  NZ  . LYS A 1 66  ? 8.395   0.032   7.795   1.00 48.42 ? 66  LYS A NZ  1 
ATOM   506  N  N   . ASN A 1 67  ? 10.089  3.842   11.990  1.00 22.50 ? 67  ASN A N   1 
ATOM   507  C  CA  . ASN A 1 67  ? 11.226  4.802   11.987  1.00 20.90 ? 67  ASN A CA  1 
ATOM   508  C  C   . ASN A 1 67  ? 11.179  5.705   13.236  1.00 19.88 ? 67  ASN A C   1 
ATOM   509  O  O   . ASN A 1 67  ? 11.961  6.650   13.299  1.00 20.59 ? 67  ASN A O   1 
ATOM   510  C  CB  . ASN A 1 67  ? 11.196  5.660   10.723  1.00 19.93 ? 67  ASN A CB  1 
ATOM   511  C  CG  . ASN A 1 67  ? 10.082  6.680   10.788  1.00 19.57 ? 67  ASN A CG  1 
ATOM   512  O  OD1 . ASN A 1 67  ? 9.334   6.720   11.756  1.00 19.48 ? 67  ASN A OD1 1 
ATOM   513  N  ND2 . ASN A 1 67  ? 9.983   7.535   9.796   1.00 19.26 ? 67  ASN A ND2 1 
ATOM   514  N  N   . GLY A 1 68  ? 10.257  5.475   14.167  1.00 19.29 ? 68  GLY A N   1 
ATOM   515  C  CA  . GLY A 1 68  ? 10.153  6.215   15.440  1.00 19.03 ? 68  GLY A CA  1 
ATOM   516  C  C   . GLY A 1 68  ? 9.399   7.530   15.315  1.00 20.08 ? 68  GLY A C   1 
ATOM   517  O  O   . GLY A 1 68  ? 9.245   8.205   16.341  1.00 19.16 ? 68  GLY A O   1 
ATOM   518  N  N   . GLN A 1 69  ? 8.921   7.903   14.127  1.00 21.17 ? 69  GLN A N   1 
ATOM   519  C  CA  . GLN A 1 69  ? 8.084   9.124   13.953  1.00 22.54 ? 69  GLN A CA  1 
ATOM   520  C  C   . GLN A 1 69  ? 6.696   8.848   14.522  1.00 21.05 ? 69  GLN A C   1 
ATOM   521  O  O   . GLN A 1 69  ? 6.356   7.668   14.666  1.00 20.41 ? 69  GLN A O   1 
ATOM   522  C  CB  . GLN A 1 69  ? 8.019   9.551   12.493  1.00 24.64 ? 69  GLN A CB  1 
ATOM   523  C  CG  . GLN A 1 69  ? 9.096   10.568  12.168  1.00 26.87 ? 69  GLN A CG  1 
ATOM   524  C  CD  . GLN A 1 69  ? 9.363   10.644  10.689  1.00 30.28 ? 69  GLN A CD  1 
ATOM   525  O  OE1 . GLN A 1 69  ? 8.655   10.059  9.870   1.00 31.23 ? 69  GLN A OE1 1 
ATOM   526  N  NE2 . GLN A 1 69  ? 10.405  11.378  10.341  1.00 32.33 ? 69  GLN A NE2 1 
ATOM   527  N  N   . THR A 1 70  ? 5.938   9.896   14.846  1.00 20.54 ? 70  THR A N   1 
ATOM   528  C  CA  . THR A 1 70  ? 4.686   9.784   15.649  1.00 19.73 ? 70  THR A CA  1 
ATOM   529  C  C   . THR A 1 70  ? 3.441   10.167  14.833  1.00 17.90 ? 70  THR A C   1 
ATOM   530  O  O   . THR A 1 70  ? 2.361   10.234  15.431  1.00 18.67 ? 70  THR A O   1 
ATOM   531  C  CB  . THR A 1 70  ? 4.817   10.596  16.947  1.00 20.31 ? 70  THR A CB  1 
ATOM   532  O  OG1 . THR A 1 70  ? 5.254   11.910  16.607  1.00 20.21 ? 70  THR A OG1 1 
ATOM   533  C  CG2 . THR A 1 70  ? 5.789   9.975   17.931  1.00 20.69 ? 70  THR A CG2 1 
ATOM   534  N  N   . ASN A 1 71  ? 3.563   10.341  13.516  1.00 16.39 ? 71  ASN A N   1 
ATOM   535  C  CA  . ASN A 1 71  ? 2.437   10.721  12.620  1.00 15.25 ? 71  ASN A CA  1 
ATOM   536  C  C   . ASN A 1 71  ? 1.829   9.486   11.939  1.00 14.52 ? 71  ASN A C   1 
ATOM   537  O  O   . ASN A 1 71  ? 1.272   9.665   10.853  1.00 13.17 ? 71  ASN A O   1 
ATOM   538  C  CB  . ASN A 1 71  ? 2.897   11.716  11.551  1.00 15.33 ? 71  ASN A CB  1 
ATOM   539  C  CG  . ASN A 1 71  ? 3.952   11.134  10.636  1.00 15.49 ? 71  ASN A CG  1 
ATOM   540  O  OD1 . ASN A 1 71  ? 4.809   10.357  11.071  1.00 16.24 ? 71  ASN A OD1 1 
ATOM   541  N  ND2 . ASN A 1 71  ? 3.889   11.485  9.367   1.00 15.34 ? 71  ASN A ND2 1 
ATOM   542  N  N   . CYS A 1 72  ? 1.916   8.295   12.551  1.00 14.11 ? 72  CYS A N   1 
ATOM   543  C  CA  . CYS A 1 72  ? 1.330   7.027   12.038  1.00 14.01 ? 72  CYS A CA  1 
ATOM   544  C  C   . CYS A 1 72  ? 0.038   6.703   12.789  1.00 13.68 ? 72  CYS A C   1 
ATOM   545  O  O   . CYS A 1 72  ? -0.090  7.093   13.960  1.00 14.24 ? 72  CYS A O   1 
ATOM   546  C  CB  . CYS A 1 72  ? 2.298   5.859   12.112  1.00 14.31 ? 72  CYS A CB  1 
ATOM   547  S  SG  . CYS A 1 72  ? 3.498   5.856   10.752  1.00 15.26 ? 72  CYS A SG  1 
ATOM   548  N  N   . TYR A 1 73  ? -0.899  6.077   12.080  1.00 13.39 ? 73  TYR A N   1 
ATOM   549  C  CA  . TYR A 1 73  ? -2.244  5.686   12.557  1.00 13.25 ? 73  TYR A CA  1 
ATOM   550  C  C   . TYR A 1 73  ? -2.515  4.247   12.120  1.00 12.60 ? 73  TYR A C   1 
ATOM   551  O  O   . TYR A 1 73  ? -2.172  3.888   10.970  1.00 11.96 ? 73  TYR A O   1 
ATOM   552  C  CB  . TYR A 1 73  ? -3.289  6.670   12.028  1.00 13.77 ? 73  TYR A CB  1 
ATOM   553  C  CG  . TYR A 1 73  ? -3.035  8.071   12.500  1.00 14.43 ? 73  TYR A CG  1 
ATOM   554  C  CD1 . TYR A 1 73  ? -2.104  8.865   11.856  1.00 14.90 ? 73  TYR A CD1 1 
ATOM   555  C  CD2 . TYR A 1 73  ? -3.633  8.555   13.656  1.00 14.73 ? 73  TYR A CD2 1 
ATOM   556  C  CE1 . TYR A 1 73  ? -1.812  10.137  12.312  1.00 15.72 ? 73  TYR A CE1 1 
ATOM   557  C  CE2 . TYR A 1 73  ? -3.358  9.828   14.122  1.00 15.73 ? 73  TYR A CE2 1 
ATOM   558  C  CZ  . TYR A 1 73  ? -2.447  10.619  13.444  1.00 16.42 ? 73  TYR A CZ  1 
ATOM   559  O  OH  . TYR A 1 73  ? -2.161  11.874  13.888  1.00 18.27 ? 73  TYR A OH  1 
ATOM   560  N  N   . GLN A 1 74  ? -3.068  3.453   13.035  1.00 12.01 ? 74  GLN A N   1 
ATOM   561  C  CA  . GLN A 1 74  ? -3.526  2.066   12.782  1.00 12.31 ? 74  GLN A CA  1 
ATOM   562  C  C   . GLN A 1 74  ? -5.044  2.112   12.589  1.00 11.81 ? 74  GLN A C   1 
ATOM   563  O  O   . GLN A 1 74  ? -5.723  2.794   13.400  1.00 11.73 ? 74  GLN A O   1 
ATOM   564  C  CB  . GLN A 1 74  ? -3.125  1.145   13.937  1.00 12.98 ? 74  GLN A CB  1 
ATOM   565  C  CG  . GLN A 1 74  ? -3.594  -0.297  13.756  1.00 13.84 ? 74  GLN A CG  1 
ATOM   566  C  CD  . GLN A 1 74  ? -2.896  -1.301  14.643  1.00 15.10 ? 74  GLN A CD  1 
ATOM   567  O  OE1 . GLN A 1 74  ? -3.486  -2.301  15.054  1.00 17.46 ? 74  GLN A OE1 1 
ATOM   568  N  NE2 . GLN A 1 74  ? -1.633  -1.053  14.955  1.00 15.52 ? 74  GLN A NE2 1 
ATOM   569  N  N   . SER A 1 75  ? -5.554  1.447   11.550  1.00 11.18 ? 75  SER A N   1 
ATOM   570  C  CA  . SER A 1 75  ? -7.012  1.340   11.270  1.00 11.03 ? 75  SER A CA  1 
ATOM   571  C  C   . SER A 1 75  ? -7.661  0.595   12.429  1.00 11.10 ? 75  SER A C   1 
ATOM   572  O  O   . SER A 1 75  ? -7.089  -0.436  12.871  1.00 10.59 ? 75  SER A O   1 
ATOM   573  C  CB  . SER A 1 75  ? -7.289  0.645   9.961   1.00 10.56 ? 75  SER A CB  1 
ATOM   574  O  OG  . SER A 1 75  ? -6.672  -0.632  9.935   1.00 10.11 ? 75  SER A OG  1 
ATOM   575  N  N   . TYR A 1 76  ? -8.794  1.098   12.910  1.00 11.66 ? 76  TYR A N   1 
ATOM   576  C  CA  . TYR A 1 76  ? -9.592  0.446   13.982  1.00 11.90 ? 76  TYR A CA  1 
ATOM   577  C  C   . TYR A 1 76  ? -10.085 -0.926  13.503  1.00 12.13 ? 76  TYR A C   1 
ATOM   578  O  O   . TYR A 1 76  ? -10.083 -1.869  14.303  1.00 12.27 ? 76  TYR A O   1 
ATOM   579  C  CB  . TYR A 1 76  ? -10.785 1.314   14.370  1.00 11.98 ? 76  TYR A CB  1 
ATOM   580  C  CG  . TYR A 1 76  ? -10.474 2.612   15.070  1.00 11.79 ? 76  TYR A CG  1 
ATOM   581  C  CD1 . TYR A 1 76  ? -9.454  2.715   16.001  1.00 11.74 ? 76  TYR A CD1 1 
ATOM   582  C  CD2 . TYR A 1 76  ? -11.264 3.727   14.846  1.00 11.62 ? 76  TYR A CD2 1 
ATOM   583  C  CE1 . TYR A 1 76  ? -9.208  3.904   16.673  1.00 11.69 ? 76  TYR A CE1 1 
ATOM   584  C  CE2 . TYR A 1 76  ? -11.021 4.923   15.493  1.00 12.09 ? 76  TYR A CE2 1 
ATOM   585  C  CZ  . TYR A 1 76  ? -10.001 5.011   16.427  1.00 11.77 ? 76  TYR A CZ  1 
ATOM   586  O  OH  . TYR A 1 76  ? -9.784  6.198   17.079  1.00 12.30 ? 76  TYR A OH  1 
ATOM   587  N  N   . SER A 1 77  ? -10.516 -1.053  12.247  1.00 11.99 ? 77  SER A N   1 
ATOM   588  C  CA  . SER A 1 77  ? -10.995 -2.359  11.720  1.00 12.66 ? 77  SER A CA  1 
ATOM   589  C  C   . SER A 1 77  ? -9.931  -2.962  10.809  1.00 12.04 ? 77  SER A C   1 
ATOM   590  O  O   . SER A 1 77  ? -8.992  -2.256  10.459  1.00 12.36 ? 77  SER A O   1 
ATOM   591  C  CB  . SER A 1 77  ? -12.299 -2.220  10.996  1.00 13.60 ? 77  SER A CB  1 
ATOM   592  O  OG  . SER A 1 77  ? -12.100 -1.452  9.826   1.00 15.17 ? 77  SER A OG  1 
ATOM   593  N  N   . THR A 1 78  ? -10.074 -4.237  10.462  1.00 11.68 ? 78  THR A N   1 
ATOM   594  C  CA  . THR A 1 78  ? -9.233  -4.900  9.439   1.00 11.16 ? 78  THR A CA  1 
ATOM   595  C  C   . THR A 1 78  ? -9.695  -4.368  8.084   1.00 10.65 ? 78  THR A C   1 
ATOM   596  O  O   . THR A 1 78  ? -10.801 -3.802  8.023   1.00 11.07 ? 78  THR A O   1 
ATOM   597  C  CB  . THR A 1 78  ? -9.335  -6.427  9.480   1.00 11.15 ? 78  THR A CB  1 
ATOM   598  O  OG1 . THR A 1 78  ? -10.717 -6.712  9.295   1.00 12.11 ? 78  THR A OG1 1 
ATOM   599  C  CG2 . THR A 1 78  ? -8.830  -7.048  10.761  1.00 11.32 ? 78  THR A CG2 1 
ATOM   600  N  N   . MET A 1 79  ? -8.874  -4.549  7.058   1.00 9.55  ? 79  MET A N   1 
ATOM   601  C  CA  . MET A 1 79  ? -9.140  -4.052  5.695   1.00 9.25  ? 79  MET A CA  1 
ATOM   602  C  C   . MET A 1 79  ? -8.622  -5.093  4.709   1.00 8.88  ? 79  MET A C   1 
ATOM   603  O  O   . MET A 1 79  ? -7.679  -5.814  5.070   1.00 8.89  ? 79  MET A O   1 
ATOM   604  C  CB  . MET A 1 79  ? -8.423  -2.723  5.472   1.00 9.33  ? 79  MET A CB  1 
ATOM   605  C  CG  . MET A 1 79  ? -9.119  -1.524  6.066   1.00 9.18  ? 79  MET A CG  1 
ATOM   606  S  SD  . MET A 1 79  ? -8.244  0.000   5.602   1.00 9.36  ? 79  MET A SD  1 
ATOM   607  C  CE  . MET A 1 79  ? -9.208  1.237   6.469   1.00 9.42  ? 79  MET A CE  1 
ATOM   608  N  N   . SER A 1 80  ? -9.254  -5.237  3.549   1.00 8.65  ? 80  SER A N   1 
ATOM   609  C  CA  . SER A 1 80  ? -8.785  -6.197  2.512   1.00 8.43  ? 80  SER A CA  1 
ATOM   610  C  C   . SER A 1 80  ? -7.506  -5.624  1.907   1.00 8.44  ? 80  SER A C   1 
ATOM   611  O  O   . SER A 1 80  ? -7.529  -4.453  1.469   1.00 8.39  ? 80  SER A O   1 
ATOM   612  C  CB  . SER A 1 80  ? -9.827  -6.488  1.481   1.00 8.19  ? 80  SER A CB  1 
ATOM   613  O  OG  . SER A 1 80  ? -9.230  -7.149  0.376   1.00 8.31  ? 80  SER A OG  1 
ATOM   614  N  N   . ILE A 1 81  ? -6.403  -6.363  1.971   1.00 8.84  ? 81  ILE A N   1 
ATOM   615  C  CA  . ILE A 1 81  ? -5.093  -5.882  1.448   1.00 9.67  ? 81  ILE A CA  1 
ATOM   616  C  C   . ILE A 1 81  ? -4.433  -6.992  0.616   1.00 9.60  ? 81  ILE A C   1 
ATOM   617  O  O   . ILE A 1 81  ? -4.810  -8.175  0.756   1.00 9.88  ? 81  ILE A O   1 
ATOM   618  C  CB  . ILE A 1 81  ? -4.185  -5.332  2.573   1.00 10.57 ? 81  ILE A CB  1 
ATOM   619  C  CG1 . ILE A 1 81  ? -3.578  -6.433  3.442   1.00 11.37 ? 81  ILE A CG1 1 
ATOM   620  C  CG2 . ILE A 1 81  ? -4.919  -4.296  3.422   1.00 10.84 ? 81  ILE A CG2 1 
ATOM   621  C  CD1 . ILE A 1 81  ? -2.096  -6.638  3.196   1.00 12.10 ? 81  ILE A CD1 1 
ATOM   622  N  N   . THR A 1 82  ? -3.517  -6.618  -0.264  1.00 9.01  ? 82  THR A N   1 
ATOM   623  C  CA  . THR A 1 82  ? -2.655  -7.580  -0.983  1.00 9.21  ? 82  THR A CA  1 
ATOM   624  C  C   . THR A 1 82  ? -1.204  -7.148  -0.759  1.00 9.64  ? 82  THR A C   1 
ATOM   625  O  O   . THR A 1 82  ? -0.923  -5.960  -1.007  1.00 9.34  ? 82  THR A O   1 
ATOM   626  C  CB  . THR A 1 82  ? -3.031  -7.678  -2.469  1.00 8.65  ? 82  THR A CB  1 
ATOM   627  O  OG1 . THR A 1 82  ? -4.428  -7.954  -2.586  1.00 7.90  ? 82  THR A OG1 1 
ATOM   628  C  CG2 . THR A 1 82  ? -2.200  -8.715  -3.191  1.00 8.27  ? 82  THR A CG2 1 
ATOM   629  N  N   . ASP A 1 83  ? -0.365  -8.060  -0.249  1.00 10.67 ? 83  ASP A N   1 
ATOM   630  C  CA  . ASP A 1 83  ? 1.111   -7.912  -0.165  1.00 11.65 ? 83  ASP A CA  1 
ATOM   631  C  C   . ASP A 1 83  ? 1.693   -8.341  -1.508  1.00 11.18 ? 83  ASP A C   1 
ATOM   632  O  O   . ASP A 1 83  ? 1.390   -9.471  -1.932  1.00 10.47 ? 83  ASP A O   1 
ATOM   633  C  CB  . ASP A 1 83  ? 1.718   -8.782  0.941   1.00 13.87 ? 83  ASP A CB  1 
ATOM   634  C  CG  . ASP A 1 83  ? 3.238   -8.662  1.115   1.00 15.87 ? 83  ASP A CG  1 
ATOM   635  O  OD1 . ASP A 1 83  ? 3.730   -7.527  1.315   1.00 17.21 ? 83  ASP A OD1 1 
ATOM   636  O  OD2 . ASP A 1 83  ? 3.935   -9.726  1.027   1.00 18.18 ? 83  ASP A OD2 1 
ATOM   637  N  N   . CYS A 1 84  ? 2.469   -7.465  -2.147  1.00 10.99 ? 84  CYS A N   1 
ATOM   638  C  CA  . CYS A 1 84  ? 3.296   -7.778  -3.337  1.00 11.26 ? 84  CYS A CA  1 
ATOM   639  C  C   . CYS A 1 84  ? 4.766   -7.712  -2.936  1.00 12.07 ? 84  CYS A C   1 
ATOM   640  O  O   . CYS A 1 84  ? 5.185   -6.695  -2.350  1.00 12.24 ? 84  CYS A O   1 
ATOM   641  C  CB  . CYS A 1 84  ? 3.010   -6.829  -4.488  1.00 11.06 ? 84  CYS A CB  1 
ATOM   642  S  SG  . CYS A 1 84  ? 1.264   -6.819  -4.949  1.00 10.73 ? 84  CYS A SG  1 
ATOM   643  N  N   . ARG A 1 85  ? 5.482   -8.801  -3.195  1.00 13.04 ? 85  ARG A N   1 
ATOM   644  C  CA  . ARG A 1 85  ? 6.902   -9.007  -2.844  1.00 13.83 ? 85  ARG A CA  1 
ATOM   645  C  C   . ARG A 1 85  ? 7.563   -9.777  -3.973  1.00 14.21 ? 85  ARG A C   1 
ATOM   646  O  O   . ARG A 1 85  ? 7.021   -10.819 -4.345  1.00 13.56 ? 85  ARG A O   1 
ATOM   647  C  CB  . ARG A 1 85  ? 7.053   -9.864  -1.589  1.00 14.83 ? 85  ARG A CB  1 
ATOM   648  C  CG  . ARG A 1 85  ? 6.521   -9.214  -0.330  1.00 16.15 ? 85  ARG A CG  1 
ATOM   649  C  CD  . ARG A 1 85  ? 7.413   -9.514  0.860   1.00 17.12 ? 85  ARG A CD  1 
ATOM   650  N  NE  . ARG A 1 85  ? 7.170   -8.585  1.955   1.00 17.12 ? 85  ARG A NE  1 
ATOM   651  C  CZ  . ARG A 1 85  ? 8.121   -8.126  2.756   1.00 18.57 ? 85  ARG A CZ  1 
ATOM   652  N  NH1 . ARG A 1 85  ? 9.380   -8.487  2.571   1.00 18.45 ? 85  ARG A NH1 1 
ATOM   653  N  NH2 . ARG A 1 85  ? 7.826   -7.272  3.720   1.00 20.20 ? 85  ARG A NH2 1 
ATOM   654  N  N   . GLU A 1 86  ? 8.706   -9.299  -4.452  1.00 15.89 ? 86  GLU A N   1 
ATOM   655  C  CA  . GLU A 1 86  ? 9.536   -10.004 -5.459  1.00 17.24 ? 86  GLU A CA  1 
ATOM   656  C  C   . GLU A 1 86  ? 9.892   -11.411 -4.975  1.00 18.34 ? 86  GLU A C   1 
ATOM   657  O  O   . GLU A 1 86  ? 10.224  -11.576 -3.787  1.00 16.80 ? 86  GLU A O   1 
ATOM   658  C  CB  . GLU A 1 86  ? 10.826  -9.236  -5.702  1.00 17.67 ? 86  GLU A CB  1 
ATOM   659  C  CG  . GLU A 1 86  ? 10.652  -8.026  -6.569  1.00 17.81 ? 86  GLU A CG  1 
ATOM   660  C  CD  . GLU A 1 86  ? 12.009  -7.537  -7.005  1.00 18.58 ? 86  GLU A CD  1 
ATOM   661  O  OE1 . GLU A 1 86  ? 12.435  -7.868  -8.137  1.00 18.21 ? 86  GLU A OE1 1 
ATOM   662  O  OE2 . GLU A 1 86  ? 12.644  -6.879  -6.175  1.00 20.81 ? 86  GLU A OE2 1 
ATOM   663  N  N   . THR A 1 87  ? 9.831   -12.375 -5.887  1.00 19.75 ? 87  THR A N   1 
ATOM   664  C  CA  . THR A 1 87  ? 10.303  -13.769 -5.695  1.00 21.81 ? 87  THR A CA  1 
ATOM   665  C  C   . THR A 1 87  ? 11.790  -13.837 -6.052  1.00 23.91 ? 87  THR A C   1 
ATOM   666  O  O   . THR A 1 87  ? 12.269  -12.902 -6.739  1.00 25.32 ? 87  THR A O   1 
ATOM   667  C  CB  . THR A 1 87  ? 9.480   -14.702 -6.581  1.00 21.95 ? 87  THR A CB  1 
ATOM   668  O  OG1 . THR A 1 87  ? 9.802   -14.359 -7.933  1.00 22.05 ? 87  THR A OG1 1 
ATOM   669  C  CG2 . THR A 1 87  ? 7.992   -14.552 -6.368  1.00 21.13 ? 87  THR A CG2 1 
ATOM   670  N  N   . GLY A 1 88  ? 12.482  -14.903 -5.631  1.00 25.75 ? 88  GLY A N   1 
ATOM   671  C  CA  . GLY A 1 88  ? 13.891  -15.193 -5.984  1.00 26.17 ? 88  GLY A CA  1 
ATOM   672  C  C   . GLY A 1 88  ? 14.170  -15.110 -7.480  1.00 27.50 ? 88  GLY A C   1 
ATOM   673  O  O   . GLY A 1 88  ? 15.254  -14.652 -7.841  1.00 29.64 ? 88  GLY A O   1 
ATOM   674  N  N   . SER A 1 89  ? 13.227  -15.512 -8.337  1.00 28.06 ? 89  SER A N   1 
ATOM   675  C  CA  . SER A 1 89  ? 13.380  -15.502 -9.813  1.00 30.36 ? 89  SER A CA  1 
ATOM   676  C  C   . SER A 1 89  ? 12.945  -14.153 -10.407 1.00 32.49 ? 89  SER A C   1 
ATOM   677  O  O   . SER A 1 89  ? 12.514  -14.150 -11.583 1.00 35.23 ? 89  SER A O   1 
ATOM   678  C  CB  . SER A 1 89  ? 12.591  -16.627 -10.429 1.00 29.66 ? 89  SER A CB  1 
ATOM   679  O  OG  . SER A 1 89  ? 11.208  -16.396 -10.228 1.00 29.00 ? 89  SER A OG  1 
ATOM   680  N  N   . SER A 1 90  ? 13.033  -13.051 -9.649  1.00 30.84 ? 90  SER A N   1 
ATOM   681  C  CA  . SER A 1 90  ? 12.723  -11.683 -10.146 1.00 27.98 ? 90  SER A CA  1 
ATOM   682  C  C   . SER A 1 90  ? 14.029  -10.959 -10.485 1.00 27.38 ? 90  SER A C   1 
ATOM   683  O  O   . SER A 1 90  ? 14.871  -10.820 -9.598  1.00 26.29 ? 90  SER A O   1 
ATOM   684  C  CB  . SER A 1 90  ? 11.913  -10.901 -9.149  1.00 25.31 ? 90  SER A CB  1 
ATOM   685  O  OG  . SER A 1 90  ? 11.528  -9.648  -9.698  1.00 23.60 ? 90  SER A OG  1 
ATOM   686  N  N   . LYS A 1 91  ? 14.124  -10.464 -11.702 1.00 29.85 ? 91  LYS A N   1 
ATOM   687  C  CA  . LYS A 1 91  ? 15.305  -9.689  -12.138 1.00 33.94 ? 91  LYS A CA  1 
ATOM   688  C  C   . LYS A 1 91  ? 14.840  -8.625  -13.118 1.00 31.60 ? 91  LYS A C   1 
ATOM   689  O  O   . LYS A 1 91  ? 14.458  -8.991  -14.219 1.00 28.61 ? 91  LYS A O   1 
ATOM   690  C  CB  . LYS A 1 91  ? 16.376  -10.574 -12.781 1.00 37.42 ? 91  LYS A CB  1 
ATOM   691  C  CG  . LYS A 1 91  ? 17.810  -10.232 -12.408 1.00 41.79 ? 91  LYS A CG  1 
ATOM   692  C  CD  . LYS A 1 91  ? 18.833  -10.938 -13.266 1.00 44.59 ? 91  LYS A CD  1 
ATOM   693  C  CE  . LYS A 1 91  ? 19.810  -11.766 -12.458 1.00 47.38 ? 91  LYS A CE  1 
ATOM   694  N  NZ  . LYS A 1 91  ? 21.198  -11.264 -12.593 1.00 51.37 ? 91  LYS A NZ  1 
ATOM   695  N  N   . TYR A 1 92  ? 14.931  -7.367  -12.717 1.00 33.17 ? 92  TYR A N   1 
ATOM   696  C  CA  . TYR A 1 92  ? 14.570  -6.229  -13.593 1.00 35.23 ? 92  TYR A CA  1 
ATOM   697  C  C   . TYR A 1 92  ? 15.263  -6.472  -14.929 1.00 34.65 ? 92  TYR A C   1 
ATOM   698  O  O   . TYR A 1 92  ? 16.429  -6.844  -14.943 1.00 33.72 ? 92  TYR A O   1 
ATOM   699  C  CB  . TYR A 1 92  ? 14.972  -4.890  -12.968 1.00 37.88 ? 92  TYR A CB  1 
ATOM   700  C  CG  . TYR A 1 92  ? 14.570  -3.735  -13.841 1.00 40.68 ? 92  TYR A CG  1 
ATOM   701  C  CD1 . TYR A 1 92  ? 13.344  -3.122  -13.675 1.00 41.07 ? 92  TYR A CD1 1 
ATOM   702  C  CD2 . TYR A 1 92  ? 15.366  -3.328  -14.899 1.00 42.61 ? 92  TYR A CD2 1 
ATOM   703  C  CE1 . TYR A 1 92  ? 12.932  -2.109  -14.518 1.00 41.61 ? 92  TYR A CE1 1 
ATOM   704  C  CE2 . TYR A 1 92  ? 14.975  -2.303  -15.743 1.00 41.92 ? 92  TYR A CE2 1 
ATOM   705  C  CZ  . TYR A 1 92  ? 13.746  -1.703  -15.555 1.00 41.61 ? 92  TYR A CZ  1 
ATOM   706  O  OH  . TYR A 1 92  ? 13.337  -0.691  -16.363 1.00 45.82 ? 92  TYR A OH  1 
ATOM   707  N  N   . PRO A 1 93  ? 14.589  -6.312  -16.089 1.00 33.82 ? 93  PRO A N   1 
ATOM   708  C  CA  . PRO A 1 93  ? 13.232  -5.773  -16.173 1.00 33.61 ? 93  PRO A CA  1 
ATOM   709  C  C   . PRO A 1 93  ? 12.141  -6.850  -16.220 1.00 31.83 ? 93  PRO A C   1 
ATOM   710  O  O   . PRO A 1 93  ? 11.082  -6.576  -16.730 1.00 34.89 ? 93  PRO A O   1 
ATOM   711  C  CB  . PRO A 1 93  ? 13.324  -5.071  -17.526 1.00 33.55 ? 93  PRO A CB  1 
ATOM   712  C  CG  . PRO A 1 93  ? 14.082  -6.084  -18.364 1.00 34.01 ? 93  PRO A CG  1 
ATOM   713  C  CD  . PRO A 1 93  ? 15.104  -6.679  -17.413 1.00 32.52 ? 93  PRO A CD  1 
ATOM   714  N  N   . ASN A 1 94  ? 12.449  -8.059  -15.748 1.00 29.75 ? 94  ASN A N   1 
ATOM   715  C  CA  . ASN A 1 94  ? 11.458  -9.157  -15.589 1.00 28.25 ? 94  ASN A CA  1 
ATOM   716  C  C   . ASN A 1 94  ? 11.168  -9.303  -14.101 1.00 25.21 ? 94  ASN A C   1 
ATOM   717  O  O   . ASN A 1 94  ? 11.775  -10.159 -13.456 1.00 25.87 ? 94  ASN A O   1 
ATOM   718  C  CB  . ASN A 1 94  ? 11.937  -10.423 -16.285 1.00 29.49 ? 94  ASN A CB  1 
ATOM   719  C  CG  . ASN A 1 94  ? 11.863  -10.214 -17.776 1.00 30.50 ? 94  ASN A CG  1 
ATOM   720  O  OD1 . ASN A 1 94  ? 10.795  -10.378 -18.360 1.00 32.02 ? 94  ASN A OD1 1 
ATOM   721  N  ND2 . ASN A 1 94  ? 12.954  -9.748  -18.362 1.00 30.28 ? 94  ASN A ND2 1 
ATOM   722  N  N   . CYS A 1 95  ? 10.352  -8.379  -13.599 1.00 21.96 ? 95  CYS A N   1 
ATOM   723  C  CA  . CYS A 1 95  ? 9.879   -8.302  -12.202 1.00 19.31 ? 95  CYS A CA  1 
ATOM   724  C  C   . CYS A 1 95  ? 8.824   -9.393  -12.007 1.00 18.03 ? 95  CYS A C   1 
ATOM   725  O  O   . CYS A 1 95  ? 7.893   -9.486  -12.828 1.00 18.17 ? 95  CYS A O   1 
ATOM   726  C  CB  . CYS A 1 95  ? 9.310   -6.919  -11.911 1.00 18.98 ? 95  CYS A CB  1 
ATOM   727  S  SG  . CYS A 1 95  ? 10.487  -5.560  -12.165 1.00 18.47 ? 95  CYS A SG  1 
ATOM   728  N  N   . ALA A 1 96  ? 8.991   -10.205 -10.969 1.00 15.82 ? 96  ALA A N   1 
ATOM   729  C  CA  . ALA A 1 96  ? 8.069   -11.293 -10.588 1.00 14.17 ? 96  ALA A CA  1 
ATOM   730  C  C   . ALA A 1 96  ? 7.711   -11.096 -9.116  1.00 13.44 ? 96  ALA A C   1 
ATOM   731  O  O   . ALA A 1 96  ? 8.635   -10.937 -8.305  1.00 13.79 ? 96  ALA A O   1 
ATOM   732  C  CB  . ALA A 1 96  ? 8.727   -12.628 -10.833 1.00 13.66 ? 96  ALA A CB  1 
ATOM   733  N  N   . TYR A 1 97  ? 6.417   -11.077 -8.796  1.00 12.14 ? 97  TYR A N   1 
ATOM   734  C  CA  . TYR A 1 97  ? 5.904   -10.817 -7.431  1.00 11.27 ? 97  TYR A CA  1 
ATOM   735  C  C   . TYR A 1 97  ? 5.085   -12.012 -6.948  1.00 10.39 ? 97  TYR A C   1 
ATOM   736  O  O   . TYR A 1 97  ? 4.320   -12.582 -7.728  1.00 9.95  ? 97  TYR A O   1 
ATOM   737  C  CB  . TYR A 1 97  ? 5.078   -9.526  -7.417  1.00 11.20 ? 97  TYR A CB  1 
ATOM   738  C  CG  . TYR A 1 97  ? 5.911   -8.294  -7.649  1.00 11.07 ? 97  TYR A CG  1 
ATOM   739  C  CD1 . TYR A 1 97  ? 6.564   -7.683  -6.598  1.00 11.27 ? 97  TYR A CD1 1 
ATOM   740  C  CD2 . TYR A 1 97  ? 6.099   -7.777  -8.919  1.00 11.17 ? 97  TYR A CD2 1 
ATOM   741  C  CE1 . TYR A 1 97  ? 7.351   -6.563  -6.792  1.00 11.46 ? 97  TYR A CE1 1 
ATOM   742  C  CE2 . TYR A 1 97  ? 6.896   -6.663  -9.138  1.00 11.16 ? 97  TYR A CE2 1 
ATOM   743  C  CZ  . TYR A 1 97  ? 7.525   -6.053  -8.066  1.00 11.34 ? 97  TYR A CZ  1 
ATOM   744  O  OH  . TYR A 1 97  ? 8.319   -4.964  -8.255  1.00 10.64 ? 97  TYR A OH  1 
ATOM   745  N  N   . LYS A 1 98  ? 5.202   -12.309 -5.657  1.00 10.06 ? 98  LYS A N   1 
ATOM   746  C  CA  . LYS A 1 98  ? 4.269   -13.175 -4.884  1.00 9.72  ? 98  LYS A CA  1 
ATOM   747  C  C   . LYS A 1 98  ? 3.094   -12.322 -4.388  1.00 9.41  ? 98  LYS A C   1 
ATOM   748  O  O   . LYS A 1 98  ? 3.320   -11.233 -3.831  1.00 9.17  ? 98  LYS A O   1 
ATOM   749  C  CB  . LYS A 1 98  ? 5.019   -13.821 -3.717  1.00 9.56  ? 98  LYS A CB  1 
ATOM   750  C  CG  . LYS A 1 98  ? 4.173   -14.615 -2.733  1.00 9.36  ? 98  LYS A CG  1 
ATOM   751  C  CD  . LYS A 1 98  ? 5.039   -15.281 -1.681  1.00 9.32  ? 98  LYS A CD  1 
ATOM   752  C  CE  . LYS A 1 98  ? 4.297   -15.636 -0.412  1.00 9.38  ? 98  LYS A CE  1 
ATOM   753  N  NZ  . LYS A 1 98  ? 3.217   -16.619 -0.645  1.00 9.58  ? 98  LYS A NZ  1 
ATOM   754  N  N   . THR A 1 99  ? 1.883   -12.824 -4.615  1.00 9.56  ? 99  THR A N   1 
ATOM   755  C  CA  . THR A 1 99  ? 0.588   -12.210 -4.245  1.00 9.40  ? 99  THR A CA  1 
ATOM   756  C  C   . THR A 1 99  ? 0.057   -12.937 -3.011  1.00 9.83  ? 99  THR A C   1 
ATOM   757  O  O   . THR A 1 99  ? -0.331  -14.128 -3.132  1.00 10.53 ? 99  THR A O   1 
ATOM   758  C  CB  . THR A 1 99  ? -0.410  -12.290 -5.407  1.00 9.51  ? 99  THR A CB  1 
ATOM   759  O  OG1 . THR A 1 99  ? 0.098   -11.556 -6.528  1.00 9.65  ? 99  THR A OG1 1 
ATOM   760  C  CG2 . THR A 1 99  ? -1.784  -11.778 -5.030  1.00 9.60  ? 99  THR A CG2 1 
ATOM   761  N  N   . THR A 1 100 ? 0.036   -12.231 -1.882  1.00 9.59  ? 100 THR A N   1 
ATOM   762  C  CA  . THR A 1 100 ? -0.576  -12.658 -0.608  1.00 9.87  ? 100 THR A CA  1 
ATOM   763  C  C   . THR A 1 100 ? -1.706  -11.680 -0.267  1.00 10.22 ? 100 THR A C   1 
ATOM   764  O  O   . THR A 1 100 ? -1.413  -10.525 0.159   1.00 9.96  ? 100 THR A O   1 
ATOM   765  C  CB  . THR A 1 100 ? 0.494   -12.774 0.485   1.00 9.77  ? 100 THR A CB  1 
ATOM   766  O  OG1 . THR A 1 100 ? 1.630   -13.419 -0.104  1.00 9.57  ? 100 THR A OG1 1 
ATOM   767  C  CG2 . THR A 1 100 ? -0.004  -13.514 1.704   1.00 9.67  ? 100 THR A CG2 1 
ATOM   768  N  N   . GLN A 1 101 ? -2.945  -12.137 -0.471  1.00 10.45 ? 101 GLN A N   1 
ATOM   769  C  CA  . GLN A 1 101 ? -4.202  -11.471 -0.040  1.00 11.06 ? 101 GLN A CA  1 
ATOM   770  C  C   . GLN A 1 101 ? -4.393  -11.704 1.454   1.00 10.94 ? 101 GLN A C   1 
ATOM   771  O  O   . GLN A 1 101 ? -4.015  -12.769 1.941   1.00 11.10 ? 101 GLN A O   1 
ATOM   772  C  CB  . GLN A 1 101 ? -5.393  -12.042 -0.814  1.00 11.45 ? 101 GLN A CB  1 
ATOM   773  C  CG  . GLN A 1 101 ? -6.761  -11.568 -0.328  1.00 11.98 ? 101 GLN A CG  1 
ATOM   774  C  CD  . GLN A 1 101 ? -6.969  -10.076 -0.422  1.00 12.69 ? 101 GLN A CD  1 
ATOM   775  O  OE1 . GLN A 1 101 ? -7.603  -9.463  0.443   1.00 13.21 ? 101 GLN A OE1 1 
ATOM   776  N  NE2 . GLN A 1 101 ? -6.444  -9.478  -1.480  1.00 12.41 ? 101 GLN A NE2 1 
ATOM   777  N  N   . ALA A 1 102 ? -4.990  -10.753 2.155   1.00 11.44 ? 102 ALA A N   1 
ATOM   778  C  CA  . ALA A 1 102 ? -5.174  -10.829 3.618   1.00 11.89 ? 102 ALA A CA  1 
ATOM   779  C  C   . ALA A 1 102 ? -6.138  -9.743  4.097   1.00 12.63 ? 102 ALA A C   1 
ATOM   780  O  O   . ALA A 1 102 ? -6.505  -8.827  3.301   1.00 12.38 ? 102 ALA A O   1 
ATOM   781  C  CB  . ALA A 1 102 ? -3.831  -10.707 4.287   1.00 11.80 ? 102 ALA A CB  1 
ATOM   782  N  N   . ASN A 1 103 ? -6.587  -9.900  5.337   1.00 13.67 ? 103 ASN A N   1 
ATOM   783  C  CA  . ASN A 1 103 ? -7.476  -8.947  6.034   1.00 14.95 ? 103 ASN A CA  1 
ATOM   784  C  C   . ASN A 1 103 ? -6.754  -8.541  7.303   1.00 15.14 ? 103 ASN A C   1 
ATOM   785  O  O   . ASN A 1 103 ? -6.560  -9.418  8.142   1.00 15.37 ? 103 ASN A O   1 
ATOM   786  C  CB  . ASN A 1 103 ? -8.857  -9.534  6.281   1.00 16.12 ? 103 ASN A CB  1 
ATOM   787  C  CG  . ASN A 1 103 ? -9.681  -9.407  5.027   1.00 17.36 ? 103 ASN A CG  1 
ATOM   788  O  OD1 . ASN A 1 103 ? -9.575  -10.236 4.130   1.00 19.10 ? 103 ASN A OD1 1 
ATOM   789  N  ND2 . ASN A 1 103 ? -10.441 -8.332  4.924   1.00 18.32 ? 103 ASN A ND2 1 
ATOM   790  N  N   . LYS A 1 104 ? -6.283  -7.300  7.353   1.00 15.68 ? 104 LYS A N   1 
ATOM   791  C  CA  . LYS A 1 104 ? -5.380  -6.791  8.413   1.00 16.64 ? 104 LYS A CA  1 
ATOM   792  C  C   . LYS A 1 104 ? -5.659  -5.316  8.660   1.00 15.15 ? 104 LYS A C   1 
ATOM   793  O  O   . LYS A 1 104 ? -6.170  -4.652  7.751   1.00 15.04 ? 104 LYS A O   1 
ATOM   794  C  CB  . LYS A 1 104 ? -3.915  -6.919  8.012   1.00 18.57 ? 104 LYS A CB  1 
ATOM   795  C  CG  . LYS A 1 104 ? -3.444  -8.351  7.818   1.00 21.71 ? 104 LYS A CG  1 
ATOM   796  C  CD  . LYS A 1 104 ? -2.384  -8.476  6.738   1.00 25.71 ? 104 LYS A CD  1 
ATOM   797  C  CE  . LYS A 1 104 ? -0.968  -8.538  7.272   1.00 29.48 ? 104 LYS A CE  1 
ATOM   798  N  NZ  . LYS A 1 104 ? -0.584  -7.320  8.024   1.00 35.05 ? 104 LYS A NZ  1 
ATOM   799  N  N   . HIS A 1 105 ? -5.299  -4.846  9.846   1.00 13.33 ? 105 HIS A N   1 
ATOM   800  C  CA  . HIS A 1 105 ? -5.227  -3.407  10.171  1.00 12.85 ? 105 HIS A CA  1 
ATOM   801  C  C   . HIS A 1 105 ? -4.091  -2.815  9.335   1.00 13.00 ? 105 HIS A C   1 
ATOM   802  O  O   . HIS A 1 105 ? -3.048  -3.484  9.192   1.00 13.57 ? 105 HIS A O   1 
ATOM   803  C  CB  . HIS A 1 105 ? -4.995  -3.206  11.667  1.00 12.13 ? 105 HIS A CB  1 
ATOM   804  C  CG  . HIS A 1 105 ? -6.006  -3.890  12.524  1.00 11.53 ? 105 HIS A CG  1 
ATOM   805  N  ND1 . HIS A 1 105 ? -7.167  -3.270  12.929  1.00 11.25 ? 105 HIS A ND1 1 
ATOM   806  C  CD2 . HIS A 1 105 ? -6.043  -5.136  13.045  1.00 11.17 ? 105 HIS A CD2 1 
ATOM   807  C  CE1 . HIS A 1 105 ? -7.869  -4.104  13.662  1.00 10.90 ? 105 HIS A CE1 1 
ATOM   808  N  NE2 . HIS A 1 105 ? -7.206  -5.247  13.750  1.00 10.75 ? 105 HIS A NE2 1 
ATOM   809  N  N   . ILE A 1 106 ? -4.284  -1.630  8.777   1.00 12.24 ? 106 ILE A N   1 
ATOM   810  C  CA  . ILE A 1 106 ? -3.191  -0.923  8.057   1.00 12.19 ? 106 ILE A CA  1 
ATOM   811  C  C   . ILE A 1 106 ? -2.624  0.157   8.978   1.00 12.00 ? 106 ILE A C   1 
ATOM   812  O  O   . ILE A 1 106 ? -3.396  0.719   9.791   1.00 12.06 ? 106 ILE A O   1 
ATOM   813  C  CB  . ILE A 1 106 ? -3.709  -0.365  6.719   1.00 12.14 ? 106 ILE A CB  1 
ATOM   814  C  CG1 . ILE A 1 106 ? -4.801  0.687   6.907   1.00 11.82 ? 106 ILE A CG1 1 
ATOM   815  C  CG2 . ILE A 1 106 ? -4.176  -1.509  5.829   1.00 12.25 ? 106 ILE A CG2 1 
ATOM   816  C  CD1 . ILE A 1 106 ? -4.822  1.726   5.823   1.00 12.16 ? 106 ILE A CD1 1 
ATOM   817  N  N   . ILE A 1 107 ? -1.326  0.448   8.843   1.00 11.53 ? 107 ILE A N   1 
ATOM   818  C  CA  . ILE A 1 107 ? -0.669  1.597   9.522   1.00 11.30 ? 107 ILE A CA  1 
ATOM   819  C  C   . ILE A 1 107 ? -0.107  2.530   8.452   1.00 11.20 ? 107 ILE A C   1 
ATOM   820  O  O   . ILE A 1 107 ? 0.747   2.101   7.679   1.00 11.85 ? 107 ILE A O   1 
ATOM   821  C  CB  . ILE A 1 107 ? 0.399   1.121   10.512  1.00 11.10 ? 107 ILE A CB  1 
ATOM   822  C  CG1 . ILE A 1 107 ? -0.220  0.182   11.546  1.00 11.54 ? 107 ILE A CG1 1 
ATOM   823  C  CG2 . ILE A 1 107 ? 1.085   2.313   11.162  1.00 11.14 ? 107 ILE A CG2 1 
ATOM   824  C  CD1 . ILE A 1 107 ? 0.748   -0.782  12.174  1.00 12.01 ? 107 ILE A CD1 1 
ATOM   825  N  N   . VAL A 1 108 ? -0.592  3.766   8.426   1.00 10.97 ? 108 VAL A N   1 
ATOM   826  C  CA  . VAL A 1 108 ? -0.153  4.807   7.458   1.00 10.83 ? 108 VAL A CA  1 
ATOM   827  C  C   . VAL A 1 108 ? 0.376   5.994   8.253   1.00 10.77 ? 108 VAL A C   1 
ATOM   828  O  O   . VAL A 1 108 ? -0.143  6.268   9.359   1.00 10.75 ? 108 VAL A O   1 
ATOM   829  C  CB  . VAL A 1 108 ? -1.286  5.219   6.497   1.00 10.47 ? 108 VAL A CB  1 
ATOM   830  C  CG1 . VAL A 1 108 ? -1.681  4.072   5.588   1.00 10.23 ? 108 VAL A CG1 1 
ATOM   831  C  CG2 . VAL A 1 108 ? -2.502  5.757   7.249   1.00 10.67 ? 108 VAL A CG2 1 
ATOM   832  N  N   . ALA A 1 109 ? 1.398   6.643   7.706   1.00 11.23 ? 109 ALA A N   1 
ATOM   833  C  CA  . ALA A 1 109 ? 1.868   7.975   8.133   1.00 11.32 ? 109 ALA A CA  1 
ATOM   834  C  C   . ALA A 1 109 ? 1.022   9.009   7.398   1.00 11.35 ? 109 ALA A C   1 
ATOM   835  O  O   . ALA A 1 109 ? 0.837   8.872   6.175   1.00 11.33 ? 109 ALA A O   1 
ATOM   836  C  CB  . ALA A 1 109 ? 3.337   8.131   7.851   1.00 11.44 ? 109 ALA A CB  1 
ATOM   837  N  N   . CYS A 1 110 ? 0.495   9.980   8.126   1.00 11.84 ? 110 CYS A N   1 
ATOM   838  C  CA  . CYS A 1 110 ? -0.373  11.048  7.577   1.00 12.86 ? 110 CYS A CA  1 
ATOM   839  C  C   . CYS A 1 110 ? 0.331   12.388  7.673   1.00 14.64 ? 110 CYS A C   1 
ATOM   840  O  O   . CYS A 1 110 ? 1.077   12.599  8.657   1.00 14.26 ? 110 CYS A O   1 
ATOM   841  C  CB  . CYS A 1 110 ? -1.698  11.106  8.310   1.00 12.19 ? 110 CYS A CB  1 
ATOM   842  S  SG  . CYS A 1 110 ? -2.545  9.517   8.176   1.00 11.18 ? 110 CYS A SG  1 
ATOM   843  N  N   . GLU A 1 111 ? 0.073   13.243  6.686   1.00 16.90 ? 111 GLU A N   1 
ATOM   844  C  CA  . GLU A 1 111 ? 0.725   14.560  6.579   1.00 19.49 ? 111 GLU A CA  1 
ATOM   845  C  C   . GLU A 1 111 ? -0.179  15.524  5.829   1.00 19.46 ? 111 GLU A C   1 
ATOM   846  O  O   . GLU A 1 111 ? -0.954  15.072  4.962   1.00 19.13 ? 111 GLU A O   1 
ATOM   847  C  CB  . GLU A 1 111 ? 2.037   14.425  5.824   1.00 21.89 ? 111 GLU A CB  1 
ATOM   848  C  CG  . GLU A 1 111 ? 3.217   14.898  6.630   1.00 25.16 ? 111 GLU A CG  1 
ATOM   849  C  CD  . GLU A 1 111 ? 4.490   14.978  5.820   1.00 27.93 ? 111 GLU A CD  1 
ATOM   850  O  OE1 . GLU A 1 111 ? 4.713   16.068  5.260   1.00 31.31 ? 111 GLU A OE1 1 
ATOM   851  O  OE2 . GLU A 1 111 ? 5.239   13.966  5.747   1.00 28.98 ? 111 GLU A OE2 1 
ATOM   852  N  N   . GLY A 1 112 ? -0.056  16.804  6.176   1.00 19.49 ? 112 GLY A N   1 
ATOM   853  C  CA  . GLY A 1 112 ? -0.517  17.928  5.351   1.00 18.92 ? 112 GLY A CA  1 
ATOM   854  C  C   . GLY A 1 112 ? -1.887  18.407  5.768   1.00 18.48 ? 112 GLY A C   1 
ATOM   855  O  O   . GLY A 1 112 ? -2.392  17.999  6.818   1.00 16.18 ? 112 GLY A O   1 
ATOM   856  N  N   . ASN A 1 113 ? -2.422  19.276  4.926   1.00 19.84 ? 113 ASN A N   1 
ATOM   857  C  CA  . ASN A 1 113 ? -3.767  19.849  5.133   1.00 21.30 ? 113 ASN A CA  1 
ATOM   858  C  C   . ASN A 1 113 ? -4.392  19.867  3.739   1.00 20.33 ? 113 ASN A C   1 
ATOM   859  O  O   . ASN A 1 113 ? -3.995  20.760  2.955   1.00 21.06 ? 113 ASN A O   1 
ATOM   860  C  CB  . ASN A 1 113 ? -3.697  21.242  5.749   1.00 22.41 ? 113 ASN A CB  1 
ATOM   861  C  CG  . ASN A 1 113 ? -5.048  21.887  5.965   1.00 25.02 ? 113 ASN A CG  1 
ATOM   862  O  OD1 . ASN A 1 113 ? -6.098  21.269  5.753   1.00 29.72 ? 113 ASN A OD1 1 
ATOM   863  N  ND2 . ASN A 1 113 ? -5.041  23.138  6.397   1.00 25.03 ? 113 ASN A ND2 1 
ATOM   864  N  N   . PRO A 1 114 ? -5.311  18.935  3.404   1.00 18.70 ? 114 PRO A N   1 
ATOM   865  C  CA  . PRO A 1 114 ? -5.846  17.983  4.379   1.00 17.12 ? 114 PRO A CA  1 
ATOM   866  C  C   . PRO A 1 114 ? -4.820  16.950  4.869   1.00 15.81 ? 114 PRO A C   1 
ATOM   867  O  O   . PRO A 1 114 ? -3.860  16.638  4.166   1.00 15.77 ? 114 PRO A O   1 
ATOM   868  C  CB  . PRO A 1 114 ? -6.939  17.250  3.594   1.00 17.33 ? 114 PRO A CB  1 
ATOM   869  C  CG  . PRO A 1 114 ? -6.406  17.291  2.175   1.00 17.93 ? 114 PRO A CG  1 
ATOM   870  C  CD  . PRO A 1 114 ? -5.840  18.692  2.051   1.00 18.15 ? 114 PRO A CD  1 
ATOM   871  N  N   . TYR A 1 115 ? -5.058  16.441  6.070   1.00 13.30 ? 115 TYR A N   1 
ATOM   872  C  CA  . TYR A 1 115 ? -4.178  15.468  6.756   1.00 12.29 ? 115 TYR A CA  1 
ATOM   873  C  C   . TYR A 1 115 ? -4.480  14.060  6.240   1.00 11.65 ? 115 TYR A C   1 
ATOM   874  O  O   . TYR A 1 115 ? -5.437  13.427  6.688   1.00 11.13 ? 115 TYR A O   1 
ATOM   875  C  CB  . TYR A 1 115 ? -4.416  15.597  8.246   1.00 11.54 ? 115 TYR A CB  1 
ATOM   876  C  CG  . TYR A 1 115 ? -3.389  14.926  9.103   1.00 11.15 ? 115 TYR A CG  1 
ATOM   877  C  CD1 . TYR A 1 115 ? -2.095  15.423  9.202   1.00 10.80 ? 115 TYR A CD1 1 
ATOM   878  C  CD2 . TYR A 1 115 ? -3.754  13.844  9.881   1.00 10.72 ? 115 TYR A CD2 1 
ATOM   879  C  CE1 . TYR A 1 115 ? -1.171  14.831  10.050  1.00 10.64 ? 115 TYR A CE1 1 
ATOM   880  C  CE2 . TYR A 1 115 ? -2.847  13.253  10.740  1.00 10.90 ? 115 TYR A CE2 1 
ATOM   881  C  CZ  . TYR A 1 115 ? -1.560  13.754  10.826  1.00 10.78 ? 115 TYR A CZ  1 
ATOM   882  O  OH  . TYR A 1 115 ? -0.706  13.131  11.680  1.00 11.46 ? 115 TYR A OH  1 
ATOM   883  N  N   . VAL A 1 116 ? -3.664  13.588  5.304   1.00 11.66 ? 116 VAL A N   1 
ATOM   884  C  CA  . VAL A 1 116 ? -3.981  12.403  4.452   1.00 11.33 ? 116 VAL A CA  1 
ATOM   885  C  C   . VAL A 1 116 ? -2.782  11.464  4.454   1.00 10.82 ? 116 VAL A C   1 
ATOM   886  O  O   . VAL A 1 116 ? -1.675  11.894  4.757   1.00 10.66 ? 116 VAL A O   1 
ATOM   887  C  CB  . VAL A 1 116 ? -4.322  12.839  3.024   1.00 11.31 ? 116 VAL A CB  1 
ATOM   888  C  CG1 . VAL A 1 116 ? -5.624  13.624  2.974   1.00 11.61 ? 116 VAL A CG1 1 
ATOM   889  C  CG2 . VAL A 1 116 ? -3.173  13.624  2.417   1.00 11.34 ? 116 VAL A CG2 1 
ATOM   890  N  N   . PRO A 1 117 ? -2.978  10.172  4.112   1.00 10.63 ? 117 PRO A N   1 
ATOM   891  C  CA  . PRO A 1 117 ? -1.881  9.208   4.109   1.00 10.99 ? 117 PRO A CA  1 
ATOM   892  C  C   . PRO A 1 117 ? -0.787  9.598   3.094   1.00 11.58 ? 117 PRO A C   1 
ATOM   893  O  O   . PRO A 1 117 ? -1.109  10.010  1.988   1.00 10.66 ? 117 PRO A O   1 
ATOM   894  C  CB  . PRO A 1 117 ? -2.552  7.870   3.745   1.00 10.81 ? 117 PRO A CB  1 
ATOM   895  C  CG  . PRO A 1 117 ? -4.042  8.090   3.942   1.00 10.46 ? 117 PRO A CG  1 
ATOM   896  C  CD  . PRO A 1 117 ? -4.271  9.565   3.741   1.00 10.50 ? 117 PRO A CD  1 
ATOM   897  N  N   . VAL A 1 118 ? 0.484   9.480   3.499   1.00 12.52 ? 118 VAL A N   1 
ATOM   898  C  CA  . VAL A 1 118 ? 1.643   9.767   2.603   1.00 13.78 ? 118 VAL A CA  1 
ATOM   899  C  C   . VAL A 1 118 ? 2.629   8.595   2.598   1.00 14.79 ? 118 VAL A C   1 
ATOM   900  O  O   . VAL A 1 118 ? 3.428   8.559   1.657   1.00 15.46 ? 118 VAL A O   1 
ATOM   901  C  CB  . VAL A 1 118 ? 2.357   11.079  2.966   1.00 14.06 ? 118 VAL A CB  1 
ATOM   902  C  CG1 . VAL A 1 118 ? 1.451   12.278  2.724   1.00 13.91 ? 118 VAL A CG1 1 
ATOM   903  C  CG2 . VAL A 1 118 ? 2.896   11.053  4.396   1.00 14.00 ? 118 VAL A CG2 1 
ATOM   904  N  N   . HIS A 1 119 ? 2.466   7.696   3.548   1.00 15.44 ? 119 HIS A N   1 
ATOM   905  C  CA  . HIS A 1 119 ? 3.275   6.470   3.544   1.00 16.59 ? 119 HIS A CA  1 
ATOM   906  C  C   . HIS A 1 119 ? 2.521   5.274   4.123   1.00 14.98 ? 119 HIS A C   1 
ATOM   907  O  O   . HIS A 1 119 ? 1.764   5.437   5.072   1.00 13.41 ? 119 HIS A O   1 
ATOM   908  C  CB  . HIS A 1 119 ? 4.530   6.639   4.402   1.00 20.75 ? 119 HIS A CB  1 
ATOM   909  C  CG  . HIS A 1 119 ? 5.517   7.663   3.979   1.00 24.95 ? 119 HIS A CG  1 
ATOM   910  N  ND1 . HIS A 1 119 ? 5.894   8.684   4.821   1.00 27.23 ? 119 HIS A ND1 1 
ATOM   911  C  CD2 . HIS A 1 119 ? 6.211   7.832   2.854   1.00 27.65 ? 119 HIS A CD2 1 
ATOM   912  C  CE1 . HIS A 1 119 ? 6.782   9.443   4.210   1.00 28.50 ? 119 HIS A CE1 1 
ATOM   913  N  NE2 . HIS A 1 119 ? 6.982   8.950   3.009   1.00 28.88 ? 119 HIS A NE2 1 
ATOM   914  N  N   . PHE A 1 120 ? 2.660   4.123   3.484   1.00 13.26 ? 120 PHE A N   1 
ATOM   915  C  CA  . PHE A 1 120 ? 2.213   2.840   4.066   1.00 12.76 ? 120 PHE A CA  1 
ATOM   916  C  C   . PHE A 1 120 ? 3.353   2.338   4.948   1.00 13.48 ? 120 PHE A C   1 
ATOM   917  O  O   . PHE A 1 120 ? 4.434   2.061   4.410   1.00 14.17 ? 120 PHE A O   1 
ATOM   918  C  CB  . PHE A 1 120 ? 1.848   1.837   2.970   1.00 12.20 ? 120 PHE A CB  1 
ATOM   919  C  CG  . PHE A 1 120 ? 1.066   0.647   3.464   1.00 11.53 ? 120 PHE A CG  1 
ATOM   920  C  CD1 . PHE A 1 120 ? -0.309  0.603   3.328   1.00 10.94 ? 120 PHE A CD1 1 
ATOM   921  C  CD2 . PHE A 1 120 ? 1.710   -0.414  4.084   1.00 11.41 ? 120 PHE A CD2 1 
ATOM   922  C  CE1 . PHE A 1 120 ? -1.026  -0.473  3.813   1.00 11.07 ? 120 PHE A CE1 1 
ATOM   923  C  CE2 . PHE A 1 120 ? 0.991   -1.512  4.538   1.00 11.28 ? 120 PHE A CE2 1 
ATOM   924  C  CZ  . PHE A 1 120 ? -0.374  -1.541  4.391   1.00 11.03 ? 120 PHE A CZ  1 
ATOM   925  N  N   . ASP A 1 121 ? 3.147   2.274   6.266   1.00 14.25 ? 121 ASP A N   1 
ATOM   926  C  CA  . ASP A 1 121 ? 4.203   1.864   7.233   1.00 14.17 ? 121 ASP A CA  1 
ATOM   927  C  C   . ASP A 1 121 ? 4.195   0.338   7.354   1.00 13.90 ? 121 ASP A C   1 
ATOM   928  O  O   . ASP A 1 121 ? 5.269   -0.265  7.293   1.00 14.62 ? 121 ASP A O   1 
ATOM   929  C  CB  . ASP A 1 121 ? 4.036   2.537   8.594   1.00 14.60 ? 121 ASP A CB  1 
ATOM   930  C  CG  . ASP A 1 121 ? 5.320   2.514   9.399   1.00 15.76 ? 121 ASP A CG  1 
ATOM   931  O  OD1 . ASP A 1 121 ? 6.291   3.122   8.931   1.00 16.28 ? 121 ASP A OD1 1 
ATOM   932  O  OD2 . ASP A 1 121 ? 5.353   1.854   10.466  1.00 16.82 ? 121 ASP A OD2 1 
ATOM   933  N  N   . ALA A 1 122 ? 3.026   -0.270  7.504   1.00 13.25 ? 122 ALA A N   1 
ATOM   934  C  CA  . ALA A 1 122 ? 2.881   -1.713  7.780   1.00 13.05 ? 122 ALA A CA  1 
ATOM   935  C  C   . ALA A 1 122 ? 1.394   -2.082  7.806   1.00 13.19 ? 122 ALA A C   1 
ATOM   936  O  O   . ALA A 1 122 ? 0.547   -1.193  7.751   1.00 12.27 ? 122 ALA A O   1 
ATOM   937  C  CB  . ALA A 1 122 ? 3.566   -2.042  9.095   1.00 12.89 ? 122 ALA A CB  1 
ATOM   938  N  N   . SER A 1 123 ? 1.098   -3.371  7.837   1.00 13.88 ? 123 SER A N   1 
ATOM   939  C  CA  . SER A 1 123 ? -0.214  -3.875  8.274   1.00 15.03 ? 123 SER A CA  1 
ATOM   940  C  C   . SER A 1 123 ? 0.030   -4.819  9.449   1.00 14.77 ? 123 SER A C   1 
ATOM   941  O  O   . SER A 1 123 ? 1.090   -5.376  9.530   1.00 13.30 ? 123 SER A O   1 
ATOM   942  C  CB  . SER A 1 123 ? -0.973  -4.510  7.139   1.00 16.19 ? 123 SER A CB  1 
ATOM   943  O  OG  . SER A 1 123 ? -0.239  -5.583  6.571   1.00 17.44 ? 123 SER A OG  1 
ATOM   944  N  N   . VAL A 1 124 ? -0.929  -4.914  10.357  1.00 15.83 ? 124 VAL A N   1 
ATOM   945  C  CA  . VAL A 1 124 ? -0.919  -5.871  11.493  1.00 16.93 ? 124 VAL A CA  1 
ATOM   946  C  C   . VAL A 1 124 ? -2.236  -6.639  11.406  1.00 17.20 ? 124 VAL A C   1 
ATOM   947  O  O   . VAL A 1 124 ? -2.224  -7.774  10.954  1.00 18.04 ? 124 VAL A O   1 
ATOM   948  C  CB  . VAL A 1 124 ? -0.696  -5.130  12.822  1.00 17.75 ? 124 VAL A CB  1 
ATOM   949  C  CG1 . VAL A 1 124 ? 0.621   -4.380  12.787  1.00 18.28 ? 124 VAL A CG1 1 
ATOM   950  C  CG2 . VAL A 1 124 ? -1.802  -4.152  13.147  1.00 18.59 ? 124 VAL A CG2 1 
ATOM   951  O  OXT . VAL A 1 124 ? -3.311  -6.157  11.698  1.00 16.42 ? 124 VAL A OXT 1 
HETATM 952  C  C   . CYN B 2 .   ? 7.358   3.431   3.942   1.00 15.95 ? 201 CYN A C   1 
HETATM 953  N  N   . CYN B 2 .   ? 6.988   4.628   4.415   1.00 15.47 ? 201 CYN A N   1 
HETATM 954  C  C1  . GOL C 3 .   ? -4.262  1.550   -13.558 1.00 29.21 ? 202 GOL A C1  1 
HETATM 955  O  O1  . GOL C 3 .   ? -3.072  2.192   -14.007 1.00 25.81 ? 202 GOL A O1  1 
HETATM 956  C  C2  . GOL C 3 .   ? -3.995  0.159   -12.999 1.00 30.57 ? 202 GOL A C2  1 
HETATM 957  O  O2  . GOL C 3 .   ? -3.200  0.264   -11.824 1.00 29.05 ? 202 GOL A O2  1 
HETATM 958  C  C3  . GOL C 3 .   ? -5.243  -0.655  -12.684 1.00 31.15 ? 202 GOL A C3  1 
HETATM 959  O  O3  . GOL C 3 .   ? -5.916  -0.167  -11.527 1.00 29.65 ? 202 GOL A O3  1 
HETATM 960  CL CL  . CL  D 4 .   ? 2.847   6.991   -12.750 1.00 22.00 ? 203 CL  A CL  1 
HETATM 961  CL CL  . CL  E 4 .   ? 4.184   -1.166  1.069   1.00 10.17 ? 204 CL  A CL  1 
HETATM 962  CL CL  . CL  F 4 .   ? -2.703  15.517  -4.324  1.00 14.85 ? 205 CL  A CL  1 
HETATM 963  S  S   . SO4 G 5 .   ? 3.366   17.641  -0.960  1.00 44.05 ? 206 SO4 A S   1 
HETATM 964  O  O1  . SO4 G 5 .   ? 3.607   18.784  -1.821  1.00 45.52 ? 206 SO4 A O1  1 
HETATM 965  O  O2  . SO4 G 5 .   ? 1.984   17.640  -0.562  1.00 47.32 ? 206 SO4 A O2  1 
HETATM 966  O  O3  . SO4 G 5 .   ? 3.671   16.421  -1.655  1.00 41.64 ? 206 SO4 A O3  1 
HETATM 967  O  O4  . SO4 G 5 .   ? 4.191   17.727  0.216   1.00 49.40 ? 206 SO4 A O4  1 
HETATM 968  O  O   . HOH H 6 .   ? -2.034  6.659   20.465  1.00 18.86 ? 301 HOH A O   1 
HETATM 969  O  O   . HOH H 6 .   ? 5.690   4.624   6.251   1.00 20.64 ? 302 HOH A O   1 
HETATM 970  O  O   . HOH H 6 .   ? -4.925  22.889  2.651   1.00 35.06 ? 303 HOH A O   1 
HETATM 971  O  O   . HOH H 6 .   ? 5.137   -7.130  3.170   1.00 37.12 ? 304 HOH A O   1 
HETATM 972  O  O   . HOH H 6 .   ? -8.585  -11.435 2.336   1.00 13.98 ? 305 HOH A O   1 
HETATM 973  O  O   . HOH H 6 .   ? -11.516 -6.843  6.433   1.00 18.41 ? 306 HOH A O   1 
HETATM 974  O  O   . HOH H 6 .   ? 3.802   9.299   -0.875  1.00 14.31 ? 307 HOH A O   1 
HETATM 975  O  O   . HOH H 6 .   ? -10.916 8.169   16.234  1.00 8.46  ? 308 HOH A O   1 
HETATM 976  O  O   . HOH H 6 .   ? 2.246   16.886  -9.237  1.00 14.75 ? 309 HOH A O   1 
HETATM 977  O  O   . HOH H 6 .   ? -7.092  9.867   16.199  1.00 13.06 ? 310 HOH A O   1 
HETATM 978  O  O   . HOH H 6 .   ? -16.152 4.501   1.863   1.00 17.55 ? 311 HOH A O   1 
HETATM 979  O  O   . HOH H 6 .   ? 4.888   15.303  -11.362 1.00 30.00 ? 312 HOH A O   1 
HETATM 980  O  O   . HOH H 6 .   ? -12.607 -5.192  4.357   1.00 17.22 ? 313 HOH A O   1 
HETATM 981  O  O   . HOH H 6 .   ? -10.064 -3.812  -11.353 1.00 20.70 ? 314 HOH A O   1 
HETATM 982  O  O   . HOH H 6 .   ? -11.466 3.809   7.884   1.00 11.53 ? 315 HOH A O   1 
HETATM 983  O  O   . HOH H 6 .   ? 6.498   9.075   9.010   1.00 25.89 ? 316 HOH A O   1 
HETATM 984  O  O   . HOH H 6 .   ? -4.303  12.961  -5.626  1.00 10.90 ? 317 HOH A O   1 
HETATM 985  O  O   . HOH H 6 .   ? 0.516   15.577  -0.618  1.00 9.25  ? 318 HOH A O   1 
HETATM 986  O  O   . HOH H 6 .   ? -2.597  17.095  2.014   1.00 18.06 ? 319 HOH A O   1 
HETATM 987  O  O   . HOH H 6 .   ? 8.470   4.262   9.645   1.00 20.94 ? 320 HOH A O   1 
HETATM 988  O  O   . HOH H 6 .   ? -12.062 10.762  -0.409  1.00 26.51 ? 321 HOH A O   1 
HETATM 989  O  O   . HOH H 6 .   ? -14.545 -2.222  4.472   1.00 30.00 ? 322 HOH A O   1 
HETATM 990  O  O   . HOH H 6 .   ? -12.538 9.806   5.088   1.00 10.42 ? 323 HOH A O   1 
HETATM 991  O  O   . HOH H 6 .   ? -7.412  -4.138  -9.467  1.00 25.04 ? 324 HOH A O   1 
HETATM 992  O  O   . HOH H 6 .   ? -12.682 0.114   5.575   1.00 4.14  ? 325 HOH A O   1 
HETATM 993  O  O   . HOH H 6 .   ? 6.295   10.236  -8.851  1.00 27.88 ? 326 HOH A O   1 
HETATM 994  O  O   . HOH H 6 .   ? 3.183   -11.519 -1.164  1.00 11.85 ? 327 HOH A O   1 
HETATM 995  O  O   . HOH H 6 .   ? -5.350  10.907  -0.413  1.00 2.70  ? 328 HOH A O   1 
HETATM 996  O  O   . HOH H 6 .   ? 15.096  -4.019  -9.755  1.00 21.56 ? 329 HOH A O   1 
HETATM 997  O  O   . HOH H 6 .   ? -5.794  13.023  13.073  1.00 18.01 ? 330 HOH A O   1 
HETATM 998  O  O   . HOH H 6 .   ? -0.350  15.578  2.386   1.00 10.20 ? 331 HOH A O   1 
HETATM 999  O  O   . HOH H 6 .   ? -0.632  20.363  3.224   1.00 10.72 ? 332 HOH A O   1 
HETATM 1000 O  O   . HOH H 6 .   ? 2.062   -11.697 -8.912  1.00 3.97  ? 333 HOH A O   1 
HETATM 1001 O  O   . HOH H 6 .   ? -7.035  11.716  5.335   1.00 16.95 ? 334 HOH A O   1 
HETATM 1002 O  O   . HOH H 6 .   ? 1.585   -6.564  2.653   1.00 29.10 ? 335 HOH A O   1 
HETATM 1003 O  O   . HOH H 6 .   ? -9.361  -2.446  16.848  1.00 15.63 ? 336 HOH A O   1 
HETATM 1004 O  O   . HOH H 6 .   ? 5.843   -0.392  -14.256 1.00 12.14 ? 337 HOH A O   1 
HETATM 1005 O  O   . HOH H 6 .   ? 16.932  -13.368 -9.556  1.00 29.43 ? 338 HOH A O   1 
HETATM 1006 O  O   . HOH H 6 .   ? -10.571 -9.591  -7.883  1.00 29.64 ? 339 HOH A O   1 
HETATM 1007 O  O   . HOH H 6 .   ? 1.615   4.981   -11.945 1.00 30.00 ? 340 HOH A O   1 
HETATM 1008 O  O   . HOH H 6 .   ? -3.751  -3.527  -13.376 1.00 20.15 ? 341 HOH A O   1 
HETATM 1009 O  O   . HOH H 6 .   ? 1.177   -16.339 -2.481  1.00 4.41  ? 342 HOH A O   1 
HETATM 1010 O  O   . HOH H 6 .   ? -14.028 0.700   1.897   1.00 6.45  ? 343 HOH A O   1 
HETATM 1011 O  O   . HOH H 6 .   ? -10.619 1.243   10.328  1.00 6.31  ? 344 HOH A O   1 
HETATM 1012 O  O   . HOH H 6 .   ? -8.265  2.419   -6.512  1.00 18.71 ? 345 HOH A O   1 
HETATM 1013 O  O   . HOH H 6 .   ? 2.019   -15.371 -11.060 1.00 25.77 ? 346 HOH A O   1 
HETATM 1014 O  O   . HOH H 6 .   ? -2.949  -14.473 3.869   1.00 20.19 ? 347 HOH A O   1 
HETATM 1015 O  O   . HOH H 6 .   ? 10.696  0.436   15.378  1.00 17.57 ? 348 HOH A O   1 
HETATM 1016 O  O   . HOH H 6 .   ? -4.041  -14.695 -14.247 1.00 30.00 ? 349 HOH A O   1 
HETATM 1017 O  O   . HOH H 6 .   ? 3.529   6.095   -0.910  1.00 8.78  ? 350 HOH A O   1 
HETATM 1018 O  O   . HOH H 6 .   ? -5.771  -11.149 -10.889 1.00 22.11 ? 351 HOH A O   1 
HETATM 1019 O  O   . HOH H 6 .   ? -6.076  -2.849  16.116  1.00 1.06  ? 352 HOH A O   1 
HETATM 1020 O  O   . HOH H 6 .   ? -12.750 -2.309  -3.054  1.00 33.36 ? 353 HOH A O   1 
HETATM 1021 O  O   . HOH H 6 .   ? -4.969  6.312   22.345  1.00 5.41  ? 354 HOH A O   1 
HETATM 1022 O  O   . HOH H 6 .   ? -0.302  2.345   -16.467 1.00 27.82 ? 355 HOH A O   1 
HETATM 1023 O  O   . HOH H 6 .   ? 7.107   12.524  -5.326  1.00 33.52 ? 356 HOH A O   1 
HETATM 1024 O  O   . HOH H 6 .   ? -3.047  10.077  -0.140  1.00 8.65  ? 357 HOH A O   1 
HETATM 1025 O  O   . HOH H 6 .   ? 0.587   14.771  -7.698  1.00 10.16 ? 358 HOH A O   1 
HETATM 1026 O  O   . HOH H 6 .   ? -9.891  11.650  8.907   1.00 11.96 ? 359 HOH A O   1 
HETATM 1027 O  O   . HOH H 6 .   ? 1.883   9.676   -11.167 1.00 11.36 ? 360 HOH A O   1 
HETATM 1028 O  O   . HOH H 6 .   ? 7.399   12.578  -8.962  1.00 19.98 ? 361 HOH A O   1 
HETATM 1029 O  O   . HOH H 6 .   ? -13.653 6.978   -1.493  1.00 4.27  ? 362 HOH A O   1 
HETATM 1030 O  O   . HOH H 6 .   ? -3.170  10.183  -7.686  1.00 13.35 ? 363 HOH A O   1 
HETATM 1031 O  O   . HOH H 6 .   ? 11.383  0.595   -2.263  1.00 22.85 ? 364 HOH A O   1 
HETATM 1032 O  O   . HOH H 6 .   ? 1.477   -15.168 -6.331  1.00 2.40  ? 365 HOH A O   1 
HETATM 1033 O  O   . HOH H 6 .   ? -4.794  7.718   19.305  1.00 6.32  ? 366 HOH A O   1 
HETATM 1034 O  O   . HOH H 6 .   ? 4.538   4.370   1.086   1.00 8.83  ? 367 HOH A O   1 
HETATM 1035 O  O   . HOH H 6 .   ? 5.668   11.025  6.999   1.00 15.51 ? 368 HOH A O   1 
HETATM 1036 O  O   . HOH H 6 .   ? 13.210  3.232   14.978  1.00 29.95 ? 369 HOH A O   1 
HETATM 1037 O  O   . HOH H 6 .   ? 15.068  -8.010  -4.804  1.00 29.78 ? 370 HOH A O   1 
HETATM 1038 O  O   . HOH H 6 .   ? -7.696  17.179  7.330   1.00 19.52 ? 371 HOH A O   1 
HETATM 1039 O  O   . HOH H 6 .   ? 6.493   11.898  2.517   1.00 19.86 ? 372 HOH A O   1 
HETATM 1040 O  O   . HOH H 6 .   ? -10.870 -11.621 -11.717 1.00 36.45 ? 373 HOH A O   1 
HETATM 1041 O  O   . HOH H 6 .   ? -2.515  4.078   21.097  1.00 30.00 ? 374 HOH A O   1 
HETATM 1042 O  O   . HOH H 6 .   ? 2.391   17.089  2.641   1.00 30.00 ? 375 HOH A O   1 
HETATM 1043 O  O   . HOH H 6 .   ? 7.127   4.887   -7.496  1.00 17.96 ? 376 HOH A O   1 
HETATM 1044 O  O   . HOH H 6 .   ? 1.233   15.484  12.369  1.00 30.00 ? 377 HOH A O   1 
HETATM 1045 O  O   . HOH H 6 .   ? -3.947  6.061   20.482  1.00 30.00 ? 378 HOH A O   1 
HETATM 1046 O  O   . HOH H 6 .   ? 7.559   12.503  14.188  1.00 21.38 ? 379 HOH A O   1 
HETATM 1047 O  O   . HOH H 6 .   ? -6.167  0.348   15.772  1.00 21.08 ? 380 HOH A O   1 
HETATM 1048 O  O   . HOH H 6 .   ? 1.416   17.377  8.898   1.00 4.99  ? 381 HOH A O   1 
HETATM 1049 O  O   . HOH H 6 .   ? -4.480  -5.888  -12.467 1.00 26.94 ? 382 HOH A O   1 
HETATM 1050 O  O   . HOH H 6 .   ? -12.904 4.881   -3.508  1.00 11.36 ? 383 HOH A O   1 
HETATM 1051 O  O   . HOH H 6 .   ? -3.612  1.276   22.717  1.00 14.85 ? 384 HOH A O   1 
HETATM 1052 O  O   . HOH H 6 .   ? 5.631   2.716   1.507   1.00 49.71 ? 385 HOH A O   1 
HETATM 1053 O  O   . HOH H 6 .   ? 3.799   -5.056  7.126   1.00 21.83 ? 386 HOH A O   1 
HETATM 1054 O  O   . HOH H 6 .   ? -6.952  -13.065 6.041   1.00 25.92 ? 387 HOH A O   1 
HETATM 1055 O  O   . HOH H 6 .   ? -10.641 11.343  6.266   1.00 15.40 ? 388 HOH A O   1 
HETATM 1056 O  O   . HOH H 6 .   ? -3.201  15.026  13.499  1.00 34.86 ? 389 HOH A O   1 
HETATM 1057 O  O   . HOH H 6 .   ? -4.596  -11.789 9.522   0.50 30.00 ? 390 HOH A O   1 
HETATM 1058 O  O   . HOH H 6 .   ? 6.691   -4.235  4.870   1.00 18.58 ? 391 HOH A O   1 
HETATM 1059 O  O   . HOH H 6 .   ? 2.881   19.503  -7.449  1.00 32.83 ? 392 HOH A O   1 
HETATM 1060 O  O   . HOH H 6 .   ? -0.287  -9.429  3.261   1.00 30.00 ? 393 HOH A O   1 
HETATM 1061 O  O   . HOH H 6 .   ? -14.307 -7.584  -7.169  1.00 30.00 ? 394 HOH A O   1 
HETATM 1062 O  O   . HOH H 6 .   ? -13.136 -6.297  -10.519 1.00 30.00 ? 395 HOH A O   1 
HETATM 1063 O  O   . HOH H 6 .   ? -15.022 -10.753 -6.233  1.00 43.94 ? 396 HOH A O   1 
HETATM 1064 O  O   . HOH H 6 .   ? -7.188  -4.568  17.606  1.00 16.91 ? 397 HOH A O   1 
HETATM 1065 O  O   . HOH H 6 .   ? -14.528 3.082   -3.704  1.00 4.48  ? 398 HOH A O   1 
HETATM 1066 O  O   . HOH H 6 .   ? -3.812  16.182  -0.190  1.00 15.20 ? 399 HOH A O   1 
HETATM 1067 O  O   . HOH H 6 .   ? 21.793  -7.394  -9.871  1.00 28.87 ? 400 HOH A O   1 
HETATM 1068 O  O   . HOH H 6 .   ? -7.436  15.651  11.225  1.00 30.00 ? 401 HOH A O   1 
HETATM 1069 O  O   . HOH H 6 .   ? 20.241  -4.722  -8.344  1.00 36.80 ? 402 HOH A O   1 
# 
